data_1X91
# 
_entry.id   1X91 
# 
_audit_conform.dict_name       mmcif_pdbx.dic 
_audit_conform.dict_version    5.399 
_audit_conform.dict_location   http://mmcif.pdb.org/dictionaries/ascii/mmcif_pdbx.dic 
# 
loop_
_database_2.database_id 
_database_2.database_code 
_database_2.pdbx_database_accession 
_database_2.pdbx_DOI 
PDB   1X91         pdb_00001x91 10.2210/pdb1x91/pdb 
RCSB  RCSB030091   ?            ?                   
WWPDB D_1000030091 ?            ?                   
# 
loop_
_pdbx_audit_revision_history.ordinal 
_pdbx_audit_revision_history.data_content_type 
_pdbx_audit_revision_history.major_revision 
_pdbx_audit_revision_history.minor_revision 
_pdbx_audit_revision_history.revision_date 
1 'Structure model' 1 0 2004-12-28 
2 'Structure model' 1 1 2008-04-30 
3 'Structure model' 1 2 2011-07-13 
4 'Structure model' 1 3 2021-11-10 
5 'Structure model' 1 4 2023-10-25 
6 'Structure model' 1 5 2024-11-20 
# 
_pdbx_audit_revision_details.ordinal             1 
_pdbx_audit_revision_details.revision_ordinal    1 
_pdbx_audit_revision_details.data_content_type   'Structure model' 
_pdbx_audit_revision_details.provider            repository 
_pdbx_audit_revision_details.type                'Initial release' 
_pdbx_audit_revision_details.description         ? 
_pdbx_audit_revision_details.details             ? 
# 
loop_
_pdbx_audit_revision_group.ordinal 
_pdbx_audit_revision_group.revision_ordinal 
_pdbx_audit_revision_group.data_content_type 
_pdbx_audit_revision_group.group 
1 2 'Structure model' 'Version format compliance' 
2 3 'Structure model' 'Version format compliance' 
3 4 'Structure model' 'Database references'       
4 5 'Structure model' 'Data collection'           
5 5 'Structure model' 'Refinement description'    
6 6 'Structure model' 'Structure summary'         
# 
loop_
_pdbx_audit_revision_category.ordinal 
_pdbx_audit_revision_category.revision_ordinal 
_pdbx_audit_revision_category.data_content_type 
_pdbx_audit_revision_category.category 
1 4 'Structure model' database_2                    
2 4 'Structure model' struct_ref_seq_dif            
3 5 'Structure model' chem_comp_atom                
4 5 'Structure model' chem_comp_bond                
5 5 'Structure model' pdbx_initial_refinement_model 
6 6 'Structure model' pdbx_entry_details            
7 6 'Structure model' pdbx_modification_feature     
# 
loop_
_pdbx_audit_revision_item.ordinal 
_pdbx_audit_revision_item.revision_ordinal 
_pdbx_audit_revision_item.data_content_type 
_pdbx_audit_revision_item.item 
1 4 'Structure model' '_database_2.pdbx_DOI'                
2 4 'Structure model' '_database_2.pdbx_database_accession' 
3 4 'Structure model' '_struct_ref_seq_dif.details'         
# 
_pdbx_database_status.status_code                     REL 
_pdbx_database_status.entry_id                        1X91 
_pdbx_database_status.recvd_initial_deposition_date   2004-08-19 
_pdbx_database_status.deposit_site                    RCSB 
_pdbx_database_status.process_site                    PDBJ 
_pdbx_database_status.status_code_sf                  REL 
_pdbx_database_status.SG_entry                        . 
_pdbx_database_status.pdb_format_compatible           Y 
_pdbx_database_status.status_code_mr                  ? 
_pdbx_database_status.status_code_cs                  ? 
_pdbx_database_status.status_code_nmr_data            ? 
_pdbx_database_status.methods_development_category    ? 
# 
loop_
_pdbx_database_related.db_name 
_pdbx_database_related.db_id 
_pdbx_database_related.details 
_pdbx_database_related.content_type 
PDB 1RJ1 'Structurally related invertase inhibitor'                unspecified 
PDB 1X8Z 'Wild-type pectin methylesterase inhibitor structure'     unspecified 
PDB 1X90 'Pectin methylesterase inhibitor mutant form B structure' unspecified 
# 
loop_
_audit_author.name 
_audit_author.pdbx_ordinal 
'Hothorn, M.'   1 
'Wolf, S.'      2 
'Aloy, P.'      3 
'Greiner, S.'   4 
'Scheffzek, K.' 5 
# 
_citation.id                        primary 
_citation.title                     
'Structural insights into the target specificity of plant invertase and pectin methylesterase inhibitory proteins' 
_citation.journal_abbrev            'Plant Cell' 
_citation.journal_volume            16 
_citation.page_first                3437 
_citation.page_last                 3447 
_citation.year                      2004 
_citation.journal_id_ASTM           PLCEEW 
_citation.country                   US 
_citation.journal_id_ISSN           1040-4651 
_citation.journal_id_CSD            2109 
_citation.book_publisher            ? 
_citation.pdbx_database_id_PubMed   15528298 
_citation.pdbx_database_id_DOI      10.1105/tpc.104.025684 
# 
loop_
_citation_author.citation_id 
_citation_author.name 
_citation_author.ordinal 
_citation_author.identifier_ORCID 
primary 'Hothorn, M.'   1 ? 
primary 'Wolf, S.'      2 ? 
primary 'Aloy, P.'      3 ? 
primary 'Greiner, S.'   4 ? 
primary 'Scheffzek, K.' 5 ? 
# 
loop_
_entity.id 
_entity.type 
_entity.src_method 
_entity.pdbx_description 
_entity.formula_weight 
_entity.pdbx_number_of_molecules 
_entity.pdbx_ec 
_entity.pdbx_mutation 
_entity.pdbx_fragment 
_entity.details 
1 polymer man 'invertase/pectin methylesterase inhibitor family protein' 16418.689 1   ? P28A 'residues 1-149' ? 
2 water   nat water                                                      18.015    104 ? ?    ?                ? 
# 
_entity_name_com.entity_id   1 
_entity_name_com.name        'Pectin Methylesterase Inhibitor' 
# 
_entity_poly.entity_id                      1 
_entity_poly.type                           'polypeptide(L)' 
_entity_poly.nstd_linkage                   no 
_entity_poly.nstd_monomer                   no 
_entity_poly.pdbx_seq_one_letter_code       
;GAMDSSEMSTICDKTLNPSFCLKFLNTKFASANLQALAKTTLDSTQARATQTLKKLQSIIDGGVDPRSKLAYRSCVDEYE
SAIGNLEEAFEHLASGDGMGMNMKVSAALDGADTCLDDVKRLRSVDSSVVNNSKTIKNLCGIALVISNMLPRN
;
_entity_poly.pdbx_seq_one_letter_code_can   
;GAMDSSEMSTICDKTLNPSFCLKFLNTKFASANLQALAKTTLDSTQARATQTLKKLQSIIDGGVDPRSKLAYRSCVDEYE
SAIGNLEEAFEHLASGDGMGMNMKVSAALDGADTCLDDVKRLRSVDSSVVNNSKTIKNLCGIALVISNMLPRN
;
_entity_poly.pdbx_strand_id                 A 
_entity_poly.pdbx_target_identifier         ? 
# 
_pdbx_entity_nonpoly.entity_id   2 
_pdbx_entity_nonpoly.name        water 
_pdbx_entity_nonpoly.comp_id     HOH 
# 
loop_
_entity_poly_seq.entity_id 
_entity_poly_seq.num 
_entity_poly_seq.mon_id 
_entity_poly_seq.hetero 
1 1   GLY n 
1 2   ALA n 
1 3   MET n 
1 4   ASP n 
1 5   SER n 
1 6   SER n 
1 7   GLU n 
1 8   MET n 
1 9   SER n 
1 10  THR n 
1 11  ILE n 
1 12  CYS n 
1 13  ASP n 
1 14  LYS n 
1 15  THR n 
1 16  LEU n 
1 17  ASN n 
1 18  PRO n 
1 19  SER n 
1 20  PHE n 
1 21  CYS n 
1 22  LEU n 
1 23  LYS n 
1 24  PHE n 
1 25  LEU n 
1 26  ASN n 
1 27  THR n 
1 28  LYS n 
1 29  PHE n 
1 30  ALA n 
1 31  SER n 
1 32  ALA n 
1 33  ASN n 
1 34  LEU n 
1 35  GLN n 
1 36  ALA n 
1 37  LEU n 
1 38  ALA n 
1 39  LYS n 
1 40  THR n 
1 41  THR n 
1 42  LEU n 
1 43  ASP n 
1 44  SER n 
1 45  THR n 
1 46  GLN n 
1 47  ALA n 
1 48  ARG n 
1 49  ALA n 
1 50  THR n 
1 51  GLN n 
1 52  THR n 
1 53  LEU n 
1 54  LYS n 
1 55  LYS n 
1 56  LEU n 
1 57  GLN n 
1 58  SER n 
1 59  ILE n 
1 60  ILE n 
1 61  ASP n 
1 62  GLY n 
1 63  GLY n 
1 64  VAL n 
1 65  ASP n 
1 66  PRO n 
1 67  ARG n 
1 68  SER n 
1 69  LYS n 
1 70  LEU n 
1 71  ALA n 
1 72  TYR n 
1 73  ARG n 
1 74  SER n 
1 75  CYS n 
1 76  VAL n 
1 77  ASP n 
1 78  GLU n 
1 79  TYR n 
1 80  GLU n 
1 81  SER n 
1 82  ALA n 
1 83  ILE n 
1 84  GLY n 
1 85  ASN n 
1 86  LEU n 
1 87  GLU n 
1 88  GLU n 
1 89  ALA n 
1 90  PHE n 
1 91  GLU n 
1 92  HIS n 
1 93  LEU n 
1 94  ALA n 
1 95  SER n 
1 96  GLY n 
1 97  ASP n 
1 98  GLY n 
1 99  MET n 
1 100 GLY n 
1 101 MET n 
1 102 ASN n 
1 103 MET n 
1 104 LYS n 
1 105 VAL n 
1 106 SER n 
1 107 ALA n 
1 108 ALA n 
1 109 LEU n 
1 110 ASP n 
1 111 GLY n 
1 112 ALA n 
1 113 ASP n 
1 114 THR n 
1 115 CYS n 
1 116 LEU n 
1 117 ASP n 
1 118 ASP n 
1 119 VAL n 
1 120 LYS n 
1 121 ARG n 
1 122 LEU n 
1 123 ARG n 
1 124 SER n 
1 125 VAL n 
1 126 ASP n 
1 127 SER n 
1 128 SER n 
1 129 VAL n 
1 130 VAL n 
1 131 ASN n 
1 132 ASN n 
1 133 SER n 
1 134 LYS n 
1 135 THR n 
1 136 ILE n 
1 137 LYS n 
1 138 ASN n 
1 139 LEU n 
1 140 CYS n 
1 141 GLY n 
1 142 ILE n 
1 143 ALA n 
1 144 LEU n 
1 145 VAL n 
1 146 ILE n 
1 147 SER n 
1 148 ASN n 
1 149 MET n 
1 150 LEU n 
1 151 PRO n 
1 152 ARG n 
1 153 ASN n 
# 
_entity_src_gen.entity_id                          1 
_entity_src_gen.pdbx_src_id                        1 
_entity_src_gen.pdbx_alt_source_flag               sample 
_entity_src_gen.pdbx_seq_type                      ? 
_entity_src_gen.pdbx_beg_seq_num                   ? 
_entity_src_gen.pdbx_end_seq_num                   ? 
_entity_src_gen.gene_src_common_name               'thale cress' 
_entity_src_gen.gene_src_genus                     Arabidopsis 
_entity_src_gen.pdbx_gene_src_gene                 AT1G48020 
_entity_src_gen.gene_src_species                   ? 
_entity_src_gen.gene_src_strain                    ? 
_entity_src_gen.gene_src_tissue                    'APOPLAST-CELL WALL' 
_entity_src_gen.gene_src_tissue_fraction           ? 
_entity_src_gen.gene_src_details                   ? 
_entity_src_gen.pdbx_gene_src_fragment             ? 
_entity_src_gen.pdbx_gene_src_scientific_name      'Arabidopsis thaliana' 
_entity_src_gen.pdbx_gene_src_ncbi_taxonomy_id     3702 
_entity_src_gen.pdbx_gene_src_variant              ? 
_entity_src_gen.pdbx_gene_src_cell_line            ? 
_entity_src_gen.pdbx_gene_src_atcc                 ? 
_entity_src_gen.pdbx_gene_src_organ                ? 
_entity_src_gen.pdbx_gene_src_organelle            ? 
_entity_src_gen.pdbx_gene_src_cell                 ? 
_entity_src_gen.pdbx_gene_src_cellular_location    ? 
_entity_src_gen.host_org_common_name               ? 
_entity_src_gen.pdbx_host_org_scientific_name      'Escherichia coli' 
_entity_src_gen.pdbx_host_org_ncbi_taxonomy_id     562 
_entity_src_gen.host_org_genus                     Escherichia 
_entity_src_gen.pdbx_host_org_gene                 ? 
_entity_src_gen.pdbx_host_org_organ                ? 
_entity_src_gen.host_org_species                   ? 
_entity_src_gen.pdbx_host_org_tissue               ? 
_entity_src_gen.pdbx_host_org_tissue_fraction      ? 
_entity_src_gen.pdbx_host_org_strain               'origami (DE3)' 
_entity_src_gen.pdbx_host_org_variant              ? 
_entity_src_gen.pdbx_host_org_cell_line            ? 
_entity_src_gen.pdbx_host_org_atcc                 ? 
_entity_src_gen.pdbx_host_org_culture_collection   ? 
_entity_src_gen.pdbx_host_org_cell                 ? 
_entity_src_gen.pdbx_host_org_organelle            ? 
_entity_src_gen.pdbx_host_org_cellular_location    ? 
_entity_src_gen.pdbx_host_org_vector_type          PLASMID 
_entity_src_gen.pdbx_host_org_vector               ? 
_entity_src_gen.host_org_details                   ? 
_entity_src_gen.expression_system_id               ? 
_entity_src_gen.plasmid_name                       'pETM 20' 
_entity_src_gen.plasmid_details                    ? 
_entity_src_gen.pdbx_description                   ? 
# 
loop_
_chem_comp.id 
_chem_comp.type 
_chem_comp.mon_nstd_flag 
_chem_comp.name 
_chem_comp.pdbx_synonyms 
_chem_comp.formula 
_chem_comp.formula_weight 
ALA 'L-peptide linking' y ALANINE         ? 'C3 H7 N O2'     89.093  
ARG 'L-peptide linking' y ARGININE        ? 'C6 H15 N4 O2 1' 175.209 
ASN 'L-peptide linking' y ASPARAGINE      ? 'C4 H8 N2 O3'    132.118 
ASP 'L-peptide linking' y 'ASPARTIC ACID' ? 'C4 H7 N O4'     133.103 
CYS 'L-peptide linking' y CYSTEINE        ? 'C3 H7 N O2 S'   121.158 
GLN 'L-peptide linking' y GLUTAMINE       ? 'C5 H10 N2 O3'   146.144 
GLU 'L-peptide linking' y 'GLUTAMIC ACID' ? 'C5 H9 N O4'     147.129 
GLY 'peptide linking'   y GLYCINE         ? 'C2 H5 N O2'     75.067  
HIS 'L-peptide linking' y HISTIDINE       ? 'C6 H10 N3 O2 1' 156.162 
HOH non-polymer         . WATER           ? 'H2 O'           18.015  
ILE 'L-peptide linking' y ISOLEUCINE      ? 'C6 H13 N O2'    131.173 
LEU 'L-peptide linking' y LEUCINE         ? 'C6 H13 N O2'    131.173 
LYS 'L-peptide linking' y LYSINE          ? 'C6 H15 N2 O2 1' 147.195 
MET 'L-peptide linking' y METHIONINE      ? 'C5 H11 N O2 S'  149.211 
PHE 'L-peptide linking' y PHENYLALANINE   ? 'C9 H11 N O2'    165.189 
PRO 'L-peptide linking' y PROLINE         ? 'C5 H9 N O2'     115.130 
SER 'L-peptide linking' y SERINE          ? 'C3 H7 N O3'     105.093 
THR 'L-peptide linking' y THREONINE       ? 'C4 H9 N O3'     119.119 
TYR 'L-peptide linking' y TYROSINE        ? 'C9 H11 N O3'    181.189 
VAL 'L-peptide linking' y VALINE          ? 'C5 H11 N O2'    117.146 
# 
loop_
_pdbx_poly_seq_scheme.asym_id 
_pdbx_poly_seq_scheme.entity_id 
_pdbx_poly_seq_scheme.seq_id 
_pdbx_poly_seq_scheme.mon_id 
_pdbx_poly_seq_scheme.ndb_seq_num 
_pdbx_poly_seq_scheme.pdb_seq_num 
_pdbx_poly_seq_scheme.auth_seq_num 
_pdbx_poly_seq_scheme.pdb_mon_id 
_pdbx_poly_seq_scheme.auth_mon_id 
_pdbx_poly_seq_scheme.pdb_strand_id 
_pdbx_poly_seq_scheme.pdb_ins_code 
_pdbx_poly_seq_scheme.hetero 
A 1 1   GLY 1   -3  ?   ?   ?   A . n 
A 1 2   ALA 2   -2  ?   ?   ?   A . n 
A 1 3   MET 3   -1  ?   ?   ?   A . n 
A 1 4   ASP 4   0   ?   ?   ?   A . n 
A 1 5   SER 5   1   1   SER SER A . n 
A 1 6   SER 6   2   2   SER SER A . n 
A 1 7   GLU 7   3   3   GLU GLU A . n 
A 1 8   MET 8   4   4   MET MET A . n 
A 1 9   SER 9   5   5   SER SER A . n 
A 1 10  THR 10  6   6   THR THR A . n 
A 1 11  ILE 11  7   7   ILE ILE A . n 
A 1 12  CYS 12  8   8   CYS CYS A . n 
A 1 13  ASP 13  9   9   ASP ASP A . n 
A 1 14  LYS 14  10  10  LYS LYS A . n 
A 1 15  THR 15  11  11  THR THR A . n 
A 1 16  LEU 16  12  12  LEU LEU A . n 
A 1 17  ASN 17  13  13  ASN ASN A . n 
A 1 18  PRO 18  14  14  PRO PRO A . n 
A 1 19  SER 19  15  15  SER SER A . n 
A 1 20  PHE 20  16  16  PHE PHE A . n 
A 1 21  CYS 21  17  17  CYS CYS A . n 
A 1 22  LEU 22  18  18  LEU LEU A . n 
A 1 23  LYS 23  19  19  LYS LYS A . n 
A 1 24  PHE 24  20  20  PHE PHE A . n 
A 1 25  LEU 25  21  21  LEU LEU A . n 
A 1 26  ASN 26  22  22  ASN ASN A . n 
A 1 27  THR 27  23  23  THR THR A . n 
A 1 28  LYS 28  24  24  LYS LYS A . n 
A 1 29  PHE 29  25  25  PHE PHE A . n 
A 1 30  ALA 30  26  26  ALA ALA A . n 
A 1 31  SER 31  27  27  SER SER A . n 
A 1 32  ALA 32  28  28  ALA ALA A . n 
A 1 33  ASN 33  29  29  ASN ASN A . n 
A 1 34  LEU 34  30  30  LEU LEU A . n 
A 1 35  GLN 35  31  31  GLN GLN A . n 
A 1 36  ALA 36  32  32  ALA ALA A . n 
A 1 37  LEU 37  33  33  LEU LEU A . n 
A 1 38  ALA 38  34  34  ALA ALA A . n 
A 1 39  LYS 39  35  35  LYS LYS A . n 
A 1 40  THR 40  36  36  THR THR A . n 
A 1 41  THR 41  37  37  THR THR A . n 
A 1 42  LEU 42  38  38  LEU LEU A . n 
A 1 43  ASP 43  39  39  ASP ASP A . n 
A 1 44  SER 44  40  40  SER SER A . n 
A 1 45  THR 45  41  41  THR THR A . n 
A 1 46  GLN 46  42  42  GLN GLN A . n 
A 1 47  ALA 47  43  43  ALA ALA A . n 
A 1 48  ARG 48  44  44  ARG ARG A . n 
A 1 49  ALA 49  45  45  ALA ALA A . n 
A 1 50  THR 50  46  46  THR THR A . n 
A 1 51  GLN 51  47  47  GLN GLN A . n 
A 1 52  THR 52  48  48  THR THR A . n 
A 1 53  LEU 53  49  49  LEU LEU A . n 
A 1 54  LYS 54  50  50  LYS LYS A . n 
A 1 55  LYS 55  51  51  LYS LYS A . n 
A 1 56  LEU 56  52  52  LEU LEU A . n 
A 1 57  GLN 57  53  53  GLN GLN A . n 
A 1 58  SER 58  54  54  SER SER A . n 
A 1 59  ILE 59  55  55  ILE ILE A . n 
A 1 60  ILE 60  56  56  ILE ILE A . n 
A 1 61  ASP 61  57  57  ASP ASP A . n 
A 1 62  GLY 62  58  58  GLY GLY A . n 
A 1 63  GLY 63  59  59  GLY GLY A . n 
A 1 64  VAL 64  60  60  VAL VAL A . n 
A 1 65  ASP 65  61  61  ASP ASP A . n 
A 1 66  PRO 66  62  62  PRO PRO A . n 
A 1 67  ARG 67  63  63  ARG ARG A . n 
A 1 68  SER 68  64  64  SER SER A . n 
A 1 69  LYS 69  65  65  LYS LYS A . n 
A 1 70  LEU 70  66  66  LEU LEU A . n 
A 1 71  ALA 71  67  67  ALA ALA A . n 
A 1 72  TYR 72  68  68  TYR TYR A . n 
A 1 73  ARG 73  69  69  ARG ARG A . n 
A 1 74  SER 74  70  70  SER SER A . n 
A 1 75  CYS 75  71  71  CYS CYS A . n 
A 1 76  VAL 76  72  72  VAL VAL A . n 
A 1 77  ASP 77  73  73  ASP ASP A . n 
A 1 78  GLU 78  74  74  GLU GLU A . n 
A 1 79  TYR 79  75  75  TYR TYR A . n 
A 1 80  GLU 80  76  76  GLU GLU A . n 
A 1 81  SER 81  77  77  SER SER A . n 
A 1 82  ALA 82  78  78  ALA ALA A . n 
A 1 83  ILE 83  79  79  ILE ILE A . n 
A 1 84  GLY 84  80  80  GLY GLY A . n 
A 1 85  ASN 85  81  81  ASN ASN A . n 
A 1 86  LEU 86  82  82  LEU LEU A . n 
A 1 87  GLU 87  83  83  GLU GLU A . n 
A 1 88  GLU 88  84  84  GLU GLU A . n 
A 1 89  ALA 89  85  85  ALA ALA A . n 
A 1 90  PHE 90  86  86  PHE PHE A . n 
A 1 91  GLU 91  87  87  GLU GLU A . n 
A 1 92  HIS 92  88  88  HIS HIS A . n 
A 1 93  LEU 93  89  89  LEU LEU A . n 
A 1 94  ALA 94  90  90  ALA ALA A . n 
A 1 95  SER 95  91  91  SER SER A . n 
A 1 96  GLY 96  92  92  GLY GLY A . n 
A 1 97  ASP 97  93  93  ASP ASP A . n 
A 1 98  GLY 98  94  94  GLY GLY A . n 
A 1 99  MET 99  95  95  MET MET A . n 
A 1 100 GLY 100 96  96  GLY GLY A . n 
A 1 101 MET 101 97  97  MET MET A . n 
A 1 102 ASN 102 98  98  ASN ASN A . n 
A 1 103 MET 103 99  99  MET MET A . n 
A 1 104 LYS 104 100 100 LYS LYS A . n 
A 1 105 VAL 105 101 101 VAL VAL A . n 
A 1 106 SER 106 102 102 SER SER A . n 
A 1 107 ALA 107 103 103 ALA ALA A . n 
A 1 108 ALA 108 104 104 ALA ALA A . n 
A 1 109 LEU 109 105 105 LEU LEU A . n 
A 1 110 ASP 110 106 106 ASP ASP A . n 
A 1 111 GLY 111 107 107 GLY GLY A . n 
A 1 112 ALA 112 108 108 ALA ALA A . n 
A 1 113 ASP 113 109 109 ASP ASP A . n 
A 1 114 THR 114 110 110 THR THR A . n 
A 1 115 CYS 115 111 111 CYS CYS A . n 
A 1 116 LEU 116 112 112 LEU LEU A . n 
A 1 117 ASP 117 113 113 ASP ASP A . n 
A 1 118 ASP 118 114 114 ASP ASP A . n 
A 1 119 VAL 119 115 115 VAL VAL A . n 
A 1 120 LYS 120 116 116 LYS LYS A . n 
A 1 121 ARG 121 117 117 ARG ARG A . n 
A 1 122 LEU 122 118 118 LEU LEU A . n 
A 1 123 ARG 123 119 119 ARG ARG A . n 
A 1 124 SER 124 120 120 SER SER A . n 
A 1 125 VAL 125 121 121 VAL VAL A . n 
A 1 126 ASP 126 122 122 ASP ASP A . n 
A 1 127 SER 127 123 123 SER SER A . n 
A 1 128 SER 128 124 124 SER SER A . n 
A 1 129 VAL 129 125 125 VAL VAL A . n 
A 1 130 VAL 130 126 126 VAL VAL A . n 
A 1 131 ASN 131 127 127 ASN ASN A . n 
A 1 132 ASN 132 128 128 ASN ASN A . n 
A 1 133 SER 133 129 129 SER SER A . n 
A 1 134 LYS 134 130 130 LYS LYS A . n 
A 1 135 THR 135 131 131 THR THR A . n 
A 1 136 ILE 136 132 132 ILE ILE A . n 
A 1 137 LYS 137 133 133 LYS LYS A . n 
A 1 138 ASN 138 134 134 ASN ASN A . n 
A 1 139 LEU 139 135 135 LEU LEU A . n 
A 1 140 CYS 140 136 136 CYS CYS A . n 
A 1 141 GLY 141 137 137 GLY GLY A . n 
A 1 142 ILE 142 138 138 ILE ILE A . n 
A 1 143 ALA 143 139 139 ALA ALA A . n 
A 1 144 LEU 144 140 140 LEU LEU A . n 
A 1 145 VAL 145 141 141 VAL VAL A . n 
A 1 146 ILE 146 142 142 ILE ILE A . n 
A 1 147 SER 147 143 143 SER SER A . n 
A 1 148 ASN 148 144 144 ASN ASN A . n 
A 1 149 MET 149 145 145 MET MET A . n 
A 1 150 LEU 150 146 146 LEU LEU A . n 
A 1 151 PRO 151 147 147 PRO PRO A . n 
A 1 152 ARG 152 148 148 ARG ARG A . n 
A 1 153 ASN 153 149 149 ASN ASN A . n 
# 
loop_
_pdbx_nonpoly_scheme.asym_id 
_pdbx_nonpoly_scheme.entity_id 
_pdbx_nonpoly_scheme.mon_id 
_pdbx_nonpoly_scheme.ndb_seq_num 
_pdbx_nonpoly_scheme.pdb_seq_num 
_pdbx_nonpoly_scheme.auth_seq_num 
_pdbx_nonpoly_scheme.pdb_mon_id 
_pdbx_nonpoly_scheme.auth_mon_id 
_pdbx_nonpoly_scheme.pdb_strand_id 
_pdbx_nonpoly_scheme.pdb_ins_code 
B 2 HOH 1   150 150 HOH HOH A . 
B 2 HOH 2   151 151 HOH HOH A . 
B 2 HOH 3   152 152 HOH HOH A . 
B 2 HOH 4   153 153 HOH HOH A . 
B 2 HOH 5   154 154 HOH HOH A . 
B 2 HOH 6   155 155 HOH HOH A . 
B 2 HOH 7   156 156 HOH HOH A . 
B 2 HOH 8   157 157 HOH HOH A . 
B 2 HOH 9   158 158 HOH HOH A . 
B 2 HOH 10  159 159 HOH HOH A . 
B 2 HOH 11  160 160 HOH HOH A . 
B 2 HOH 12  161 161 HOH HOH A . 
B 2 HOH 13  162 162 HOH HOH A . 
B 2 HOH 14  163 163 HOH HOH A . 
B 2 HOH 15  164 164 HOH HOH A . 
B 2 HOH 16  165 165 HOH HOH A . 
B 2 HOH 17  166 166 HOH HOH A . 
B 2 HOH 18  167 167 HOH HOH A . 
B 2 HOH 19  168 168 HOH HOH A . 
B 2 HOH 20  169 169 HOH HOH A . 
B 2 HOH 21  170 170 HOH HOH A . 
B 2 HOH 22  171 171 HOH HOH A . 
B 2 HOH 23  172 172 HOH HOH A . 
B 2 HOH 24  173 173 HOH HOH A . 
B 2 HOH 25  174 174 HOH HOH A . 
B 2 HOH 26  175 175 HOH HOH A . 
B 2 HOH 27  176 176 HOH HOH A . 
B 2 HOH 28  177 177 HOH HOH A . 
B 2 HOH 29  178 178 HOH HOH A . 
B 2 HOH 30  179 179 HOH HOH A . 
B 2 HOH 31  180 180 HOH HOH A . 
B 2 HOH 32  181 181 HOH HOH A . 
B 2 HOH 33  182 182 HOH HOH A . 
B 2 HOH 34  183 183 HOH HOH A . 
B 2 HOH 35  184 184 HOH HOH A . 
B 2 HOH 36  185 185 HOH HOH A . 
B 2 HOH 37  186 186 HOH HOH A . 
B 2 HOH 38  187 187 HOH HOH A . 
B 2 HOH 39  188 188 HOH HOH A . 
B 2 HOH 40  189 189 HOH HOH A . 
B 2 HOH 41  190 190 HOH HOH A . 
B 2 HOH 42  191 191 HOH HOH A . 
B 2 HOH 43  192 192 HOH HOH A . 
B 2 HOH 44  193 193 HOH HOH A . 
B 2 HOH 45  194 194 HOH HOH A . 
B 2 HOH 46  195 195 HOH HOH A . 
B 2 HOH 47  196 196 HOH HOH A . 
B 2 HOH 48  197 197 HOH HOH A . 
B 2 HOH 49  198 198 HOH HOH A . 
B 2 HOH 50  199 199 HOH HOH A . 
B 2 HOH 51  200 200 HOH HOH A . 
B 2 HOH 52  201 201 HOH HOH A . 
B 2 HOH 53  202 202 HOH HOH A . 
B 2 HOH 54  203 203 HOH HOH A . 
B 2 HOH 55  204 204 HOH HOH A . 
B 2 HOH 56  205 205 HOH HOH A . 
B 2 HOH 57  206 206 HOH HOH A . 
B 2 HOH 58  207 207 HOH HOH A . 
B 2 HOH 59  208 208 HOH HOH A . 
B 2 HOH 60  209 209 HOH HOH A . 
B 2 HOH 61  210 210 HOH HOH A . 
B 2 HOH 62  211 211 HOH HOH A . 
B 2 HOH 63  212 212 HOH HOH A . 
B 2 HOH 64  213 213 HOH HOH A . 
B 2 HOH 65  214 214 HOH HOH A . 
B 2 HOH 66  215 215 HOH HOH A . 
B 2 HOH 67  216 216 HOH HOH A . 
B 2 HOH 68  217 217 HOH HOH A . 
B 2 HOH 69  218 218 HOH HOH A . 
B 2 HOH 70  219 219 HOH HOH A . 
B 2 HOH 71  220 220 HOH HOH A . 
B 2 HOH 72  221 221 HOH HOH A . 
B 2 HOH 73  222 222 HOH HOH A . 
B 2 HOH 74  223 223 HOH HOH A . 
B 2 HOH 75  224 224 HOH HOH A . 
B 2 HOH 76  225 225 HOH HOH A . 
B 2 HOH 77  226 226 HOH HOH A . 
B 2 HOH 78  227 227 HOH HOH A . 
B 2 HOH 79  228 228 HOH HOH A . 
B 2 HOH 80  229 229 HOH HOH A . 
B 2 HOH 81  230 230 HOH HOH A . 
B 2 HOH 82  231 231 HOH HOH A . 
B 2 HOH 83  232 232 HOH HOH A . 
B 2 HOH 84  233 233 HOH HOH A . 
B 2 HOH 85  234 234 HOH HOH A . 
B 2 HOH 86  235 235 HOH HOH A . 
B 2 HOH 87  236 236 HOH HOH A . 
B 2 HOH 88  237 237 HOH HOH A . 
B 2 HOH 89  238 238 HOH HOH A . 
B 2 HOH 90  239 239 HOH HOH A . 
B 2 HOH 91  240 240 HOH HOH A . 
B 2 HOH 92  241 241 HOH HOH A . 
B 2 HOH 93  242 242 HOH HOH A . 
B 2 HOH 94  243 243 HOH HOH A . 
B 2 HOH 95  244 244 HOH HOH A . 
B 2 HOH 96  245 245 HOH HOH A . 
B 2 HOH 97  246 246 HOH HOH A . 
B 2 HOH 98  247 247 HOH HOH A . 
B 2 HOH 99  248 248 HOH HOH A . 
B 2 HOH 100 249 249 HOH HOH A . 
B 2 HOH 101 250 250 HOH HOH A . 
B 2 HOH 102 251 251 HOH HOH A . 
B 2 HOH 103 252 252 HOH HOH A . 
B 2 HOH 104 253 253 HOH HOH A . 
# 
loop_
_pdbx_unobs_or_zero_occ_atoms.id 
_pdbx_unobs_or_zero_occ_atoms.PDB_model_num 
_pdbx_unobs_or_zero_occ_atoms.polymer_flag 
_pdbx_unobs_or_zero_occ_atoms.occupancy_flag 
_pdbx_unobs_or_zero_occ_atoms.auth_asym_id 
_pdbx_unobs_or_zero_occ_atoms.auth_comp_id 
_pdbx_unobs_or_zero_occ_atoms.auth_seq_id 
_pdbx_unobs_or_zero_occ_atoms.PDB_ins_code 
_pdbx_unobs_or_zero_occ_atoms.auth_atom_id 
_pdbx_unobs_or_zero_occ_atoms.label_alt_id 
_pdbx_unobs_or_zero_occ_atoms.label_asym_id 
_pdbx_unobs_or_zero_occ_atoms.label_comp_id 
_pdbx_unobs_or_zero_occ_atoms.label_seq_id 
_pdbx_unobs_or_zero_occ_atoms.label_atom_id 
1  1 Y 0 A GLU 3   ? OE1 ? A GLU 7   OE1 
2  1 Y 0 A GLU 3   ? OE2 ? A GLU 7   OE2 
3  1 Y 0 A MET 4   ? SD  ? A MET 8   SD  
4  1 Y 0 A GLN 42  ? NE2 ? A GLN 46  NE2 
5  1 Y 0 A ARG 44  ? CD  ? A ARG 48  CD  
6  1 Y 0 A ARG 44  ? NH1 ? A ARG 48  NH1 
7  1 Y 0 A ARG 44  ? NH2 ? A ARG 48  NH2 
8  1 Y 0 A LYS 50  ? CD  ? A LYS 54  CD  
9  1 Y 0 A LYS 50  ? CE  ? A LYS 54  CE  
10 1 Y 0 A LYS 51  ? CD  ? A LYS 55  CD  
11 1 Y 0 A LYS 51  ? NZ  ? A LYS 55  NZ  
12 1 Y 0 A LYS 65  ? CE  ? A LYS 69  CE  
13 1 Y 0 A LYS 65  ? NZ  ? A LYS 69  NZ  
14 1 Y 0 A LEU 66  ? CD1 ? A LEU 70  CD1 
15 1 Y 0 A LEU 66  ? CD2 ? A LEU 70  CD2 
16 1 Y 0 A ARG 69  ? CZ  ? A ARG 73  CZ  
17 1 Y 0 A ARG 69  ? NH1 ? A ARG 73  NH1 
18 1 Y 0 A ARG 69  ? NH2 ? A ARG 73  NH2 
19 1 Y 0 A MET 95  ? CE  A A MET 99  CE  
20 1 Y 0 A MET 95  ? CE  B A MET 99  CE  
21 1 Y 0 A LYS 116 ? CD  ? A LYS 120 CD  
22 1 Y 0 A LYS 116 ? CE  ? A LYS 120 CE  
23 1 Y 0 A LYS 116 ? NZ  ? A LYS 120 NZ  
24 1 Y 0 A ARG 117 ? CB  ? A ARG 121 CB  
25 1 Y 0 A ARG 117 ? CD  ? A ARG 121 CD  
26 1 Y 0 A ARG 117 ? NE  ? A ARG 121 NE  
27 1 Y 0 A ARG 117 ? CZ  ? A ARG 121 CZ  
28 1 Y 0 A ARG 117 ? NH1 ? A ARG 121 NH1 
29 1 Y 0 A ARG 117 ? NH2 ? A ARG 121 NH2 
# 
loop_
_software.name 
_software.classification 
_software.version 
_software.citation_id 
_software.pdbx_ordinal 
XDS    'data scaling'   'Version Dec. 2003' ? 1 
XDS    'data reduction' 'V. DEC. 2003'      ? 2 
CNS    refinement       .                   ? 3 
REFMAC refinement       .                   ? 4 
CNS    phasing          .                   ? 5 
# 
_cell.entry_id           1X91 
_cell.length_a           108.399 
_cell.length_b           62.440 
_cell.length_c           23.338 
_cell.angle_alpha        90.00 
_cell.angle_beta         94.05 
_cell.angle_gamma        90.00 
_cell.Z_PDB              4 
_cell.pdbx_unique_axis   ? 
# 
_symmetry.entry_id                         1X91 
_symmetry.space_group_name_H-M             'C 1 2 1' 
_symmetry.pdbx_full_space_group_name_H-M   ? 
_symmetry.cell_setting                     ? 
_symmetry.Int_Tables_number                5 
_symmetry.space_group_name_Hall            ? 
# 
_exptl.entry_id          1X91 
_exptl.method            'X-RAY DIFFRACTION' 
_exptl.crystals_number   1 
# 
_exptl_crystal.id                    1 
_exptl_crystal.density_meas          ? 
_exptl_crystal.density_Matthews      2.4 
_exptl_crystal.density_percent_sol   49 
_exptl_crystal.description           ? 
_exptl_crystal.F_000                 ? 
_exptl_crystal.preparation           ? 
# 
_exptl_crystal_grow.crystal_id      1 
_exptl_crystal_grow.method          'VAPOR DIFFUSION, HANGING DROP' 
_exptl_crystal_grow.temp            298 
_exptl_crystal_grow.temp_details    ? 
_exptl_crystal_grow.pH              5.6 
_exptl_crystal_grow.pdbx_details    
'0.2M (NH4)2SO4, 0.3M Na/K tartrate, 0.1M Na citrate, pH 5.6, VAPOR DIFFUSION, HANGING DROP, temperature 298K' 
_exptl_crystal_grow.pdbx_pH_range   . 
# 
_diffrn.id                     1 
_diffrn.ambient_temp           100 
_diffrn.ambient_temp_details   ? 
_diffrn.crystal_id             1 
# 
_diffrn_detector.diffrn_id              1 
_diffrn_detector.detector               CCD 
_diffrn_detector.type                   'ADSC QUANTUM 4' 
_diffrn_detector.pdbx_collection_date   2004-04-18 
_diffrn_detector.details                'toroidal mirror' 
# 
_diffrn_radiation.diffrn_id                        1 
_diffrn_radiation.wavelength_id                    1 
_diffrn_radiation.pdbx_monochromatic_or_laue_m_l   M 
_diffrn_radiation.monochromator                    'Diamond (111), Ge(220)' 
_diffrn_radiation.pdbx_diffrn_protocol             'SINGLE WAVELENGTH' 
_diffrn_radiation.pdbx_scattering_type             x-ray 
# 
_diffrn_radiation_wavelength.id           1 
_diffrn_radiation_wavelength.wavelength   0.933 
_diffrn_radiation_wavelength.wt           1.0 
# 
_diffrn_source.diffrn_id                   1 
_diffrn_source.source                      SYNCHROTRON 
_diffrn_source.type                        'ESRF BEAMLINE ID14-2' 
_diffrn_source.pdbx_synchrotron_site       ESRF 
_diffrn_source.pdbx_synchrotron_beamline   ID14-2 
_diffrn_source.pdbx_wavelength             ? 
_diffrn_source.pdbx_wavelength_list        0.933 
# 
_reflns.entry_id                     1X91 
_reflns.observed_criterion_sigma_F   -3.0 
_reflns.observed_criterion_sigma_I   -3.0 
_reflns.d_resolution_high            1.5 
_reflns.d_resolution_low             54.23 
_reflns.number_all                   24884 
_reflns.number_obs                   24884 
_reflns.percent_possible_obs         99.8 
_reflns.pdbx_Rmerge_I_obs            0.053 
_reflns.pdbx_Rsym_value              ? 
_reflns.pdbx_netI_over_sigmaI        15.4 
_reflns.B_iso_Wilson_estimate        ? 
_reflns.pdbx_redundancy              3.6 
_reflns.R_free_details               ? 
_reflns.limit_h_max                  ? 
_reflns.limit_h_min                  ? 
_reflns.limit_k_max                  ? 
_reflns.limit_k_min                  ? 
_reflns.limit_l_max                  ? 
_reflns.limit_l_min                  ? 
_reflns.observed_criterion_F_max     ? 
_reflns.observed_criterion_F_min     ? 
_reflns.pdbx_chi_squared             ? 
_reflns.pdbx_scaling_rejects         ? 
_reflns.pdbx_diffrn_id               1 
_reflns.pdbx_ordinal                 1 
# 
_reflns_shell.d_res_high             1.50 
_reflns_shell.d_res_low              1.54 
_reflns_shell.percent_possible_all   98.7 
_reflns_shell.Rmerge_I_obs           0.358 
_reflns_shell.pdbx_Rsym_value        ? 
_reflns_shell.meanI_over_sigI_obs    3.6 
_reflns_shell.pdbx_redundancy        3.3 
_reflns_shell.percent_possible_obs   ? 
_reflns_shell.number_unique_all      1833 
_reflns_shell.number_measured_all    ? 
_reflns_shell.number_measured_obs    ? 
_reflns_shell.number_unique_obs      ? 
_reflns_shell.pdbx_chi_squared       ? 
_reflns_shell.pdbx_diffrn_id         ? 
_reflns_shell.pdbx_ordinal           1 
# 
_refine.entry_id                                 1X91 
_refine.ls_d_res_high                            1.50 
_refine.ls_d_res_low                             54.23 
_refine.pdbx_ls_sigma_F                          0.0 
_refine.pdbx_ls_sigma_I                          ? 
_refine.ls_number_reflns_all                     24884 
_refine.ls_number_reflns_obs                     23639 
_refine.ls_number_reflns_R_free                  1245 
_refine.ls_percent_reflns_obs                    100 
_refine.ls_R_factor_all                          0.185 
_refine.ls_R_factor_obs                          0.185 
_refine.ls_R_factor_R_work                       0.184 
_refine.ls_R_factor_R_free                       0.207 
_refine.ls_redundancy_reflns_obs                 ? 
_refine.pdbx_data_cutoff_high_absF               ? 
_refine.pdbx_data_cutoff_low_absF                ? 
_refine.ls_number_parameters                     ? 
_refine.ls_number_restraints                     ? 
_refine.ls_percent_reflns_R_free                 ? 
_refine.ls_R_factor_R_free_error                 ? 
_refine.ls_R_factor_R_free_error_details         ? 
_refine.pdbx_method_to_determine_struct          'MOLECULAR REPLACEMENT' 
_refine.pdbx_starting_model                      'PDB ENTRY 1X90 CHAIN A' 
_refine.pdbx_ls_cross_valid_method               TROUGHOUT 
_refine.pdbx_R_Free_selection_details            RANDOM 
_refine.pdbx_stereochem_target_val_spec_case     ? 
_refine.pdbx_stereochemistry_target_values       'Engh & Huber' 
_refine.solvent_model_details                    ? 
_refine.solvent_model_param_bsol                 ? 
_refine.solvent_model_param_ksol                 ? 
_refine.occupancy_max                            ? 
_refine.occupancy_min                            ? 
_refine.pdbx_isotropic_thermal_model             ISOTROPIC 
_refine.B_iso_mean                               15.278 
_refine.aniso_B[1][1]                            ? 
_refine.aniso_B[1][2]                            ? 
_refine.aniso_B[1][3]                            ? 
_refine.aniso_B[2][2]                            ? 
_refine.aniso_B[2][3]                            ? 
_refine.aniso_B[3][3]                            ? 
_refine.details                                  ? 
_refine.B_iso_min                                ? 
_refine.B_iso_max                                ? 
_refine.correlation_coeff_Fo_to_Fc               ? 
_refine.correlation_coeff_Fo_to_Fc_free          ? 
_refine.pdbx_solvent_vdw_probe_radii             ? 
_refine.pdbx_solvent_ion_probe_radii             ? 
_refine.pdbx_solvent_shrinkage_radii             ? 
_refine.overall_SU_R_Cruickshank_DPI             ? 
_refine.overall_SU_R_free                        ? 
_refine.overall_SU_B                             ? 
_refine.overall_SU_ML                            ? 
_refine.pdbx_overall_ESU_R                       ? 
_refine.pdbx_overall_ESU_R_Free                  ? 
_refine.pdbx_data_cutoff_high_rms_absF           ? 
_refine.ls_wR_factor_R_free                      ? 
_refine.ls_wR_factor_R_work                      ? 
_refine.overall_FOM_free_R_set                   ? 
_refine.overall_FOM_work_R_set                   ? 
_refine.pdbx_refine_id                           'X-RAY DIFFRACTION' 
_refine.pdbx_diffrn_id                           1 
_refine.pdbx_TLS_residual_ADP_flag               ? 
_refine.pdbx_overall_phase_error                 ? 
_refine.pdbx_overall_SU_R_free_Cruickshank_DPI   ? 
_refine.pdbx_overall_SU_R_Blow_DPI               ? 
_refine.pdbx_overall_SU_R_free_Blow_DPI          ? 
# 
_refine_hist.pdbx_refine_id                   'X-RAY DIFFRACTION' 
_refine_hist.cycle_id                         LAST 
_refine_hist.pdbx_number_atoms_protein        1166 
_refine_hist.pdbx_number_atoms_nucleic_acid   0 
_refine_hist.pdbx_number_atoms_ligand         0 
_refine_hist.number_atoms_solvent             104 
_refine_hist.number_atoms_total               1270 
_refine_hist.d_res_high                       1.50 
_refine_hist.d_res_low                        54.23 
# 
loop_
_refine_ls_restr.type 
_refine_ls_restr.dev_ideal 
_refine_ls_restr.dev_ideal_target 
_refine_ls_restr.weight 
_refine_ls_restr.number 
_refine_ls_restr.pdbx_refine_id 
_refine_ls_restr.pdbx_restraint_function 
r_bond_refined_d    0.017 ? ? ? 'X-RAY DIFFRACTION' ? 
r_bond_other_d      0.002 ? ? ? 'X-RAY DIFFRACTION' ? 
r_angle_refined_deg 1.510 ? ? ? 'X-RAY DIFFRACTION' ? 
r_angle_other_deg   0.885 ? ? ? 'X-RAY DIFFRACTION' ? 
# 
_refine_ls_shell.pdbx_total_number_of_bins_used   ? 
_refine_ls_shell.d_res_high                       1.50 
_refine_ls_shell.d_res_low                        1.54 
_refine_ls_shell.number_reflns_R_work             ? 
_refine_ls_shell.R_factor_R_work                  0.276 
_refine_ls_shell.percent_reflns_obs               98.7 
_refine_ls_shell.R_factor_R_free                  0.271 
_refine_ls_shell.R_factor_R_free_error            ? 
_refine_ls_shell.percent_reflns_R_free            ? 
_refine_ls_shell.number_reflns_R_free             92 
_refine_ls_shell.number_reflns_obs                1835 
_refine_ls_shell.redundancy_reflns_obs            ? 
_refine_ls_shell.number_reflns_all                ? 
_refine_ls_shell.pdbx_refine_id                   'X-RAY DIFFRACTION' 
_refine_ls_shell.R_factor_all                     ? 
# 
_struct.entry_id                  1X91 
_struct.title                     'Crystal structure of mutant form A of a pectin methylesterase inhibitor from Arabidopsis' 
_struct.pdbx_model_details        ? 
_struct.pdbx_CASP_flag            ? 
_struct.pdbx_model_type_details   ? 
# 
_struct_keywords.entry_id        1X91 
_struct_keywords.pdbx_keywords   'PROTEIN BINDING' 
_struct_keywords.text            
'four-helix bundle, alpha hairpin, disulfide bridge, domain-swapping, linker, proline, mutant, PROTEIN BINDING' 
# 
loop_
_struct_asym.id 
_struct_asym.pdbx_blank_PDB_chainid_flag 
_struct_asym.pdbx_modified 
_struct_asym.entity_id 
_struct_asym.details 
A N N 1 ? 
B N N 2 ? 
# 
_struct_ref.id                         1 
_struct_ref.db_name                    UNP 
_struct_ref.db_code                    Q9LNF2_ARATH 
_struct_ref.entity_id                  1 
_struct_ref.pdbx_seq_one_letter_code   
;SSEMSTICDKTLNPSFCLKFLNTKFASPNLQALAKTTLDSTQARATQTLKKLQSIIDGGVDPRSKLAYRSCVDEYESAIG
NLEEAFEHLASGDGMGMNMKVSAALDGADTCLDDVKRLRSVDSSVVNNSKTIKNLCGIALVISNMLPRN
;
_struct_ref.pdbx_align_begin           28 
_struct_ref.pdbx_db_accession          Q9LNF2 
_struct_ref.pdbx_db_isoform            ? 
# 
_struct_ref_seq.align_id                      1 
_struct_ref_seq.ref_id                        1 
_struct_ref_seq.pdbx_PDB_id_code              1X91 
_struct_ref_seq.pdbx_strand_id                A 
_struct_ref_seq.seq_align_beg                 5 
_struct_ref_seq.pdbx_seq_align_beg_ins_code   ? 
_struct_ref_seq.seq_align_end                 153 
_struct_ref_seq.pdbx_seq_align_end_ins_code   ? 
_struct_ref_seq.pdbx_db_accession             Q9LNF2 
_struct_ref_seq.db_align_beg                  28 
_struct_ref_seq.pdbx_db_align_beg_ins_code    ? 
_struct_ref_seq.db_align_end                  176 
_struct_ref_seq.pdbx_db_align_end_ins_code    ? 
_struct_ref_seq.pdbx_auth_seq_align_beg       1 
_struct_ref_seq.pdbx_auth_seq_align_end       149 
# 
loop_
_struct_ref_seq_dif.align_id 
_struct_ref_seq_dif.pdbx_pdb_id_code 
_struct_ref_seq_dif.mon_id 
_struct_ref_seq_dif.pdbx_pdb_strand_id 
_struct_ref_seq_dif.seq_num 
_struct_ref_seq_dif.pdbx_pdb_ins_code 
_struct_ref_seq_dif.pdbx_seq_db_name 
_struct_ref_seq_dif.pdbx_seq_db_accession_code 
_struct_ref_seq_dif.db_mon_id 
_struct_ref_seq_dif.pdbx_seq_db_seq_num 
_struct_ref_seq_dif.details 
_struct_ref_seq_dif.pdbx_auth_seq_num 
_struct_ref_seq_dif.pdbx_ordinal 
1 1X91 GLY A 1  ? UNP Q9LNF2 ?   ?  'cloning artifact'    -3 1 
1 1X91 ALA A 2  ? UNP Q9LNF2 ?   ?  'cloning artifact'    -2 2 
1 1X91 MET A 3  ? UNP Q9LNF2 ?   ?  'cloning artifact'    -1 3 
1 1X91 ASP A 4  ? UNP Q9LNF2 ?   ?  'cloning artifact'    0  4 
1 1X91 ALA A 32 ? UNP Q9LNF2 PRO 55 'engineered mutation' 28 5 
# 
_pdbx_struct_assembly.id                   1 
_pdbx_struct_assembly.details              author_defined_assembly 
_pdbx_struct_assembly.method_details       ? 
_pdbx_struct_assembly.oligomeric_details   monomeric 
_pdbx_struct_assembly.oligomeric_count     1 
# 
_pdbx_struct_assembly_gen.assembly_id       1 
_pdbx_struct_assembly_gen.oper_expression   1 
_pdbx_struct_assembly_gen.asym_id_list      A,B 
# 
_pdbx_struct_oper_list.id                   1 
_pdbx_struct_oper_list.type                 'identity operation' 
_pdbx_struct_oper_list.name                 1_555 
_pdbx_struct_oper_list.symmetry_operation   x,y,z 
_pdbx_struct_oper_list.matrix[1][1]         1.0000000000 
_pdbx_struct_oper_list.matrix[1][2]         0.0000000000 
_pdbx_struct_oper_list.matrix[1][3]         0.0000000000 
_pdbx_struct_oper_list.vector[1]            0.0000000000 
_pdbx_struct_oper_list.matrix[2][1]         0.0000000000 
_pdbx_struct_oper_list.matrix[2][2]         1.0000000000 
_pdbx_struct_oper_list.matrix[2][3]         0.0000000000 
_pdbx_struct_oper_list.vector[2]            0.0000000000 
_pdbx_struct_oper_list.matrix[3][1]         0.0000000000 
_pdbx_struct_oper_list.matrix[3][2]         0.0000000000 
_pdbx_struct_oper_list.matrix[3][3]         1.0000000000 
_pdbx_struct_oper_list.vector[3]            0.0000000000 
# 
_struct_biol.id                    1 
_struct_biol.details               'The biologically assembly is consistent with the content of the asymmetric unit, monomer' 
_struct_biol.pdbx_parent_biol_id   ? 
# 
loop_
_struct_conf.conf_type_id 
_struct_conf.id 
_struct_conf.pdbx_PDB_helix_id 
_struct_conf.beg_label_comp_id 
_struct_conf.beg_label_asym_id 
_struct_conf.beg_label_seq_id 
_struct_conf.pdbx_beg_PDB_ins_code 
_struct_conf.end_label_comp_id 
_struct_conf.end_label_asym_id 
_struct_conf.end_label_seq_id 
_struct_conf.pdbx_end_PDB_ins_code 
_struct_conf.beg_auth_comp_id 
_struct_conf.beg_auth_asym_id 
_struct_conf.beg_auth_seq_id 
_struct_conf.end_auth_comp_id 
_struct_conf.end_auth_asym_id 
_struct_conf.end_auth_seq_id 
_struct_conf.pdbx_PDB_helix_class 
_struct_conf.details 
_struct_conf.pdbx_PDB_helix_length 
HELX_P HELX_P1 1 THR A 10  ? THR A 15  ? THR A 6   THR A 11  5 ? 6  
HELX_P HELX_P2 2 ASN A 17  ? LYS A 28  ? ASN A 13  LYS A 24  1 ? 12 
HELX_P HELX_P3 3 ASN A 33  ? GLY A 63  ? ASN A 29  GLY A 59  1 ? 31 
HELX_P HELX_P4 4 ASP A 65  ? SER A 95  ? ASP A 61  SER A 91  1 ? 31 
HELX_P HELX_P5 5 ASP A 97  ? LYS A 120 ? ASP A 93  LYS A 116 1 ? 24 
HELX_P HELX_P6 6 ASP A 126 ? LEU A 150 ? ASP A 122 LEU A 146 1 ? 25 
# 
_struct_conf_type.id          HELX_P 
_struct_conf_type.criteria    ? 
_struct_conf_type.reference   ? 
# 
loop_
_struct_conn.id 
_struct_conn.conn_type_id 
_struct_conn.pdbx_leaving_atom_flag 
_struct_conn.pdbx_PDB_id 
_struct_conn.ptnr1_label_asym_id 
_struct_conn.ptnr1_label_comp_id 
_struct_conn.ptnr1_label_seq_id 
_struct_conn.ptnr1_label_atom_id 
_struct_conn.pdbx_ptnr1_label_alt_id 
_struct_conn.pdbx_ptnr1_PDB_ins_code 
_struct_conn.pdbx_ptnr1_standard_comp_id 
_struct_conn.ptnr1_symmetry 
_struct_conn.ptnr2_label_asym_id 
_struct_conn.ptnr2_label_comp_id 
_struct_conn.ptnr2_label_seq_id 
_struct_conn.ptnr2_label_atom_id 
_struct_conn.pdbx_ptnr2_label_alt_id 
_struct_conn.pdbx_ptnr2_PDB_ins_code 
_struct_conn.ptnr1_auth_asym_id 
_struct_conn.ptnr1_auth_comp_id 
_struct_conn.ptnr1_auth_seq_id 
_struct_conn.ptnr2_auth_asym_id 
_struct_conn.ptnr2_auth_comp_id 
_struct_conn.ptnr2_auth_seq_id 
_struct_conn.ptnr2_symmetry 
_struct_conn.pdbx_ptnr3_label_atom_id 
_struct_conn.pdbx_ptnr3_label_seq_id 
_struct_conn.pdbx_ptnr3_label_comp_id 
_struct_conn.pdbx_ptnr3_label_asym_id 
_struct_conn.pdbx_ptnr3_label_alt_id 
_struct_conn.pdbx_ptnr3_PDB_ins_code 
_struct_conn.details 
_struct_conn.pdbx_dist_value 
_struct_conn.pdbx_value_order 
_struct_conn.pdbx_role 
disulf1 disulf ? ? A CYS 12 SG ? ? ? 1_555 A CYS 21  SG ? ? A CYS 8  A CYS 17  1_555 ? ? ? ? ? ? ? 2.064 ? ? 
disulf2 disulf ? ? A CYS 75 SG ? ? ? 1_555 A CYS 115 SG ? ? A CYS 71 A CYS 111 1_555 ? ? ? ? ? ? ? 2.127 ? ? 
# 
_struct_conn_type.id          disulf 
_struct_conn_type.criteria    ? 
_struct_conn_type.reference   ? 
# 
loop_
_pdbx_modification_feature.ordinal 
_pdbx_modification_feature.label_comp_id 
_pdbx_modification_feature.label_asym_id 
_pdbx_modification_feature.label_seq_id 
_pdbx_modification_feature.label_alt_id 
_pdbx_modification_feature.modified_residue_label_comp_id 
_pdbx_modification_feature.modified_residue_label_asym_id 
_pdbx_modification_feature.modified_residue_label_seq_id 
_pdbx_modification_feature.modified_residue_label_alt_id 
_pdbx_modification_feature.auth_comp_id 
_pdbx_modification_feature.auth_asym_id 
_pdbx_modification_feature.auth_seq_id 
_pdbx_modification_feature.PDB_ins_code 
_pdbx_modification_feature.symmetry 
_pdbx_modification_feature.modified_residue_auth_comp_id 
_pdbx_modification_feature.modified_residue_auth_asym_id 
_pdbx_modification_feature.modified_residue_auth_seq_id 
_pdbx_modification_feature.modified_residue_PDB_ins_code 
_pdbx_modification_feature.modified_residue_symmetry 
_pdbx_modification_feature.comp_id_linking_atom 
_pdbx_modification_feature.modified_residue_id_linking_atom 
_pdbx_modification_feature.modified_residue_id 
_pdbx_modification_feature.ref_pcm_id 
_pdbx_modification_feature.ref_comp_id 
_pdbx_modification_feature.type 
_pdbx_modification_feature.category 
1 CYS A 12 ? CYS A 21  ? CYS A 8  ? 1_555 CYS A 17  ? 1_555 SG SG . . . None 'Disulfide bridge' 
2 CYS A 75 ? CYS A 115 ? CYS A 71 ? 1_555 CYS A 111 ? 1_555 SG SG . . . None 'Disulfide bridge' 
# 
_pdbx_entry_details.entry_id                   1X91 
_pdbx_entry_details.compound_details           ? 
_pdbx_entry_details.source_details             ? 
_pdbx_entry_details.nonpolymer_details         ? 
_pdbx_entry_details.sequence_details           ? 
_pdbx_entry_details.has_ligand_of_interest     ? 
_pdbx_entry_details.has_protein_modification   Y 
# 
_pdbx_validate_close_contact.id               1 
_pdbx_validate_close_contact.PDB_model_num    1 
_pdbx_validate_close_contact.auth_atom_id_1   OG 
_pdbx_validate_close_contact.auth_asym_id_1   A 
_pdbx_validate_close_contact.auth_comp_id_1   SER 
_pdbx_validate_close_contact.auth_seq_id_1    70 
_pdbx_validate_close_contact.PDB_ins_code_1   ? 
_pdbx_validate_close_contact.label_alt_id_1   ? 
_pdbx_validate_close_contact.auth_atom_id_2   OD2 
_pdbx_validate_close_contact.auth_asym_id_2   A 
_pdbx_validate_close_contact.auth_comp_id_2   ASP 
_pdbx_validate_close_contact.auth_seq_id_2    114 
_pdbx_validate_close_contact.PDB_ins_code_2   ? 
_pdbx_validate_close_contact.label_alt_id_2   ? 
_pdbx_validate_close_contact.dist             2.15 
# 
loop_
_pdbx_validate_rmsd_bond.id 
_pdbx_validate_rmsd_bond.PDB_model_num 
_pdbx_validate_rmsd_bond.auth_atom_id_1 
_pdbx_validate_rmsd_bond.auth_asym_id_1 
_pdbx_validate_rmsd_bond.auth_comp_id_1 
_pdbx_validate_rmsd_bond.auth_seq_id_1 
_pdbx_validate_rmsd_bond.PDB_ins_code_1 
_pdbx_validate_rmsd_bond.label_alt_id_1 
_pdbx_validate_rmsd_bond.auth_atom_id_2 
_pdbx_validate_rmsd_bond.auth_asym_id_2 
_pdbx_validate_rmsd_bond.auth_comp_id_2 
_pdbx_validate_rmsd_bond.auth_seq_id_2 
_pdbx_validate_rmsd_bond.PDB_ins_code_2 
_pdbx_validate_rmsd_bond.label_alt_id_2 
_pdbx_validate_rmsd_bond.bond_value 
_pdbx_validate_rmsd_bond.bond_target_value 
_pdbx_validate_rmsd_bond.bond_deviation 
_pdbx_validate_rmsd_bond.bond_standard_deviation 
_pdbx_validate_rmsd_bond.linker_flag 
1  1 CD A GLU 3  ? ? OE2 A GLU 3  ? ? 1.164 1.252 -0.088 0.011 N 
2  1 CD A ARG 44 ? ? NE  A ARG 44 ? ? 1.186 1.460 -0.274 0.017 N 
3  1 CZ A ARG 44 ? ? NH1 A ARG 44 ? ? 1.496 1.326 0.170  0.013 N 
4  1 CZ A ARG 44 ? ? NH2 A ARG 44 ? ? 1.467 1.326 0.141  0.013 N 
5  1 C  A ALA 45 ? ? N   A THR 46 ? B 1.581 1.336 0.245  0.023 Y 
6  1 C  A THR 46 ? B N   A GLN 47 ? ? 1.561 1.336 0.225  0.023 Y 
7  1 CE A LYS 50 ? ? NZ  A LYS 50 ? ? 1.685 1.486 0.199  0.025 N 
8  1 CD A LYS 51 ? ? CE  A LYS 51 ? ? 1.666 1.508 0.158  0.025 N 
9  1 CD A LYS 65 ? ? CE  A LYS 65 ? ? 1.227 1.508 -0.281 0.025 N 
10 1 C  A GLU 76 ? ? N   A SER 77 ? B 1.571 1.336 0.235  0.023 Y 
11 1 C  A SER 77 ? B N   A ALA 78 ? ? 1.475 1.336 0.139  0.023 Y 
12 1 C  A PHE 86 ? B N   A GLU 87 ? ? 1.481 1.336 0.145  0.023 Y 
13 1 C  A ALA 90 ? ? N   A SER 91 ? B 1.575 1.336 0.239  0.023 Y 
14 1 C  A GLY 94 ? ? N   A MET 95 ? B 1.483 1.336 0.147  0.023 Y 
15 1 C  A MET 95 ? B N   A GLY 96 ? ? 1.482 1.336 0.146  0.023 Y 
# 
loop_
_pdbx_validate_rmsd_angle.id 
_pdbx_validate_rmsd_angle.PDB_model_num 
_pdbx_validate_rmsd_angle.auth_atom_id_1 
_pdbx_validate_rmsd_angle.auth_asym_id_1 
_pdbx_validate_rmsd_angle.auth_comp_id_1 
_pdbx_validate_rmsd_angle.auth_seq_id_1 
_pdbx_validate_rmsd_angle.PDB_ins_code_1 
_pdbx_validate_rmsd_angle.label_alt_id_1 
_pdbx_validate_rmsd_angle.auth_atom_id_2 
_pdbx_validate_rmsd_angle.auth_asym_id_2 
_pdbx_validate_rmsd_angle.auth_comp_id_2 
_pdbx_validate_rmsd_angle.auth_seq_id_2 
_pdbx_validate_rmsd_angle.PDB_ins_code_2 
_pdbx_validate_rmsd_angle.label_alt_id_2 
_pdbx_validate_rmsd_angle.auth_atom_id_3 
_pdbx_validate_rmsd_angle.auth_asym_id_3 
_pdbx_validate_rmsd_angle.auth_comp_id_3 
_pdbx_validate_rmsd_angle.auth_seq_id_3 
_pdbx_validate_rmsd_angle.PDB_ins_code_3 
_pdbx_validate_rmsd_angle.label_alt_id_3 
_pdbx_validate_rmsd_angle.angle_value 
_pdbx_validate_rmsd_angle.angle_target_value 
_pdbx_validate_rmsd_angle.angle_deviation 
_pdbx_validate_rmsd_angle.angle_standard_deviation 
_pdbx_validate_rmsd_angle.linker_flag 
1 1 NH1 A ARG 44 ? ? CZ A ARG 44 ? ? NH2 A ARG 44 ? ? 101.38 119.40 -18.02 1.10 N 
2 1 NE  A ARG 44 ? ? CZ A ARG 44 ? ? NH2 A ARG 44 ? ? 135.69 120.30 15.39  0.50 N 
3 1 CB  A LYS 50 ? ? CG A LYS 50 ? ? CD  A LYS 50 ? ? 130.61 111.60 19.01  2.60 N 
4 1 CG  A LYS 51 ? ? CD A LYS 51 ? ? CE  A LYS 51 ? ? 130.36 111.90 18.46  3.00 N 
5 1 CD  A LYS 51 ? ? CE A LYS 51 ? ? NZ  A LYS 51 ? ? 97.71  111.70 -13.99 2.30 N 
# 
_pdbx_validate_torsion.id              1 
_pdbx_validate_torsion.PDB_model_num   1 
_pdbx_validate_torsion.auth_comp_id    PHE 
_pdbx_validate_torsion.auth_asym_id    A 
_pdbx_validate_torsion.auth_seq_id     25 
_pdbx_validate_torsion.PDB_ins_code    ? 
_pdbx_validate_torsion.label_alt_id    ? 
_pdbx_validate_torsion.phi             33.32 
_pdbx_validate_torsion.psi             68.38 
# 
loop_
_pdbx_validate_polymer_linkage.id 
_pdbx_validate_polymer_linkage.PDB_model_num 
_pdbx_validate_polymer_linkage.auth_atom_id_1 
_pdbx_validate_polymer_linkage.auth_asym_id_1 
_pdbx_validate_polymer_linkage.auth_comp_id_1 
_pdbx_validate_polymer_linkage.auth_seq_id_1 
_pdbx_validate_polymer_linkage.PDB_ins_code_1 
_pdbx_validate_polymer_linkage.label_alt_id_1 
_pdbx_validate_polymer_linkage.auth_atom_id_2 
_pdbx_validate_polymer_linkage.auth_asym_id_2 
_pdbx_validate_polymer_linkage.auth_comp_id_2 
_pdbx_validate_polymer_linkage.auth_seq_id_2 
_pdbx_validate_polymer_linkage.PDB_ins_code_2 
_pdbx_validate_polymer_linkage.label_alt_id_2 
_pdbx_validate_polymer_linkage.dist 
1 1 C A SER 91  ? B N A GLY 92  ? ? 1.66 
2 1 C A LEU 112 ? ? N A ASP 113 ? B 1.78 
3 1 C A ASP 113 ? B N A ASP 114 ? ? 1.92 
# 
loop_
_pdbx_struct_special_symmetry.id 
_pdbx_struct_special_symmetry.PDB_model_num 
_pdbx_struct_special_symmetry.auth_asym_id 
_pdbx_struct_special_symmetry.auth_comp_id 
_pdbx_struct_special_symmetry.auth_seq_id 
_pdbx_struct_special_symmetry.PDB_ins_code 
_pdbx_struct_special_symmetry.label_asym_id 
_pdbx_struct_special_symmetry.label_comp_id 
_pdbx_struct_special_symmetry.label_seq_id 
1 1 A HOH 234 ? B HOH . 
2 1 A HOH 237 ? B HOH . 
# 
loop_
_pdbx_unobs_or_zero_occ_residues.id 
_pdbx_unobs_or_zero_occ_residues.PDB_model_num 
_pdbx_unobs_or_zero_occ_residues.polymer_flag 
_pdbx_unobs_or_zero_occ_residues.occupancy_flag 
_pdbx_unobs_or_zero_occ_residues.auth_asym_id 
_pdbx_unobs_or_zero_occ_residues.auth_comp_id 
_pdbx_unobs_or_zero_occ_residues.auth_seq_id 
_pdbx_unobs_or_zero_occ_residues.PDB_ins_code 
_pdbx_unobs_or_zero_occ_residues.label_asym_id 
_pdbx_unobs_or_zero_occ_residues.label_comp_id 
_pdbx_unobs_or_zero_occ_residues.label_seq_id 
1 1 Y 1 A GLY -3 ? A GLY 1 
2 1 Y 1 A ALA -2 ? A ALA 2 
3 1 Y 1 A MET -1 ? A MET 3 
4 1 Y 1 A ASP 0  ? A ASP 4 
# 
loop_
_chem_comp_atom.comp_id 
_chem_comp_atom.atom_id 
_chem_comp_atom.type_symbol 
_chem_comp_atom.pdbx_aromatic_flag 
_chem_comp_atom.pdbx_stereo_config 
_chem_comp_atom.pdbx_ordinal 
ALA N    N N N 1   
ALA CA   C N S 2   
ALA C    C N N 3   
ALA O    O N N 4   
ALA CB   C N N 5   
ALA OXT  O N N 6   
ALA H    H N N 7   
ALA H2   H N N 8   
ALA HA   H N N 9   
ALA HB1  H N N 10  
ALA HB2  H N N 11  
ALA HB3  H N N 12  
ALA HXT  H N N 13  
ARG N    N N N 14  
ARG CA   C N S 15  
ARG C    C N N 16  
ARG O    O N N 17  
ARG CB   C N N 18  
ARG CG   C N N 19  
ARG CD   C N N 20  
ARG NE   N N N 21  
ARG CZ   C N N 22  
ARG NH1  N N N 23  
ARG NH2  N N N 24  
ARG OXT  O N N 25  
ARG H    H N N 26  
ARG H2   H N N 27  
ARG HA   H N N 28  
ARG HB2  H N N 29  
ARG HB3  H N N 30  
ARG HG2  H N N 31  
ARG HG3  H N N 32  
ARG HD2  H N N 33  
ARG HD3  H N N 34  
ARG HE   H N N 35  
ARG HH11 H N N 36  
ARG HH12 H N N 37  
ARG HH21 H N N 38  
ARG HH22 H N N 39  
ARG HXT  H N N 40  
ASN N    N N N 41  
ASN CA   C N S 42  
ASN C    C N N 43  
ASN O    O N N 44  
ASN CB   C N N 45  
ASN CG   C N N 46  
ASN OD1  O N N 47  
ASN ND2  N N N 48  
ASN OXT  O N N 49  
ASN H    H N N 50  
ASN H2   H N N 51  
ASN HA   H N N 52  
ASN HB2  H N N 53  
ASN HB3  H N N 54  
ASN HD21 H N N 55  
ASN HD22 H N N 56  
ASN HXT  H N N 57  
ASP N    N N N 58  
ASP CA   C N S 59  
ASP C    C N N 60  
ASP O    O N N 61  
ASP CB   C N N 62  
ASP CG   C N N 63  
ASP OD1  O N N 64  
ASP OD2  O N N 65  
ASP OXT  O N N 66  
ASP H    H N N 67  
ASP H2   H N N 68  
ASP HA   H N N 69  
ASP HB2  H N N 70  
ASP HB3  H N N 71  
ASP HD2  H N N 72  
ASP HXT  H N N 73  
CYS N    N N N 74  
CYS CA   C N R 75  
CYS C    C N N 76  
CYS O    O N N 77  
CYS CB   C N N 78  
CYS SG   S N N 79  
CYS OXT  O N N 80  
CYS H    H N N 81  
CYS H2   H N N 82  
CYS HA   H N N 83  
CYS HB2  H N N 84  
CYS HB3  H N N 85  
CYS HG   H N N 86  
CYS HXT  H N N 87  
GLN N    N N N 88  
GLN CA   C N S 89  
GLN C    C N N 90  
GLN O    O N N 91  
GLN CB   C N N 92  
GLN CG   C N N 93  
GLN CD   C N N 94  
GLN OE1  O N N 95  
GLN NE2  N N N 96  
GLN OXT  O N N 97  
GLN H    H N N 98  
GLN H2   H N N 99  
GLN HA   H N N 100 
GLN HB2  H N N 101 
GLN HB3  H N N 102 
GLN HG2  H N N 103 
GLN HG3  H N N 104 
GLN HE21 H N N 105 
GLN HE22 H N N 106 
GLN HXT  H N N 107 
GLU N    N N N 108 
GLU CA   C N S 109 
GLU C    C N N 110 
GLU O    O N N 111 
GLU CB   C N N 112 
GLU CG   C N N 113 
GLU CD   C N N 114 
GLU OE1  O N N 115 
GLU OE2  O N N 116 
GLU OXT  O N N 117 
GLU H    H N N 118 
GLU H2   H N N 119 
GLU HA   H N N 120 
GLU HB2  H N N 121 
GLU HB3  H N N 122 
GLU HG2  H N N 123 
GLU HG3  H N N 124 
GLU HE2  H N N 125 
GLU HXT  H N N 126 
GLY N    N N N 127 
GLY CA   C N N 128 
GLY C    C N N 129 
GLY O    O N N 130 
GLY OXT  O N N 131 
GLY H    H N N 132 
GLY H2   H N N 133 
GLY HA2  H N N 134 
GLY HA3  H N N 135 
GLY HXT  H N N 136 
HIS N    N N N 137 
HIS CA   C N S 138 
HIS C    C N N 139 
HIS O    O N N 140 
HIS CB   C N N 141 
HIS CG   C Y N 142 
HIS ND1  N Y N 143 
HIS CD2  C Y N 144 
HIS CE1  C Y N 145 
HIS NE2  N Y N 146 
HIS OXT  O N N 147 
HIS H    H N N 148 
HIS H2   H N N 149 
HIS HA   H N N 150 
HIS HB2  H N N 151 
HIS HB3  H N N 152 
HIS HD1  H N N 153 
HIS HD2  H N N 154 
HIS HE1  H N N 155 
HIS HE2  H N N 156 
HIS HXT  H N N 157 
HOH O    O N N 158 
HOH H1   H N N 159 
HOH H2   H N N 160 
ILE N    N N N 161 
ILE CA   C N S 162 
ILE C    C N N 163 
ILE O    O N N 164 
ILE CB   C N S 165 
ILE CG1  C N N 166 
ILE CG2  C N N 167 
ILE CD1  C N N 168 
ILE OXT  O N N 169 
ILE H    H N N 170 
ILE H2   H N N 171 
ILE HA   H N N 172 
ILE HB   H N N 173 
ILE HG12 H N N 174 
ILE HG13 H N N 175 
ILE HG21 H N N 176 
ILE HG22 H N N 177 
ILE HG23 H N N 178 
ILE HD11 H N N 179 
ILE HD12 H N N 180 
ILE HD13 H N N 181 
ILE HXT  H N N 182 
LEU N    N N N 183 
LEU CA   C N S 184 
LEU C    C N N 185 
LEU O    O N N 186 
LEU CB   C N N 187 
LEU CG   C N N 188 
LEU CD1  C N N 189 
LEU CD2  C N N 190 
LEU OXT  O N N 191 
LEU H    H N N 192 
LEU H2   H N N 193 
LEU HA   H N N 194 
LEU HB2  H N N 195 
LEU HB3  H N N 196 
LEU HG   H N N 197 
LEU HD11 H N N 198 
LEU HD12 H N N 199 
LEU HD13 H N N 200 
LEU HD21 H N N 201 
LEU HD22 H N N 202 
LEU HD23 H N N 203 
LEU HXT  H N N 204 
LYS N    N N N 205 
LYS CA   C N S 206 
LYS C    C N N 207 
LYS O    O N N 208 
LYS CB   C N N 209 
LYS CG   C N N 210 
LYS CD   C N N 211 
LYS CE   C N N 212 
LYS NZ   N N N 213 
LYS OXT  O N N 214 
LYS H    H N N 215 
LYS H2   H N N 216 
LYS HA   H N N 217 
LYS HB2  H N N 218 
LYS HB3  H N N 219 
LYS HG2  H N N 220 
LYS HG3  H N N 221 
LYS HD2  H N N 222 
LYS HD3  H N N 223 
LYS HE2  H N N 224 
LYS HE3  H N N 225 
LYS HZ1  H N N 226 
LYS HZ2  H N N 227 
LYS HZ3  H N N 228 
LYS HXT  H N N 229 
MET N    N N N 230 
MET CA   C N S 231 
MET C    C N N 232 
MET O    O N N 233 
MET CB   C N N 234 
MET CG   C N N 235 
MET SD   S N N 236 
MET CE   C N N 237 
MET OXT  O N N 238 
MET H    H N N 239 
MET H2   H N N 240 
MET HA   H N N 241 
MET HB2  H N N 242 
MET HB3  H N N 243 
MET HG2  H N N 244 
MET HG3  H N N 245 
MET HE1  H N N 246 
MET HE2  H N N 247 
MET HE3  H N N 248 
MET HXT  H N N 249 
PHE N    N N N 250 
PHE CA   C N S 251 
PHE C    C N N 252 
PHE O    O N N 253 
PHE CB   C N N 254 
PHE CG   C Y N 255 
PHE CD1  C Y N 256 
PHE CD2  C Y N 257 
PHE CE1  C Y N 258 
PHE CE2  C Y N 259 
PHE CZ   C Y N 260 
PHE OXT  O N N 261 
PHE H    H N N 262 
PHE H2   H N N 263 
PHE HA   H N N 264 
PHE HB2  H N N 265 
PHE HB3  H N N 266 
PHE HD1  H N N 267 
PHE HD2  H N N 268 
PHE HE1  H N N 269 
PHE HE2  H N N 270 
PHE HZ   H N N 271 
PHE HXT  H N N 272 
PRO N    N N N 273 
PRO CA   C N S 274 
PRO C    C N N 275 
PRO O    O N N 276 
PRO CB   C N N 277 
PRO CG   C N N 278 
PRO CD   C N N 279 
PRO OXT  O N N 280 
PRO H    H N N 281 
PRO HA   H N N 282 
PRO HB2  H N N 283 
PRO HB3  H N N 284 
PRO HG2  H N N 285 
PRO HG3  H N N 286 
PRO HD2  H N N 287 
PRO HD3  H N N 288 
PRO HXT  H N N 289 
SER N    N N N 290 
SER CA   C N S 291 
SER C    C N N 292 
SER O    O N N 293 
SER CB   C N N 294 
SER OG   O N N 295 
SER OXT  O N N 296 
SER H    H N N 297 
SER H2   H N N 298 
SER HA   H N N 299 
SER HB2  H N N 300 
SER HB3  H N N 301 
SER HG   H N N 302 
SER HXT  H N N 303 
THR N    N N N 304 
THR CA   C N S 305 
THR C    C N N 306 
THR O    O N N 307 
THR CB   C N R 308 
THR OG1  O N N 309 
THR CG2  C N N 310 
THR OXT  O N N 311 
THR H    H N N 312 
THR H2   H N N 313 
THR HA   H N N 314 
THR HB   H N N 315 
THR HG1  H N N 316 
THR HG21 H N N 317 
THR HG22 H N N 318 
THR HG23 H N N 319 
THR HXT  H N N 320 
TYR N    N N N 321 
TYR CA   C N S 322 
TYR C    C N N 323 
TYR O    O N N 324 
TYR CB   C N N 325 
TYR CG   C Y N 326 
TYR CD1  C Y N 327 
TYR CD2  C Y N 328 
TYR CE1  C Y N 329 
TYR CE2  C Y N 330 
TYR CZ   C Y N 331 
TYR OH   O N N 332 
TYR OXT  O N N 333 
TYR H    H N N 334 
TYR H2   H N N 335 
TYR HA   H N N 336 
TYR HB2  H N N 337 
TYR HB3  H N N 338 
TYR HD1  H N N 339 
TYR HD2  H N N 340 
TYR HE1  H N N 341 
TYR HE2  H N N 342 
TYR HH   H N N 343 
TYR HXT  H N N 344 
VAL N    N N N 345 
VAL CA   C N S 346 
VAL C    C N N 347 
VAL O    O N N 348 
VAL CB   C N N 349 
VAL CG1  C N N 350 
VAL CG2  C N N 351 
VAL OXT  O N N 352 
VAL H    H N N 353 
VAL H2   H N N 354 
VAL HA   H N N 355 
VAL HB   H N N 356 
VAL HG11 H N N 357 
VAL HG12 H N N 358 
VAL HG13 H N N 359 
VAL HG21 H N N 360 
VAL HG22 H N N 361 
VAL HG23 H N N 362 
VAL HXT  H N N 363 
# 
loop_
_chem_comp_bond.comp_id 
_chem_comp_bond.atom_id_1 
_chem_comp_bond.atom_id_2 
_chem_comp_bond.value_order 
_chem_comp_bond.pdbx_aromatic_flag 
_chem_comp_bond.pdbx_stereo_config 
_chem_comp_bond.pdbx_ordinal 
ALA N   CA   sing N N 1   
ALA N   H    sing N N 2   
ALA N   H2   sing N N 3   
ALA CA  C    sing N N 4   
ALA CA  CB   sing N N 5   
ALA CA  HA   sing N N 6   
ALA C   O    doub N N 7   
ALA C   OXT  sing N N 8   
ALA CB  HB1  sing N N 9   
ALA CB  HB2  sing N N 10  
ALA CB  HB3  sing N N 11  
ALA OXT HXT  sing N N 12  
ARG N   CA   sing N N 13  
ARG N   H    sing N N 14  
ARG N   H2   sing N N 15  
ARG CA  C    sing N N 16  
ARG CA  CB   sing N N 17  
ARG CA  HA   sing N N 18  
ARG C   O    doub N N 19  
ARG C   OXT  sing N N 20  
ARG CB  CG   sing N N 21  
ARG CB  HB2  sing N N 22  
ARG CB  HB3  sing N N 23  
ARG CG  CD   sing N N 24  
ARG CG  HG2  sing N N 25  
ARG CG  HG3  sing N N 26  
ARG CD  NE   sing N N 27  
ARG CD  HD2  sing N N 28  
ARG CD  HD3  sing N N 29  
ARG NE  CZ   sing N N 30  
ARG NE  HE   sing N N 31  
ARG CZ  NH1  sing N N 32  
ARG CZ  NH2  doub N N 33  
ARG NH1 HH11 sing N N 34  
ARG NH1 HH12 sing N N 35  
ARG NH2 HH21 sing N N 36  
ARG NH2 HH22 sing N N 37  
ARG OXT HXT  sing N N 38  
ASN N   CA   sing N N 39  
ASN N   H    sing N N 40  
ASN N   H2   sing N N 41  
ASN CA  C    sing N N 42  
ASN CA  CB   sing N N 43  
ASN CA  HA   sing N N 44  
ASN C   O    doub N N 45  
ASN C   OXT  sing N N 46  
ASN CB  CG   sing N N 47  
ASN CB  HB2  sing N N 48  
ASN CB  HB3  sing N N 49  
ASN CG  OD1  doub N N 50  
ASN CG  ND2  sing N N 51  
ASN ND2 HD21 sing N N 52  
ASN ND2 HD22 sing N N 53  
ASN OXT HXT  sing N N 54  
ASP N   CA   sing N N 55  
ASP N   H    sing N N 56  
ASP N   H2   sing N N 57  
ASP CA  C    sing N N 58  
ASP CA  CB   sing N N 59  
ASP CA  HA   sing N N 60  
ASP C   O    doub N N 61  
ASP C   OXT  sing N N 62  
ASP CB  CG   sing N N 63  
ASP CB  HB2  sing N N 64  
ASP CB  HB3  sing N N 65  
ASP CG  OD1  doub N N 66  
ASP CG  OD2  sing N N 67  
ASP OD2 HD2  sing N N 68  
ASP OXT HXT  sing N N 69  
CYS N   CA   sing N N 70  
CYS N   H    sing N N 71  
CYS N   H2   sing N N 72  
CYS CA  C    sing N N 73  
CYS CA  CB   sing N N 74  
CYS CA  HA   sing N N 75  
CYS C   O    doub N N 76  
CYS C   OXT  sing N N 77  
CYS CB  SG   sing N N 78  
CYS CB  HB2  sing N N 79  
CYS CB  HB3  sing N N 80  
CYS SG  HG   sing N N 81  
CYS OXT HXT  sing N N 82  
GLN N   CA   sing N N 83  
GLN N   H    sing N N 84  
GLN N   H2   sing N N 85  
GLN CA  C    sing N N 86  
GLN CA  CB   sing N N 87  
GLN CA  HA   sing N N 88  
GLN C   O    doub N N 89  
GLN C   OXT  sing N N 90  
GLN CB  CG   sing N N 91  
GLN CB  HB2  sing N N 92  
GLN CB  HB3  sing N N 93  
GLN CG  CD   sing N N 94  
GLN CG  HG2  sing N N 95  
GLN CG  HG3  sing N N 96  
GLN CD  OE1  doub N N 97  
GLN CD  NE2  sing N N 98  
GLN NE2 HE21 sing N N 99  
GLN NE2 HE22 sing N N 100 
GLN OXT HXT  sing N N 101 
GLU N   CA   sing N N 102 
GLU N   H    sing N N 103 
GLU N   H2   sing N N 104 
GLU CA  C    sing N N 105 
GLU CA  CB   sing N N 106 
GLU CA  HA   sing N N 107 
GLU C   O    doub N N 108 
GLU C   OXT  sing N N 109 
GLU CB  CG   sing N N 110 
GLU CB  HB2  sing N N 111 
GLU CB  HB3  sing N N 112 
GLU CG  CD   sing N N 113 
GLU CG  HG2  sing N N 114 
GLU CG  HG3  sing N N 115 
GLU CD  OE1  doub N N 116 
GLU CD  OE2  sing N N 117 
GLU OE2 HE2  sing N N 118 
GLU OXT HXT  sing N N 119 
GLY N   CA   sing N N 120 
GLY N   H    sing N N 121 
GLY N   H2   sing N N 122 
GLY CA  C    sing N N 123 
GLY CA  HA2  sing N N 124 
GLY CA  HA3  sing N N 125 
GLY C   O    doub N N 126 
GLY C   OXT  sing N N 127 
GLY OXT HXT  sing N N 128 
HIS N   CA   sing N N 129 
HIS N   H    sing N N 130 
HIS N   H2   sing N N 131 
HIS CA  C    sing N N 132 
HIS CA  CB   sing N N 133 
HIS CA  HA   sing N N 134 
HIS C   O    doub N N 135 
HIS C   OXT  sing N N 136 
HIS CB  CG   sing N N 137 
HIS CB  HB2  sing N N 138 
HIS CB  HB3  sing N N 139 
HIS CG  ND1  sing Y N 140 
HIS CG  CD2  doub Y N 141 
HIS ND1 CE1  doub Y N 142 
HIS ND1 HD1  sing N N 143 
HIS CD2 NE2  sing Y N 144 
HIS CD2 HD2  sing N N 145 
HIS CE1 NE2  sing Y N 146 
HIS CE1 HE1  sing N N 147 
HIS NE2 HE2  sing N N 148 
HIS OXT HXT  sing N N 149 
HOH O   H1   sing N N 150 
HOH O   H2   sing N N 151 
ILE N   CA   sing N N 152 
ILE N   H    sing N N 153 
ILE N   H2   sing N N 154 
ILE CA  C    sing N N 155 
ILE CA  CB   sing N N 156 
ILE CA  HA   sing N N 157 
ILE C   O    doub N N 158 
ILE C   OXT  sing N N 159 
ILE CB  CG1  sing N N 160 
ILE CB  CG2  sing N N 161 
ILE CB  HB   sing N N 162 
ILE CG1 CD1  sing N N 163 
ILE CG1 HG12 sing N N 164 
ILE CG1 HG13 sing N N 165 
ILE CG2 HG21 sing N N 166 
ILE CG2 HG22 sing N N 167 
ILE CG2 HG23 sing N N 168 
ILE CD1 HD11 sing N N 169 
ILE CD1 HD12 sing N N 170 
ILE CD1 HD13 sing N N 171 
ILE OXT HXT  sing N N 172 
LEU N   CA   sing N N 173 
LEU N   H    sing N N 174 
LEU N   H2   sing N N 175 
LEU CA  C    sing N N 176 
LEU CA  CB   sing N N 177 
LEU CA  HA   sing N N 178 
LEU C   O    doub N N 179 
LEU C   OXT  sing N N 180 
LEU CB  CG   sing N N 181 
LEU CB  HB2  sing N N 182 
LEU CB  HB3  sing N N 183 
LEU CG  CD1  sing N N 184 
LEU CG  CD2  sing N N 185 
LEU CG  HG   sing N N 186 
LEU CD1 HD11 sing N N 187 
LEU CD1 HD12 sing N N 188 
LEU CD1 HD13 sing N N 189 
LEU CD2 HD21 sing N N 190 
LEU CD2 HD22 sing N N 191 
LEU CD2 HD23 sing N N 192 
LEU OXT HXT  sing N N 193 
LYS N   CA   sing N N 194 
LYS N   H    sing N N 195 
LYS N   H2   sing N N 196 
LYS CA  C    sing N N 197 
LYS CA  CB   sing N N 198 
LYS CA  HA   sing N N 199 
LYS C   O    doub N N 200 
LYS C   OXT  sing N N 201 
LYS CB  CG   sing N N 202 
LYS CB  HB2  sing N N 203 
LYS CB  HB3  sing N N 204 
LYS CG  CD   sing N N 205 
LYS CG  HG2  sing N N 206 
LYS CG  HG3  sing N N 207 
LYS CD  CE   sing N N 208 
LYS CD  HD2  sing N N 209 
LYS CD  HD3  sing N N 210 
LYS CE  NZ   sing N N 211 
LYS CE  HE2  sing N N 212 
LYS CE  HE3  sing N N 213 
LYS NZ  HZ1  sing N N 214 
LYS NZ  HZ2  sing N N 215 
LYS NZ  HZ3  sing N N 216 
LYS OXT HXT  sing N N 217 
MET N   CA   sing N N 218 
MET N   H    sing N N 219 
MET N   H2   sing N N 220 
MET CA  C    sing N N 221 
MET CA  CB   sing N N 222 
MET CA  HA   sing N N 223 
MET C   O    doub N N 224 
MET C   OXT  sing N N 225 
MET CB  CG   sing N N 226 
MET CB  HB2  sing N N 227 
MET CB  HB3  sing N N 228 
MET CG  SD   sing N N 229 
MET CG  HG2  sing N N 230 
MET CG  HG3  sing N N 231 
MET SD  CE   sing N N 232 
MET CE  HE1  sing N N 233 
MET CE  HE2  sing N N 234 
MET CE  HE3  sing N N 235 
MET OXT HXT  sing N N 236 
PHE N   CA   sing N N 237 
PHE N   H    sing N N 238 
PHE N   H2   sing N N 239 
PHE CA  C    sing N N 240 
PHE CA  CB   sing N N 241 
PHE CA  HA   sing N N 242 
PHE C   O    doub N N 243 
PHE C   OXT  sing N N 244 
PHE CB  CG   sing N N 245 
PHE CB  HB2  sing N N 246 
PHE CB  HB3  sing N N 247 
PHE CG  CD1  doub Y N 248 
PHE CG  CD2  sing Y N 249 
PHE CD1 CE1  sing Y N 250 
PHE CD1 HD1  sing N N 251 
PHE CD2 CE2  doub Y N 252 
PHE CD2 HD2  sing N N 253 
PHE CE1 CZ   doub Y N 254 
PHE CE1 HE1  sing N N 255 
PHE CE2 CZ   sing Y N 256 
PHE CE2 HE2  sing N N 257 
PHE CZ  HZ   sing N N 258 
PHE OXT HXT  sing N N 259 
PRO N   CA   sing N N 260 
PRO N   CD   sing N N 261 
PRO N   H    sing N N 262 
PRO CA  C    sing N N 263 
PRO CA  CB   sing N N 264 
PRO CA  HA   sing N N 265 
PRO C   O    doub N N 266 
PRO C   OXT  sing N N 267 
PRO CB  CG   sing N N 268 
PRO CB  HB2  sing N N 269 
PRO CB  HB3  sing N N 270 
PRO CG  CD   sing N N 271 
PRO CG  HG2  sing N N 272 
PRO CG  HG3  sing N N 273 
PRO CD  HD2  sing N N 274 
PRO CD  HD3  sing N N 275 
PRO OXT HXT  sing N N 276 
SER N   CA   sing N N 277 
SER N   H    sing N N 278 
SER N   H2   sing N N 279 
SER CA  C    sing N N 280 
SER CA  CB   sing N N 281 
SER CA  HA   sing N N 282 
SER C   O    doub N N 283 
SER C   OXT  sing N N 284 
SER CB  OG   sing N N 285 
SER CB  HB2  sing N N 286 
SER CB  HB3  sing N N 287 
SER OG  HG   sing N N 288 
SER OXT HXT  sing N N 289 
THR N   CA   sing N N 290 
THR N   H    sing N N 291 
THR N   H2   sing N N 292 
THR CA  C    sing N N 293 
THR CA  CB   sing N N 294 
THR CA  HA   sing N N 295 
THR C   O    doub N N 296 
THR C   OXT  sing N N 297 
THR CB  OG1  sing N N 298 
THR CB  CG2  sing N N 299 
THR CB  HB   sing N N 300 
THR OG1 HG1  sing N N 301 
THR CG2 HG21 sing N N 302 
THR CG2 HG22 sing N N 303 
THR CG2 HG23 sing N N 304 
THR OXT HXT  sing N N 305 
TYR N   CA   sing N N 306 
TYR N   H    sing N N 307 
TYR N   H2   sing N N 308 
TYR CA  C    sing N N 309 
TYR CA  CB   sing N N 310 
TYR CA  HA   sing N N 311 
TYR C   O    doub N N 312 
TYR C   OXT  sing N N 313 
TYR CB  CG   sing N N 314 
TYR CB  HB2  sing N N 315 
TYR CB  HB3  sing N N 316 
TYR CG  CD1  doub Y N 317 
TYR CG  CD2  sing Y N 318 
TYR CD1 CE1  sing Y N 319 
TYR CD1 HD1  sing N N 320 
TYR CD2 CE2  doub Y N 321 
TYR CD2 HD2  sing N N 322 
TYR CE1 CZ   doub Y N 323 
TYR CE1 HE1  sing N N 324 
TYR CE2 CZ   sing Y N 325 
TYR CE2 HE2  sing N N 326 
TYR CZ  OH   sing N N 327 
TYR OH  HH   sing N N 328 
TYR OXT HXT  sing N N 329 
VAL N   CA   sing N N 330 
VAL N   H    sing N N 331 
VAL N   H2   sing N N 332 
VAL CA  C    sing N N 333 
VAL CA  CB   sing N N 334 
VAL CA  HA   sing N N 335 
VAL C   O    doub N N 336 
VAL C   OXT  sing N N 337 
VAL CB  CG1  sing N N 338 
VAL CB  CG2  sing N N 339 
VAL CB  HB   sing N N 340 
VAL CG1 HG11 sing N N 341 
VAL CG1 HG12 sing N N 342 
VAL CG1 HG13 sing N N 343 
VAL CG2 HG21 sing N N 344 
VAL CG2 HG22 sing N N 345 
VAL CG2 HG23 sing N N 346 
VAL OXT HXT  sing N N 347 
# 
_pdbx_initial_refinement_model.id               1 
_pdbx_initial_refinement_model.entity_id_list   ? 
_pdbx_initial_refinement_model.type             'experimental model' 
_pdbx_initial_refinement_model.source_name      PDB 
_pdbx_initial_refinement_model.accession_code   1X90 
_pdbx_initial_refinement_model.details          'PDB ENTRY 1X90 CHAIN A' 
# 
_atom_sites.entry_id                    1X91 
_atom_sites.fract_transf_matrix[1][1]   -0.00892045 
_atom_sites.fract_transf_matrix[1][2]   -0.00235683 
_atom_sites.fract_transf_matrix[1][3]   0.00063089 
_atom_sites.fract_transf_matrix[2][1]   0.00034312 
_atom_sites.fract_transf_matrix[2][2]   -0.00533934 
_atom_sites.fract_transf_matrix[2][3]   -0.01509483 
_atom_sites.fract_transf_matrix[3][1]   0.00834130 
_atom_sites.fract_transf_matrix[3][2]   -0.03966637 
_atom_sites.fract_transf_matrix[3][3]   0.01422039 
_atom_sites.fract_transf_vector[1]      0.358418 
_atom_sites.fract_transf_vector[2]      0.447124 
_atom_sites.fract_transf_vector[3]      0.186259 
# 
loop_
_atom_type.symbol 
C 
N 
O 
S 
# 
loop_
_atom_site.group_PDB 
_atom_site.id 
_atom_site.type_symbol 
_atom_site.label_atom_id 
_atom_site.label_alt_id 
_atom_site.label_comp_id 
_atom_site.label_asym_id 
_atom_site.label_entity_id 
_atom_site.label_seq_id 
_atom_site.pdbx_PDB_ins_code 
_atom_site.Cartn_x 
_atom_site.Cartn_y 
_atom_site.Cartn_z 
_atom_site.occupancy 
_atom_site.B_iso_or_equiv 
_atom_site.pdbx_formal_charge 
_atom_site.auth_seq_id 
_atom_site.auth_comp_id 
_atom_site.auth_asym_id 
_atom_site.auth_atom_id 
_atom_site.pdbx_PDB_model_num 
ATOM   1    N N   . SER A 1 5   ? -2.305  17.673  21.700  1.00 38.83 ? 1   SER A N   1 
ATOM   2    C CA  . SER A 1 5   ? -1.679  17.181  20.443  1.00 38.35 ? 1   SER A CA  1 
ATOM   3    C C   . SER A 1 5   ? -2.393  15.927  19.921  1.00 36.81 ? 1   SER A C   1 
ATOM   4    O O   . SER A 1 5   ? -2.408  14.885  20.587  1.00 37.81 ? 1   SER A O   1 
ATOM   5    C CB  . SER A 1 5   ? -0.199  16.873  20.679  1.00 38.64 ? 1   SER A CB  1 
ATOM   6    O OG  . SER A 1 5   ? 0.587   18.064  20.646  1.00 42.16 ? 1   SER A OG  1 
ATOM   7    N N   . SER A 1 6   ? -2.955  16.032  18.719  1.00 34.84 ? 2   SER A N   1 
ATOM   8    C CA  . SER A 1 6   ? -3.575  14.887  18.050  1.00 31.82 ? 2   SER A CA  1 
ATOM   9    C C   . SER A 1 6   ? -2.569  13.770  17.783  1.00 30.18 ? 2   SER A C   1 
ATOM   10   O O   . SER A 1 6   ? -1.375  14.009  17.630  1.00 28.55 ? 2   SER A O   1 
ATOM   11   C CB  . SER A 1 6   ? -4.208  15.331  16.722  1.00 32.46 ? 2   SER A CB  1 
ATOM   12   O OG  . SER A 1 6   ? -3.212  15.592  15.732  1.00 29.12 ? 2   SER A OG  1 
ATOM   13   N N   . GLU A 1 7   ? -3.072  12.543  17.696  1.00 27.79 ? 3   GLU A N   1 
ATOM   14   C CA  . GLU A 1 7   ? -2.235  11.400  17.341  1.00 26.54 ? 3   GLU A CA  1 
ATOM   15   C C   . GLU A 1 7   ? -1.639  11.638  15.965  1.00 24.91 ? 3   GLU A C   1 
ATOM   16   O O   . GLU A 1 7   ? -0.477  11.372  15.741  1.00 24.66 ? 3   GLU A O   1 
ATOM   17   C CB  . GLU A 1 7   ? -3.050  10.099  17.336  1.00 26.54 ? 3   GLU A CB  1 
ATOM   18   C CG  . GLU A 1 7   ? -3.600  9.692   18.702  1.00 29.54 ? 3   GLU A CG  1 
ATOM   19   C CD  . GLU A 1 7   ? -2.543  9.029   19.595  1.00 31.62 ? 3   GLU A CD  1 
ATOM   20   O OE1 . GLU A 1 7   ? -1.982  7.992   19.105  0.00 31.50 ? 3   GLU A OE1 1 
ATOM   21   O OE2 . GLU A 1 7   ? -2.358  9.523   20.633  0.00 31.50 ? 3   GLU A OE2 1 
ATOM   22   N N   . MET A 1 8   ? -2.458  12.125  15.024  1.00 23.18 ? 4   MET A N   1 
ATOM   23   C CA  . MET A 1 8   ? -2.001  12.358  13.658  1.00 21.56 ? 4   MET A CA  1 
ATOM   24   C C   . MET A 1 8   ? -0.755  13.228  13.601  1.00 22.10 ? 4   MET A C   1 
ATOM   25   O O   . MET A 1 8   ? 0.147   13.017  12.747  1.00 20.43 ? 4   MET A O   1 
ATOM   26   C CB  . MET A 1 8   ? -3.119  13.034  12.870  1.00 21.31 ? 4   MET A CB  1 
ATOM   27   C CG  . MET A 1 8   ? -2.785  13.328  11.433  1.00 17.71 ? 4   MET A CG  1 
ATOM   28   S SD  . MET A 1 8   ? -1.937  14.952  11.368  0.00 19.60 ? 4   MET A SD  1 
ATOM   29   C CE  . MET A 1 8   ? -3.181  16.200  12.007  1.00 23.84 ? 4   MET A CE  1 
ATOM   30   N N   . SER A 1 9   ? -0.704  14.238  14.463  1.00 22.31 ? 5   SER A N   1 
ATOM   31   C CA  . SER A 1 9   ? 0.392   15.209  14.380  1.00 22.65 ? 5   SER A CA  1 
ATOM   32   C C   . SER A 1 9   ? 1.779   14.618  14.656  1.00 23.01 ? 5   SER A C   1 
ATOM   33   O O   . SER A 1 9   ? 2.790   15.267  14.315  1.00 21.88 ? 5   SER A O   1 
ATOM   34   C CB  . SER A 1 9   ? 0.150   16.437  15.288  1.00 23.18 ? 5   SER A CB  1 
ATOM   35   O OG  . SER A 1 9   ? 0.252   16.104  16.680  1.00 24.44 ? 5   SER A OG  1 
ATOM   36   N N   . THR A 1 10  ? 1.834   13.439  15.289  1.00 23.54 ? 6   THR A N   1 
ATOM   37   C CA  . THR A 1 10  ? 3.097   12.759  15.592  1.00 24.18 ? 6   THR A CA  1 
ATOM   38   C C   . THR A 1 10  ? 3.194   11.317  15.138  1.00 23.91 ? 6   THR A C   1 
ATOM   39   O O   . THR A 1 10  ? 4.207   10.671  15.402  1.00 24.67 ? 6   THR A O   1 
ATOM   40   C CB  . THR A 1 10  ? 3.430   12.808  17.104  1.00 24.45 ? 6   THR A CB  1 
ATOM   41   O OG1 . THR A 1 10  ? 2.406   12.164  17.886  1.00 26.32 ? 6   THR A OG1 1 
ATOM   42   C CG2 . THR A 1 10  ? 3.461   14.269  17.614  1.00 27.06 ? 6   THR A CG2 1 
ATOM   43   N N   . ILE A 1 11  ? 2.190   10.817  14.429  1.00 23.26 ? 7   ILE A N   1 
ATOM   44   C CA  . ILE A 1 11  ? 2.102   9.396   14.063  1.00 22.35 ? 7   ILE A CA  1 
ATOM   45   C C   . ILE A 1 11  ? 3.263   8.802   13.222  1.00 20.44 ? 7   ILE A C   1 
ATOM   46   O O   . ILE A 1 11  ? 3.472   7.595   13.159  1.00 19.76 ? 7   ILE A O   1 
ATOM   47   C CB  . ILE A 1 11  ? 0.754   9.209   13.322  1.00 22.89 ? 7   ILE A CB  1 
ATOM   48   C CG1 . ILE A 1 11  ? 0.248   7.771   13.430  1.00 25.61 ? 7   ILE A CG1 1 
ATOM   49   C CG2 . ILE A 1 11  ? 0.880   9.623   11.844  1.00 23.85 ? 7   ILE A CG2 1 
ATOM   50   C CD1 . ILE A 1 11  ? -1.106  7.569   12.776  1.00 26.03 ? 7   ILE A CD1 1 
ATOM   51   N N   . CYS A 1 12  ? 4.033   9.655   12.568  1.00 19.51 ? 8   CYS A N   1 
ATOM   52   C CA  . CYS A 1 12  ? 5.060   9.207   11.689  1.00 18.90 ? 8   CYS A CA  1 
ATOM   53   C C   . CYS A 1 12  ? 6.182   8.493   12.386  1.00 20.20 ? 8   CYS A C   1 
ATOM   54   O O   . CYS A 1 12  ? 6.877   7.711   11.762  1.00 20.83 ? 8   CYS A O   1 
ATOM   55   C CB  . CYS A 1 12  ? 5.550   10.361  10.841  1.00 18.55 ? 8   CYS A CB  1 
ATOM   56   S SG  . CYS A 1 12  ? 4.230   10.866  9.689   1.00 17.11 ? 8   CYS A SG  1 
ATOM   57   N N   . ASP A 1 13  ? 6.342   8.743   13.693  1.00 21.11 ? 9   ASP A N   1 
ATOM   58   C CA  . ASP A 1 13  ? 7.396   8.068   14.455  1.00 22.71 ? 9   ASP A CA  1 
ATOM   59   C C   . ASP A 1 13  ? 7.230   6.557   14.586  1.00 23.20 ? 9   ASP A C   1 
ATOM   60   O O   . ASP A 1 13  ? 8.171   5.862   14.986  1.00 23.62 ? 9   ASP A O   1 
ATOM   61   C CB  . ASP A 1 13  ? 7.648   8.758   15.823  1.00 23.13 ? 9   ASP A CB  1 
ATOM   62   C CG  . ASP A 1 13  ? 6.431   8.838   16.721  1.00 25.11 ? 9   ASP A CG  1 
ATOM   63   O OD1 . ASP A 1 13  ? 5.456   8.054   16.575  1.00 26.55 ? 9   ASP A OD1 1 
ATOM   64   O OD2 . ASP A 1 13  ? 6.368   9.683   17.665  1.00 24.42 ? 9   ASP A OD2 1 
ATOM   65   N N   . LYS A 1 14  ? 6.068   6.048   14.182  1.00 23.20 ? 10  LYS A N   1 
ATOM   66   C CA  . LYS A 1 14  ? 5.747   4.638   14.277  1.00 24.10 ? 10  LYS A CA  1 
ATOM   67   C C   . LYS A 1 14  ? 5.838   3.895   12.945  1.00 24.71 ? 10  LYS A C   1 
ATOM   68   O O   . LYS A 1 14  ? 5.428   2.725   12.847  1.00 25.11 ? 10  LYS A O   1 
ATOM   69   C CB  . LYS A 1 14  ? 4.369   4.515   14.883  1.00 23.74 ? 10  LYS A CB  1 
ATOM   70   C CG  . LYS A 1 14  ? 4.351   4.834   16.384  1.00 24.74 ? 10  LYS A CG  1 
ATOM   71   C CD  . LYS A 1 14  ? 2.965   4.927   16.920  1.00 25.85 ? 10  LYS A CD  1 
ATOM   72   C CE  . LYS A 1 14  ? 2.294   6.271   16.606  1.00 26.61 ? 10  LYS A CE  1 
ATOM   73   N NZ  . LYS A 1 14  ? 2.847   7.464   17.349  1.00 30.52 ? 10  LYS A NZ  1 
ATOM   74   N N   . THR A 1 15  ? 6.443   4.539   11.951  1.00 25.04 ? 11  THR A N   1 
ATOM   75   C CA  . THR A 1 15  ? 6.609   3.977   10.594  1.00 25.28 ? 11  THR A CA  1 
ATOM   76   C C   . THR A 1 15  ? 8.062   3.720   10.207  1.00 24.71 ? 11  THR A C   1 
ATOM   77   O O   . THR A 1 15  ? 8.967   4.245   10.829  1.00 25.85 ? 11  THR A O   1 
ATOM   78   C CB  . THR A 1 15  ? 5.934   4.938   9.548   1.00 26.08 ? 11  THR A CB  1 
ATOM   79   O OG1 . THR A 1 15  ? 6.662   6.171   9.452   1.00 26.60 ? 11  THR A OG1 1 
ATOM   80   C CG2 . THR A 1 15  ? 4.550   5.336   9.996   1.00 24.59 ? 11  THR A CG2 1 
ATOM   81   N N   . LEU A 1 16  ? 8.282   2.901   9.158   1.00 25.22 ? 12  LEU A N   1 
ATOM   82   C CA  . LEU A 1 16  ? 9.623   2.560   8.671   1.00 24.63 ? 12  LEU A CA  1 
ATOM   83   C C   . LEU A 1 16  ? 10.307  3.658   7.895   1.00 24.42 ? 12  LEU A C   1 
ATOM   84   O O   . LEU A 1 16  ? 11.543  3.722   7.857   1.00 24.89 ? 12  LEU A O   1 
ATOM   85   C CB  . LEU A 1 16  ? 9.589   1.298   7.781   1.00 24.99 ? 12  LEU A CB  1 
ATOM   86   C CG  . LEU A 1 16  ? 9.812   -0.078  8.430   1.00 25.98 ? 12  LEU A CG  1 
ATOM   87   C CD1 . LEU A 1 16  ? 8.990   -0.342  9.665   1.00 26.07 ? 12  LEU A CD1 1 
ATOM   88   C CD2 . LEU A 1 16  ? 9.541   -1.148  7.372   1.00 26.06 ? 12  LEU A CD2 1 
ATOM   89   N N   . ASN A 1 17  ? 9.506   4.543   7.279   1.00 22.75 ? 13  ASN A N   1 
ATOM   90   C CA  . ASN A 1 17  ? 10.048  5.680   6.573   1.00 22.59 ? 13  ASN A CA  1 
ATOM   91   C C   . ASN A 1 17  ? 9.278   6.879   7.110   1.00 21.28 ? 13  ASN A C   1 
ATOM   92   O O   . ASN A 1 17  ? 8.252   7.302   6.558   1.00 19.75 ? 13  ASN A O   1 
ATOM   93   C CB  . ASN A 1 17  ? 9.927   5.512   5.047   1.00 21.17 ? 13  ASN A CB  1 
ATOM   94   C CG  . ASN A 1 17  ? 10.744  6.488   4.311   1.00 23.00 ? 13  ASN A CG  1 
ATOM   95   O OD1 . ASN A 1 17  ? 10.952  7.616   4.778   1.00 21.24 ? 13  ASN A OD1 1 
ATOM   96   N ND2 . ASN A 1 17  ? 11.226  6.100   3.122   1.00 26.16 ? 13  ASN A ND2 1 
ATOM   97   N N   . PRO A 1 18  ? 9.737   7.414   8.232   1.00 21.02 ? 14  PRO A N   1 
ATOM   98   C CA  . PRO A 1 18  ? 9.086   8.622   8.745   1.00 19.16 ? 14  PRO A CA  1 
ATOM   99   C C   . PRO A 1 18  ? 9.174   9.781   7.754   1.00 18.00 ? 14  PRO A C   1 
ATOM   100  O O   . PRO A 1 18  ? 8.191   10.525  7.732   1.00 18.05 ? 14  PRO A O   1 
ATOM   101  C CB  . PRO A 1 18  ? 9.786   8.860   10.115  1.00 20.39 ? 14  PRO A CB  1 
ATOM   102  C CG  . PRO A 1 18  ? 10.150  7.498   10.509  1.00 23.19 ? 14  PRO A CG  1 
ATOM   103  C CD  . PRO A 1 18  ? 10.739  6.900   9.182   1.00 21.15 ? 14  PRO A CD  1 
ATOM   104  N N   . SER A 1 19  ? 10.251  9.952   6.973   1.00 16.80 ? 15  SER A N   1 
ATOM   105  C CA  . SER A 1 19  ? 10.330  11.027  5.981   1.00 16.51 ? 15  SER A CA  1 
ATOM   106  C C   . SER A 1 19  ? 9.136   10.932  5.033   1.00 15.89 ? 15  SER A C   1 
ATOM   107  O O   . SER A 1 19  ? 8.440   11.919  4.791   1.00 15.86 ? 15  SER A O   1 
ATOM   108  C CB  . SER A 1 19  ? 11.630  11.015  5.178   1.00 17.28 ? 15  SER A CB  1 
ATOM   109  O OG  . SER A 1 19  ? 12.738  11.250  6.055   1.00 19.23 ? 15  SER A OG  1 
ATOM   110  N N   . PHE A 1 20  ? 8.912   9.743   4.496   1.00 15.88 ? 16  PHE A N   1 
ATOM   111  C CA  . PHE A 1 20  ? 7.774   9.558   3.598   1.00 15.40 ? 16  PHE A CA  1 
ATOM   112  C C   . PHE A 1 20  ? 6.454   9.926   4.247   1.00 14.75 ? 16  PHE A C   1 
ATOM   113  O O   . PHE A 1 20  ? 5.605   10.612  3.647   1.00 14.98 ? 16  PHE A O   1 
ATOM   114  C CB  . PHE A 1 20  ? 7.717   8.127   3.065   1.00 15.56 ? 16  PHE A CB  1 
ATOM   115  C CG  . PHE A 1 20  ? 6.486   7.866   2.215   1.00 15.49 ? 16  PHE A CG  1 
ATOM   116  C CD1 . PHE A 1 20  ? 6.548   7.978   0.853   1.00 20.56 ? 16  PHE A CD1 1 
ATOM   117  C CD2 . PHE A 1 20  ? 5.295   7.500   2.797   1.00 15.30 ? 16  PHE A CD2 1 
ATOM   118  C CE1 . PHE A 1 20  ? 5.426   7.715   0.058   1.00 21.59 ? 16  PHE A CE1 1 
ATOM   119  C CE2 . PHE A 1 20  ? 4.135   7.304   2.023   1.00 14.60 ? 16  PHE A CE2 1 
ATOM   120  C CZ  . PHE A 1 20  ? 4.225   7.384   0.655   1.00 19.39 ? 16  PHE A CZ  1 
ATOM   121  N N   . CYS A 1 21  ? 6.255   9.480   5.474   1.00 13.35 ? 17  CYS A N   1 
ATOM   122  C CA  . CYS A 1 21  ? 5.029   9.699   6.207   1.00 14.27 ? 17  CYS A CA  1 
ATOM   123  C C   . CYS A 1 21  ? 4.838   11.185  6.477   1.00 13.64 ? 17  CYS A C   1 
ATOM   124  O O   . CYS A 1 21  ? 3.768   11.695  6.272   1.00 14.02 ? 17  CYS A O   1 
ATOM   125  C CB  . CYS A 1 21  ? 5.027   8.932   7.517   1.00 14.42 ? 17  CYS A CB  1 
ATOM   126  S SG  . CYS A 1 21  ? 3.683   9.166   8.653   1.00 16.80 ? 17  CYS A SG  1 
ATOM   127  N N   . LEU A 1 22  ? 5.898   11.875  6.892   1.00 14.51 ? 18  LEU A N   1 
ATOM   128  C CA  . LEU A 1 22  ? 5.813   13.314  7.092   1.00 14.31 ? 18  LEU A CA  1 
ATOM   129  C C   . LEU A 1 22  ? 5.449   14.038  5.807   1.00 13.44 ? 18  LEU A C   1 
ATOM   130  O O   . LEU A 1 22  ? 4.618   14.915  5.805   1.00 14.24 ? 18  LEU A O   1 
ATOM   131  C CB  . LEU A 1 22  ? 7.129   13.860  7.664   1.00 13.90 ? 18  LEU A CB  1 
ATOM   132  C CG  . LEU A 1 22  ? 7.463   13.363  9.070   1.00 14.17 ? 18  LEU A CG  1 
ATOM   133  C CD1 . LEU A 1 22  ? 8.951   13.674  9.399   1.00 16.75 ? 18  LEU A CD1 1 
ATOM   134  C CD2 . LEU A 1 22  ? 6.536   13.930  10.184  1.00 13.12 ? 18  LEU A CD2 1 
ATOM   135  N N   . LYS A 1 23  ? 6.072   13.666  4.701   1.00 14.16 ? 19  LYS A N   1 
ATOM   136  C CA  . LYS A 1 23  ? 5.723   14.230  3.435   1.00 14.55 ? 19  LYS A CA  1 
ATOM   137  C C   . LYS A 1 23  ? 4.254   14.009  3.126   1.00 15.10 ? 19  LYS A C   1 
ATOM   138  O O   . LYS A 1 23  ? 3.530   14.926  2.734   1.00 14.88 ? 19  LYS A O   1 
ATOM   139  C CB  . LYS A 1 23  ? 6.619   13.647  2.353   1.00 14.43 ? 19  LYS A CB  1 
ATOM   140  C CG  . LYS A 1 23  ? 6.331   14.118  0.909   1.00 18.31 ? 19  LYS A CG  1 
ATOM   141  C CD  . LYS A 1 23  ? 7.193   13.414  -0.129  1.00 22.82 ? 19  LYS A CD  1 
ATOM   142  C CE  . LYS A 1 23  ? 8.465   14.104  -0.400  1.00 24.05 ? 19  LYS A CE  1 
ATOM   143  N NZ  . LYS A 1 23  ? 9.133   13.610  -1.669  1.00 28.14 ? 19  LYS A NZ  1 
ATOM   144  N N   . PHE A 1 24  ? 3.821   12.771  3.285   1.00 14.49 ? 20  PHE A N   1 
ATOM   145  C CA  . PHE A 1 24  ? 2.444   12.404  2.961   1.00 14.86 ? 20  PHE A CA  1 
ATOM   146  C C   . PHE A 1 24  ? 1.425   13.177  3.797   1.00 14.83 ? 20  PHE A C   1 
ATOM   147  O O   . PHE A 1 24  ? 0.448   13.758  3.240   1.00 16.37 ? 20  PHE A O   1 
ATOM   148  C CB  . PHE A 1 24  ? 2.299   10.883  3.113   1.00 14.66 ? 20  PHE A CB  1 
ATOM   149  C CG  . PHE A 1 24  ? 0.919   10.355  2.794   1.00 13.48 ? 20  PHE A CG  1 
ATOM   150  C CD1 . PHE A 1 24  ? 0.468   10.340  1.494   1.00 16.49 ? 20  PHE A CD1 1 
ATOM   151  C CD2 . PHE A 1 24  ? 0.091   9.936   3.818   1.00 14.71 ? 20  PHE A CD2 1 
ATOM   152  C CE1 . PHE A 1 24  ? -0.818  9.840   1.183   1.00 17.41 ? 20  PHE A CE1 1 
ATOM   153  C CE2 . PHE A 1 24  ? -1.187  9.428   3.521   1.00 17.36 ? 20  PHE A CE2 1 
ATOM   154  C CZ  . PHE A 1 24  ? -1.646  9.416   2.188   1.00 14.58 ? 20  PHE A CZ  1 
ATOM   155  N N   . LEU A 1 25  ? 1.606   13.238  5.106   1.00 14.77 ? 21  LEU A N   1 
ATOM   156  C CA  . LEU A 1 25  ? 0.583   13.860  5.938   1.00 15.67 ? 21  LEU A CA  1 
ATOM   157  C C   . LEU A 1 25  ? 0.581   15.374  5.784   1.00 15.57 ? 21  LEU A C   1 
ATOM   158  O O   . LEU A 1 25  ? -0.482  16.007  5.857   1.00 16.55 ? 21  LEU A O   1 
ATOM   159  C CB  . LEU A 1 25  ? 0.739   13.481  7.380   1.00 15.86 ? 21  LEU A CB  1 
ATOM   160  C CG  . LEU A 1 25  ? 0.649   11.975  7.683   1.00 17.28 ? 21  LEU A CG  1 
ATOM   161  C CD1 . LEU A 1 25  ? 0.813   11.695  9.126   1.00 16.97 ? 21  LEU A CD1 1 
ATOM   162  C CD2 . LEU A 1 25  ? -0.696  11.402  7.208   1.00 17.55 ? 21  LEU A CD2 1 
ATOM   163  N N   . ASN A 1 26  ? 1.753   15.964  5.566   1.00 14.85 ? 22  ASN A N   1 
ATOM   164  C CA  . ASN A 1 26  ? 1.782   17.399  5.308   1.00 15.04 ? 22  ASN A CA  1 
ATOM   165  C C   . ASN A 1 26  ? 1.234   17.780  3.939   1.00 17.51 ? 22  ASN A C   1 
ATOM   166  O O   . ASN A 1 26  ? 0.484   18.756  3.825   1.00 17.18 ? 22  ASN A O   1 
ATOM   167  C CB  . ASN A 1 26  ? 3.171   17.964  5.501   1.00 15.12 ? 22  ASN A CB  1 
ATOM   168  C CG  . ASN A 1 26  ? 3.532   18.022  6.937   1.00 14.89 ? 22  ASN A CG  1 
ATOM   169  O OD1 . ASN A 1 26  ? 3.019   18.879  7.677   1.00 16.71 ? 22  ASN A OD1 1 
ATOM   170  N ND2 . ASN A 1 26  ? 4.340   17.076  7.380   1.00 14.95 ? 22  ASN A ND2 1 
ATOM   171  N N   . THR A 1 27  ? 1.597   17.009  2.917   1.00 18.51 ? 23  THR A N   1 
ATOM   172  C CA  . THR A 1 27  ? 1.204   17.330  1.537   1.00 21.26 ? 23  THR A CA  1 
ATOM   173  C C   . THR A 1 27  ? -0.300  17.329  1.423   1.00 22.17 ? 23  THR A C   1 
ATOM   174  O O   . THR A 1 27  ? -0.876  18.137  0.649   1.00 22.71 ? 23  THR A O   1 
ATOM   175  C CB  . THR A 1 27  ? 1.835   16.325  0.531   1.00 20.15 ? 23  THR A CB  1 
ATOM   176  O OG1 . THR A 1 27  ? 3.242   16.538  0.467   1.00 21.64 ? 23  THR A OG1 1 
ATOM   177  C CG2 . THR A 1 27  ? 1.367   16.632  -0.928  1.00 22.55 ? 23  THR A CG2 1 
ATOM   178  N N   . LYS A 1 28  ? -0.943  16.446  2.184   1.00 23.52 ? 24  LYS A N   1 
ATOM   179  C CA  . LYS A 1 28  ? -2.391  16.282  2.168   1.00 24.90 ? 24  LYS A CA  1 
ATOM   180  C C   . LYS A 1 28  ? -3.137  16.858  3.385   1.00 24.84 ? 24  LYS A C   1 
ATOM   181  O O   . LYS A 1 28  ? -4.316  16.524  3.649   1.00 25.80 ? 24  LYS A O   1 
ATOM   182  C CB  . LYS A 1 28  ? -2.725  14.803  1.962   1.00 25.39 ? 24  LYS A CB  1 
ATOM   183  C CG  . LYS A 1 28  ? -2.247  14.319  0.579   1.00 26.63 ? 24  LYS A CG  1 
ATOM   184  C CD  . LYS A 1 28  ? -2.164  12.822  0.438   1.00 25.73 ? 24  LYS A CD  1 
ATOM   185  C CE  . LYS A 1 28  ? -3.563  12.203  0.255   1.00 25.28 ? 24  LYS A CE  1 
ATOM   186  N NZ  . LYS A 1 28  ? -4.182  12.661  -1.028  1.00 19.55 ? 24  LYS A NZ  1 
ATOM   187  N N   . PHE A 1 29  ? -2.476  17.754  4.109   1.00 22.48 ? 25  PHE A N   1 
ATOM   188  C CA  . PHE A 1 29  ? -3.041  18.364  5.288   1.00 22.05 ? 25  PHE A CA  1 
ATOM   189  C C   . PHE A 1 29  ? -3.949  17.406  6.027   1.00 22.96 ? 25  PHE A C   1 
ATOM   190  O O   . PHE A 1 29  ? -5.168  17.564  6.073   1.00 23.55 ? 25  PHE A O   1 
ATOM   191  C CB  . PHE A 1 29  ? -3.806  19.634  4.910   1.00 21.41 ? 25  PHE A CB  1 
ATOM   192  C CG  . PHE A 1 29  ? -4.040  20.520  6.076   1.00 20.02 ? 25  PHE A CG  1 
ATOM   193  C CD1 . PHE A 1 29  ? -2.973  21.211  6.622   1.00 20.15 ? 25  PHE A CD1 1 
ATOM   194  C CD2 . PHE A 1 29  ? -5.281  20.624  6.666   1.00 19.05 ? 25  PHE A CD2 1 
ATOM   195  C CE1 . PHE A 1 29  ? -3.149  22.028  7.718   1.00 19.55 ? 25  PHE A CE1 1 
ATOM   196  C CE2 . PHE A 1 29  ? -5.476  21.452  7.762   1.00 21.42 ? 25  PHE A CE2 1 
ATOM   197  C CZ  . PHE A 1 29  ? -4.399  22.141  8.308   1.00 19.32 ? 25  PHE A CZ  1 
ATOM   198  N N   . ALA A 1 30  ? -3.332  16.396  6.588   1.00 21.39 ? 26  ALA A N   1 
ATOM   199  C CA  . ALA A 1 30  ? -4.040  15.219  7.040   1.00 20.68 ? 26  ALA A CA  1 
ATOM   200  C C   . ALA A 1 30  ? -5.067  15.599  8.087   1.00 20.08 ? 26  ALA A C   1 
ATOM   201  O O   . ALA A 1 30  ? -4.778  16.403  8.991   1.00 20.43 ? 26  ALA A O   1 
ATOM   202  C CB  . ALA A 1 30  ? -3.048  14.238  7.606   1.00 21.09 ? 26  ALA A CB  1 
ATOM   203  N N   . SER A 1 31  ? -6.259  15.007  7.974   1.00 18.06 ? 27  SER A N   1 
ATOM   204  C CA  . SER A 1 31  ? -7.273  15.136  8.997   1.00 18.44 ? 27  SER A CA  1 
ATOM   205  C C   . SER A 1 31  ? -6.759  14.641  10.328  1.00 17.45 ? 27  SER A C   1 
ATOM   206  O O   . SER A 1 31  ? -5.998  13.649  10.411  1.00 17.94 ? 27  SER A O   1 
ATOM   207  C CB  . SER A 1 31  ? -8.525  14.340  8.605   1.00 17.30 ? 27  SER A CB  1 
ATOM   208  O OG  . SER A 1 31  ? -9.539  14.505  9.591   1.00 19.10 ? 27  SER A OG  1 
ATOM   209  N N   . ALA A 1 32  ? -7.155  15.317  11.390  1.00 18.63 ? 28  ALA A N   1 
ATOM   210  C CA  . ALA A 1 32  ? -6.888  14.818  12.725  1.00 18.90 ? 28  ALA A CA  1 
ATOM   211  C C   . ALA A 1 32  ? -7.898  13.764  13.154  1.00 18.21 ? 28  ALA A C   1 
ATOM   212  O O   . ALA A 1 32  ? -7.703  13.123  14.179  1.00 19.77 ? 28  ALA A O   1 
ATOM   213  C CB  . ALA A 1 32  ? -6.861  15.971  13.727  1.00 19.94 ? 28  ALA A CB  1 
ATOM   214  N N   . ASN A 1 33  ? -8.976  13.602  12.383  1.00 17.25 ? 29  ASN A N   1 
ATOM   215  C CA  . ASN A 1 33  ? -10.012 12.569  12.604  1.00 16.62 ? 29  ASN A CA  1 
ATOM   216  C C   . ASN A 1 33  ? -9.478  11.255  12.049  1.00 16.33 ? 29  ASN A C   1 
ATOM   217  O O   . ASN A 1 33  ? -9.268  11.164  10.872  1.00 13.61 ? 29  ASN A O   1 
ATOM   218  C CB  . ASN A 1 33  ? -11.300 12.970  11.870  1.00 17.10 ? 29  ASN A CB  1 
ATOM   219  C CG  . ASN A 1 33  ? -12.433 11.952  11.950  1.00 20.60 ? 29  ASN A CG  1 
ATOM   220  O OD1 . ASN A 1 33  ? -12.279 10.764  11.704  1.00 21.12 ? 29  ASN A OD1 1 
ATOM   221  N ND2 . ASN A 1 33  ? -13.626 12.459  12.214  1.00 25.39 ? 29  ASN A ND2 1 
ATOM   222  N N   . LEU A 1 34  ? -9.185  10.278  12.901  1.00 15.72 ? 30  LEU A N   1 
ATOM   223  C CA  . LEU A 1 34  ? -8.483  9.074   12.422  1.00 14.93 ? 30  LEU A CA  1 
ATOM   224  C C   . LEU A 1 34  ? -9.301  8.260   11.430  1.00 14.51 ? 30  LEU A C   1 
ATOM   225  O O   . LEU A 1 34  ? -8.726  7.669   10.540  1.00 12.71 ? 30  LEU A O   1 
ATOM   226  C CB  . LEU A 1 34  ? -7.986  8.207   13.593  1.00 16.55 ? 30  LEU A CB  1 
ATOM   227  C CG  . LEU A 1 34  ? -6.819  8.811   14.394  1.00 17.32 ? 30  LEU A CG  1 
ATOM   228  C CD1 . LEU A 1 34  ? -6.447  7.920   15.580  1.00 21.74 ? 30  LEU A CD1 1 
ATOM   229  C CD2 . LEU A 1 34  ? -5.627  9.086   13.522  1.00 21.56 ? 30  LEU A CD2 1 
ATOM   230  N N   . GLN A 1 35  ? -10.606 8.259   11.533  1.00 13.96 ? 31  GLN A N   1 
ATOM   231  C CA  . GLN A 1 35  ? -11.432 7.547   10.572  1.00 13.38 ? 31  GLN A CA  1 
ATOM   232  C C   . GLN A 1 35  ? -11.292 8.198   9.187   1.00 13.83 ? 31  GLN A C   1 
ATOM   233  O O   . GLN A 1 35  ? -11.138 7.522   8.161   1.00 12.60 ? 31  GLN A O   1 
ATOM   234  C CB  . GLN A 1 35  ? -12.879 7.525   11.085  1.00 15.54 ? 31  GLN A CB  1 
ATOM   235  C CG  . GLN A 1 35  ? -13.819 6.884   10.137  1.00 15.94 ? 31  GLN A CG  1 
ATOM   236  C CD  . GLN A 1 35  ? -14.008 5.393   10.338  1.00 20.37 ? 31  GLN A CD  1 
ATOM   237  O OE1 . GLN A 1 35  ? -13.796 4.849   11.447  1.00 24.04 ? 31  GLN A OE1 1 
ATOM   238  N NE2 . GLN A 1 35  ? -14.459 4.721   9.280   1.00 16.52 ? 31  GLN A NE2 1 
ATOM   239  N N   . ALA A 1 36  ? -11.341 9.521   9.137   1.00 11.77 ? 32  ALA A N   1 
ATOM   240  C CA  . ALA A 1 36  ? -11.182 10.239  7.891   1.00 10.97 ? 32  ALA A CA  1 
ATOM   241  C C   . ALA A 1 36  ? -9.794  10.062  7.323   1.00 12.12 ? 32  ALA A C   1 
ATOM   242  O O   . ALA A 1 36  ? -9.624  9.894   6.117   1.00 12.14 ? 32  ALA A O   1 
ATOM   243  C CB  . ALA A 1 36  ? -11.476 11.747  8.144   1.00 13.18 ? 32  ALA A CB  1 
ATOM   244  N N   . LEU A 1 37  ? -8.773  10.118  8.184   1.00 10.99 ? 33  LEU A N   1 
ATOM   245  C CA  . LEU A 1 37  ? -7.409  9.922   7.727   1.00 11.08 ? 33  LEU A CA  1 
ATOM   246  C C   . LEU A 1 37  ? -7.150  8.469   7.228   1.00 10.60 ? 33  LEU A C   1 
ATOM   247  O O   . LEU A 1 37  ? -6.469  8.302   6.221   1.00 9.90  ? 33  LEU A O   1 
ATOM   248  C CB  . LEU A 1 37  ? -6.443  10.271  8.844   1.00 11.79 ? 33  LEU A CB  1 
ATOM   249  C CG  . LEU A 1 37  ? -4.966  10.203  8.456   1.00 13.40 ? 33  LEU A CG  1 
ATOM   250  C CD1 . LEU A 1 37  ? -4.687  11.182  7.299   1.00 16.06 ? 33  LEU A CD1 1 
ATOM   251  C CD2 . LEU A 1 37  ? -4.114  10.465  9.689   1.00 14.04 ? 33  LEU A CD2 1 
ATOM   252  N N   . ALA A 1 38  ? -7.725  7.460   7.869   1.00 11.38 ? 34  ALA A N   1 
ATOM   253  C CA  . ALA A 1 38  ? -7.696  6.086   7.341   1.00 10.52 ? 34  ALA A CA  1 
ATOM   254  C C   . ALA A 1 38  ? -8.236  6.034   5.932   1.00 10.17 ? 34  ALA A C   1 
ATOM   255  O O   . ALA A 1 38  ? -7.632  5.389   5.066   1.00 9.75  ? 34  ALA A O   1 
ATOM   256  C CB  . ALA A 1 38  ? -8.482  5.159   8.246   1.00 11.37 ? 34  ALA A CB  1 
ATOM   257  N N   . LYS A 1 39  ? -9.347  6.721   5.678   1.00 9.53  ? 35  LYS A N   1 
ATOM   258  C CA  . LYS A 1 39  ? -9.976  6.629   4.355   1.00 10.41 ? 35  LYS A CA  1 
ATOM   259  C C   . LYS A 1 39  ? -9.099  7.335   3.325   1.00 9.54  ? 35  LYS A C   1 
ATOM   260  O O   . LYS A 1 39  ? -8.866  6.777   2.216   1.00 11.02 ? 35  LYS A O   1 
ATOM   261  C CB  . LYS A 1 39  ? -11.376 7.222   4.423   1.00 10.78 ? 35  LYS A CB  1 
ATOM   262  C CG  . LYS A 1 39  ? -12.066 7.402   3.098   1.00 13.65 ? 35  LYS A CG  1 
ATOM   263  C CD  . LYS A 1 39  ? -12.148 6.139   2.318   1.00 14.52 ? 35  LYS A CD  1 
ATOM   264  C CE  . LYS A 1 39  ? -13.225 6.194   1.195   1.00 13.61 ? 35  LYS A CE  1 
ATOM   265  N NZ  . LYS A 1 39  ? -12.918 7.047   0.037   1.00 13.93 ? 35  LYS A NZ  1 
ATOM   266  N N   . THR A 1 40  ? -8.581  8.525   3.627   1.00 8.96  ? 36  THR A N   1 
ATOM   267  C CA  . THR A 1 40  ? -7.754  9.170   2.584   1.00 10.48 ? 36  THR A CA  1 
ATOM   268  C C   . THR A 1 40  ? -6.472  8.413   2.359   1.00 10.25 ? 36  THR A C   1 
ATOM   269  O O   . THR A 1 40  ? -5.979  8.393   1.226   1.00 10.30 ? 36  THR A O   1 
ATOM   270  C CB  . THR A 1 40  ? -7.459  10.654  2.798   1.00 12.98 ? 36  THR A CB  1 
ATOM   271  O OG1 . THR A 1 40  ? -6.853  10.825  4.079   1.00 16.02 ? 36  THR A OG1 1 
ATOM   272  C CG2 . THR A 1 40  ? -8.724  11.518  2.788   1.00 15.07 ? 36  THR A CG2 1 
ATOM   273  N N   . THR A 1 41  ? -5.932  7.750   3.353   1.00 8.77  ? 37  THR A N   1 
ATOM   274  C CA  . THR A 1 41  ? -4.743  6.947   3.189   1.00 10.91 ? 37  THR A CA  1 
ATOM   275  C C   . THR A 1 41  ? -5.009  5.737   2.306   1.00 9.60  ? 37  THR A C   1 
ATOM   276  O O   . THR A 1 41  ? -4.219  5.427   1.423   1.00 10.05 ? 37  THR A O   1 
ATOM   277  C CB  . THR A 1 41  ? -4.146  6.558   4.542   1.00 10.71 ? 37  THR A CB  1 
ATOM   278  O OG1 . THR A 1 41  ? -3.846  7.749   5.325   1.00 10.94 ? 37  THR A OG1 1 
ATOM   279  C CG2 . THR A 1 41  ? -2.830  5.849   4.348   1.00 12.59 ? 37  THR A CG2 1 
ATOM   280  N N   . LEU A 1 42  ? -6.097  5.045   2.587   1.00 10.37 ? 38  LEU A N   1 
ATOM   281  C CA  . LEU A 1 42  ? -6.523  3.940   1.732   1.00 10.44 ? 38  LEU A CA  1 
ATOM   282  C C   . LEU A 1 42  ? -6.730  4.402   0.290   1.00 10.52 ? 38  LEU A C   1 
ATOM   283  O O   . LEU A 1 42  ? -6.360  3.681   -0.662  1.00 9.78  ? 38  LEU A O   1 
ATOM   284  C CB  . LEU A 1 42  ? -7.755  3.236   2.307   1.00 11.40 ? 38  LEU A CB  1 
ATOM   285  C CG  . LEU A 1 42  ? -7.550  2.339   3.488   1.00 15.41 ? 38  LEU A CG  1 
ATOM   286  C CD1 . LEU A 1 42  ? -8.893  1.678   3.846   1.00 17.57 ? 38  LEU A CD1 1 
ATOM   287  C CD2 . LEU A 1 42  ? -6.513  1.267   3.200   1.00 14.97 ? 38  LEU A CD2 1 
ATOM   288  N N   . ASP A 1 43  ? -7.332  5.555   0.098   1.00 9.73  ? 39  ASP A N   1 
ATOM   289  C CA  . ASP A 1 43  ? -7.544  6.064   -1.254  1.00 9.60  ? 39  ASP A CA  1 
ATOM   290  C C   . ASP A 1 43  ? -6.228  6.168   -1.978  1.00 9.33  ? 39  ASP A C   1 
ATOM   291  O O   . ASP A 1 43  ? -6.102  5.743   -3.122  1.00 9.80  ? 39  ASP A O   1 
ATOM   292  C CB  . ASP A 1 43  ? -8.213  7.439   -1.206  1.00 8.83  ? 39  ASP A CB  1 
ATOM   293  C CG  . ASP A 1 43  ? -9.676  7.407   -0.773  1.00 12.77 ? 39  ASP A CG  1 
ATOM   294  O OD1 . ASP A 1 43  ? -10.364 6.339   -0.818  1.00 13.15 ? 39  ASP A OD1 1 
ATOM   295  O OD2 . ASP A 1 43  ? -10.257 8.490   -0.426  1.00 13.54 ? 39  ASP A OD2 1 
ATOM   296  N N   . SER A 1 44  ? -5.214  6.744   -1.339  1.00 9.41  ? 40  SER A N   1 
ATOM   297  C CA  . SER A 1 44  ? -3.946  6.929   -2.038  1.00 9.47  ? 40  SER A CA  1 
ATOM   298  C C   . SER A 1 44  ? -3.318  5.589   -2.361  1.00 9.15  ? 40  SER A C   1 
ATOM   299  O O   . SER A 1 44  ? -2.665  5.396   -3.418  1.00 10.30 ? 40  SER A O   1 
ATOM   300  C CB  . SER A 1 44  ? -2.994  7.761   -1.158  1.00 9.85  ? 40  SER A CB  1 
ATOM   301  O OG  . SER A 1 44  ? -3.478  9.103   -0.991  1.00 12.35 ? 40  SER A OG  1 
ATOM   302  N N   . THR A 1 45  ? -3.437  4.659   -1.432  1.00 9.60  ? 41  THR A N   1 
ATOM   303  C CA  . THR A 1 45  ? -2.824  3.347   -1.549  1.00 10.24 ? 41  THR A CA  1 
ATOM   304  C C   . THR A 1 45  ? -3.465  2.598   -2.700  1.00 10.48 ? 41  THR A C   1 
ATOM   305  O O   . THR A 1 45  ? -2.748  2.040   -3.566  1.00 9.98  ? 41  THR A O   1 
ATOM   306  C CB  . THR A 1 45  ? -2.980  2.521   -0.249  1.00 10.15 ? 41  THR A CB  1 
ATOM   307  O OG1 . THR A 1 45  ? -2.554  3.253   0.927   1.00 10.72 ? 41  THR A OG1 1 
ATOM   308  C CG2 . THR A 1 45  ? -2.068  1.294   -0.313  1.00 9.67  ? 41  THR A CG2 1 
ATOM   309  N N   . GLN A 1 46  ? -4.784  2.617   -2.778  1.00 10.59 ? 42  GLN A N   1 
ATOM   310  C CA  . GLN A 1 46  ? -5.490  1.910   -3.867  1.00 12.18 ? 42  GLN A CA  1 
ATOM   311  C C   . GLN A 1 46  ? -5.159  2.556   -5.207  1.00 11.94 ? 42  GLN A C   1 
ATOM   312  O O   . GLN A 1 46  ? -4.979  1.842   -6.214  1.00 12.38 ? 42  GLN A O   1 
ATOM   313  C CB  . GLN A 1 46  ? -6.999  1.923   -3.647  1.00 12.36 ? 42  GLN A CB  1 
ATOM   314  C CG  . GLN A 1 46  ? -7.745  0.986   -4.626  1.00 17.79 ? 42  GLN A CG  1 
ATOM   315  C CD  . GLN A 1 46  ? -7.450  -0.529  -4.395  1.00 25.46 ? 42  GLN A CD  1 
ATOM   316  O OE1 . GLN A 1 46  ? -8.392  -1.374  -4.227  1.00 22.93 ? 42  GLN A OE1 1 
ATOM   317  N NE2 . GLN A 1 46  ? -6.192  -0.856  -4.792  0.00 23.29 ? 42  GLN A NE2 1 
ATOM   318  N N   . ALA A 1 47  ? -5.099  3.887   -5.246  1.00 10.87 ? 43  ALA A N   1 
ATOM   319  C CA  . ALA A 1 47  ? -4.755  4.569   -6.536  1.00 11.21 ? 43  ALA A CA  1 
ATOM   320  C C   . ALA A 1 47  ? -3.371  4.124   -6.978  1.00 12.89 ? 43  ALA A C   1 
ATOM   321  O O   . ALA A 1 47  ? -3.188  3.793   -8.143  1.00 12.52 ? 43  ALA A O   1 
ATOM   322  C CB  . ALA A 1 47  ? -4.800  6.076   -6.358  1.00 11.79 ? 43  ALA A CB  1 
ATOM   323  N N   . ARG A 1 48  ? -2.399  4.106   -6.089  1.00 13.07 ? 44  ARG A N   1 
ATOM   324  C CA  . ARG A 1 48  ? -1.050  3.661   -6.421  1.00 13.50 ? 44  ARG A CA  1 
ATOM   325  C C   . ARG A 1 48  ? -0.977  2.205   -6.897  1.00 14.18 ? 44  ARG A C   1 
ATOM   326  O O   . ARG A 1 48  ? -0.269  1.890   -7.834  1.00 13.61 ? 44  ARG A O   1 
ATOM   327  C CB  . ARG A 1 48  ? -0.117  3.848   -5.244  1.00 14.43 ? 44  ARG A CB  1 
ATOM   328  C CG  . ARG A 1 48  ? 0.151   5.238   -4.902  1.00 20.24 ? 44  ARG A CG  1 
ATOM   329  C CD  . ARG A 1 48  ? 1.184   5.580   -6.097  0.00 26.77 ? 44  ARG A CD  1 
ATOM   330  N NE  . ARG A 1 48  ? 1.681   6.645   -5.942  1.00 36.15 ? 44  ARG A NE  1 
ATOM   331  C CZ  . ARG A 1 48  ? 1.004   7.745   -5.604  1.00 41.00 ? 44  ARG A CZ  1 
ATOM   332  N NH1 . ARG A 1 48  ? -0.492  7.773   -5.592  0.00 32.97 ? 44  ARG A NH1 1 
ATOM   333  N NH2 . ARG A 1 48  ? 1.321   9.170   -5.461  0.00 32.97 ? 44  ARG A NH2 1 
ATOM   334  N N   . ALA A 1 49  ? -1.748  1.329   -6.275  1.00 12.70 ? 45  ALA A N   1 
ATOM   335  C CA  . ALA A 1 49  ? -1.764  -0.089  -6.599  1.00 12.53 ? 45  ALA A CA  1 
ATOM   336  C C   . ALA A 1 49  ? -2.300  -0.280  -7.977  1.00 13.15 ? 45  ALA A C   1 
ATOM   337  O O   . ALA A 1 49  ? -1.736  -1.029  -8.797  1.00 14.95 ? 45  ALA A O   1 
ATOM   338  C CB  . ALA A 1 49  ? -2.616  -0.839  -5.573  1.00 12.56 ? 45  ALA A CB  1 
ATOM   339  N N   A THR A 1 50  ? -3.373  0.430   -8.269  0.50 12.84 ? 46  THR A N   1 
ATOM   340  N N   B THR A 1 50  ? -3.627  0.515   -8.304  0.50 13.86 ? 46  THR A N   1 
ATOM   341  C CA  A THR A 1 50  ? -4.015  0.348   -9.561  0.50 14.12 ? 46  THR A CA  1 
ATOM   342  C CA  B THR A 1 50  ? -4.228  0.190   -9.615  0.50 15.03 ? 46  THR A CA  1 
ATOM   343  C C   A THR A 1 50  ? -3.093  0.884   -10.669 0.50 13.55 ? 46  THR A C   1 
ATOM   344  C C   B THR A 1 50  ? -3.320  0.744   -10.714 0.50 14.99 ? 46  THR A C   1 
ATOM   345  O O   A THR A 1 50  ? -2.974  0.292   -11.744 0.50 15.52 ? 46  THR A O   1 
ATOM   346  O O   B THR A 1 50  ? -3.061  0.109   -11.741 0.50 17.06 ? 46  THR A O   1 
ATOM   347  C CB  A THR A 1 50  ? -5.333  1.118   -9.503  0.50 14.78 ? 46  THR A CB  1 
ATOM   348  C CB  B THR A 1 50  ? -5.597  0.839   -9.698  0.50 16.02 ? 46  THR A CB  1 
ATOM   349  O OG1 A THR A 1 50  ? -6.187  0.458   -8.564  0.50 18.58 ? 46  THR A OG1 1 
ATOM   350  O OG1 B THR A 1 50  ? -5.472  2.231   -9.438  0.50 14.60 ? 46  THR A OG1 1 
ATOM   351  C CG2 A THR A 1 50  ? -6.086  0.995   -10.814 0.50 16.37 ? 46  THR A CG2 1 
ATOM   352  C CG2 B THR A 1 50  ? -6.481  0.335   -8.577  0.50 18.28 ? 46  THR A CG2 1 
ATOM   353  N N   . GLN A 1 51  ? -2.439  1.997   -10.413 1.00 14.27 ? 47  GLN A N   1 
ATOM   354  C CA  . GLN A 1 51  ? -1.481  2.547   -11.387 1.00 14.46 ? 47  GLN A CA  1 
ATOM   355  C C   . GLN A 1 51  ? -0.360  1.543   -11.633 1.00 14.72 ? 47  GLN A C   1 
ATOM   356  O O   . GLN A 1 51  ? 0.137   1.406   -12.774 1.00 15.76 ? 47  GLN A O   1 
ATOM   357  C CB  . GLN A 1 51  ? -0.909  3.845   -10.865 1.00 14.55 ? 47  GLN A CB  1 
ATOM   358  C CG  . GLN A 1 51  ? -1.913  5.013   -10.769 1.00 18.23 ? 47  GLN A CG  1 
ATOM   359  C CD  . GLN A 1 51  ? -1.550  6.047   -9.696  1.00 19.70 ? 47  GLN A CD  1 
ATOM   360  O OE1 . GLN A 1 51  ? -0.427  6.076   -9.196  1.00 23.42 ? 47  GLN A OE1 1 
ATOM   361  N NE2 . GLN A 1 51  ? -2.496  6.927   -9.378  1.00 21.07 ? 47  GLN A NE2 1 
ATOM   362  N N   . THR A 1 52  ? 0.095   0.874   -10.586 1.00 15.37 ? 48  THR A N   1 
ATOM   363  C CA  . THR A 1 52  ? 1.235   -0.035  -10.679 1.00 14.44 ? 48  THR A CA  1 
ATOM   364  C C   . THR A 1 52  ? 0.877   -1.263  -11.459 1.00 14.67 ? 48  THR A C   1 
ATOM   365  O O   . THR A 1 52  ? 1.699   -1.751  -12.271 1.00 14.92 ? 48  THR A O   1 
ATOM   366  C CB  . THR A 1 52  ? 1.763   -0.423  -9.271  1.00 14.98 ? 48  THR A CB  1 
ATOM   367  O OG1 . THR A 1 52  ? 2.105   0.779   -8.574  1.00 14.75 ? 48  THR A OG1 1 
ATOM   368  C CG2 . THR A 1 52  ? 3.071   -1.185  -9.400  1.00 16.57 ? 48  THR A CG2 1 
ATOM   369  N N   . LEU A 1 53  ? -0.315  -1.813  -11.224 1.00 14.55 ? 49  LEU A N   1 
ATOM   370  C CA  . LEU A 1 53  ? -0.805  -2.917  -12.065 1.00 15.50 ? 49  LEU A CA  1 
ATOM   371  C C   . LEU A 1 53  ? -0.772  -2.539  -13.569 1.00 16.24 ? 49  LEU A C   1 
ATOM   372  O O   . LEU A 1 53  ? -0.266  -3.320  -14.391 1.00 16.48 ? 49  LEU A O   1 
ATOM   373  C CB  . LEU A 1 53  ? -2.212  -3.361  -11.613 1.00 17.03 ? 49  LEU A CB  1 
ATOM   374  C CG  . LEU A 1 53  ? -2.803  -4.567  -12.327 1.00 19.35 ? 49  LEU A CG  1 
ATOM   375  C CD1 . LEU A 1 53  ? -1.934  -5.820  -12.169 1.00 20.47 ? 49  LEU A CD1 1 
ATOM   376  C CD2 . LEU A 1 53  ? -4.194  -4.856  -11.778 1.00 23.61 ? 49  LEU A CD2 1 
ATOM   377  N N   . LYS A 1 54  ? -1.240  -1.350  -13.899 1.00 16.68 ? 50  LYS A N   1 
ATOM   378  C CA  . LYS A 1 54  ? -1.203  -0.871  -15.269 1.00 18.25 ? 50  LYS A CA  1 
ATOM   379  C C   . LYS A 1 54  ? 0.199   -0.734  -15.826 1.00 18.47 ? 50  LYS A C   1 
ATOM   380  O O   . LYS A 1 54  ? 0.448   -1.148  -16.961 1.00 19.08 ? 50  LYS A O   1 
ATOM   381  C CB  . LYS A 1 54  ? -1.984  0.422   -15.385 1.00 19.22 ? 50  LYS A CB  1 
ATOM   382  C CG  . LYS A 1 54  ? -3.470  0.138   -15.328 1.00 21.19 ? 50  LYS A CG  1 
ATOM   383  C CD  . LYS A 1 54  ? -4.235  -0.699  -16.064 0.00 28.37 ? 50  LYS A CD  1 
ATOM   384  C CE  . LYS A 1 54  ? -5.732  -0.685  -15.706 0.00 30.46 ? 50  LYS A CE  1 
ATOM   385  N NZ  . LYS A 1 54  ? -6.774  -1.815  -16.397 1.00 40.94 ? 50  LYS A NZ  1 
ATOM   386  N N   . LYS A 1 55  ? 1.110   -0.193  -15.034 1.00 18.01 ? 51  LYS A N   1 
ATOM   387  C CA  . LYS A 1 55  ? 2.502   -0.067  -15.437 1.00 18.22 ? 51  LYS A CA  1 
ATOM   388  C C   . LYS A 1 55  ? 3.098   -1.443  -15.692 1.00 16.59 ? 51  LYS A C   1 
ATOM   389  O O   . LYS A 1 55  ? 3.786   -1.631  -16.687 1.00 17.66 ? 51  LYS A O   1 
ATOM   390  C CB  . LYS A 1 55  ? 3.312   0.657   -14.364 1.00 19.08 ? 51  LYS A CB  1 
ATOM   391  C CG  . LYS A 1 55  ? 4.801   0.821   -14.680 1.00 22.76 ? 51  LYS A CG  1 
ATOM   392  C CD  . LYS A 1 55  ? 5.113   2.252   -15.165 0.00 28.46 ? 51  LYS A CD  1 
ATOM   393  C CE  . LYS A 1 55  ? 6.185   2.791   -16.321 1.00 40.73 ? 51  LYS A CE  1 
ATOM   394  N NZ  . LYS A 1 55  ? 5.383   2.248   -17.633 0.00 31.11 ? 51  LYS A NZ  1 
ATOM   395  N N   . LEU A 1 56  ? 2.887   -2.393  -14.786 1.00 15.21 ? 52  LEU A N   1 
ATOM   396  C CA  . LEU A 1 56  ? 3.421   -3.757  -14.936 1.00 14.58 ? 52  LEU A CA  1 
ATOM   397  C C   . LEU A 1 56  ? 2.952   -4.401  -16.256 1.00 15.90 ? 52  LEU A C   1 
ATOM   398  O O   . LEU A 1 56  ? 3.761   -5.042  -17.004 1.00 16.30 ? 52  LEU A O   1 
ATOM   399  C CB  . LEU A 1 56  ? 2.984   -4.655  -13.789 1.00 14.67 ? 52  LEU A CB  1 
ATOM   400  C CG  . LEU A 1 56  ? 3.732   -4.327  -12.513 1.00 12.78 ? 52  LEU A CG  1 
ATOM   401  C CD1 . LEU A 1 56  ? 2.937   -4.815  -11.332 1.00 13.53 ? 52  LEU A CD1 1 
ATOM   402  C CD2 . LEU A 1 56  ? 5.077   -5.005  -12.488 1.00 12.62 ? 52  LEU A CD2 1 
ATOM   403  N N   . GLN A 1 57  ? 1.660   -4.248  -16.538 1.00 17.30 ? 53  GLN A N   1 
ATOM   404  C CA  . GLN A 1 57  ? 1.105   -4.814  -17.762 1.00 18.88 ? 53  GLN A CA  1 
ATOM   405  C C   . GLN A 1 57  ? 1.718   -4.177  -18.982 1.00 18.31 ? 53  GLN A C   1 
ATOM   406  O O   . GLN A 1 57  ? 1.947   -4.893  -19.985 1.00 19.75 ? 53  GLN A O   1 
ATOM   407  C CB  . GLN A 1 57  ? -0.416  -4.664  -17.855 1.00 19.92 ? 53  GLN A CB  1 
ATOM   408  C CG  . GLN A 1 57  ? -0.973  -5.648  -18.933 1.00 23.14 ? 53  GLN A CG  1 
ATOM   409  C CD  . GLN A 1 57  ? -0.628  -7.090  -18.644 1.00 26.39 ? 53  GLN A CD  1 
ATOM   410  O OE1 . GLN A 1 57  ? -0.859  -7.573  -17.529 1.00 29.28 ? 53  GLN A OE1 1 
ATOM   411  N NE2 . GLN A 1 57  ? -0.043  -7.782  -19.618 1.00 27.01 ? 53  GLN A NE2 1 
ATOM   412  N N   . SER A 1 58  ? 1.972   -2.876  -18.932 1.00 18.96 ? 54  SER A N   1 
ATOM   413  C CA  . SER A 1 58  ? 2.576   -2.147  -20.047 1.00 19.52 ? 54  SER A CA  1 
ATOM   414  C C   . SER A 1 58  ? 3.976   -2.688  -20.312 1.00 19.50 ? 54  SER A C   1 
ATOM   415  O O   . SER A 1 58  ? 4.384   -2.906  -21.483 1.00 20.17 ? 54  SER A O   1 
ATOM   416  C CB  . SER A 1 58  ? 2.627   -0.662  -19.759 1.00 20.32 ? 54  SER A CB  1 
ATOM   417  O OG  . SER A 1 58  ? 3.404   0.026   -20.726 1.00 25.89 ? 54  SER A OG  1 
ATOM   418  N N   . ILE A 1 59  ? 4.726   -2.918  -19.242 1.00 18.60 ? 55  ILE A N   1 
ATOM   419  C CA  . ILE A 1 59  ? 6.109   -3.418  -19.367 1.00 18.15 ? 55  ILE A CA  1 
ATOM   420  C C   . ILE A 1 59  ? 6.094   -4.822  -19.994 1.00 18.08 ? 55  ILE A C   1 
ATOM   421  O O   . ILE A 1 59  ? 6.820   -5.111  -20.966 1.00 18.12 ? 55  ILE A O   1 
ATOM   422  C CB  . ILE A 1 59  ? 6.804   -3.426  -17.960 1.00 18.00 ? 55  ILE A CB  1 
ATOM   423  C CG1 . ILE A 1 59  ? 7.018   -2.021  -17.469 1.00 19.75 ? 55  ILE A CG1 1 
ATOM   424  C CG2 . ILE A 1 59  ? 8.128   -4.197  -18.019 1.00 19.13 ? 55  ILE A CG2 1 
ATOM   425  C CD1 . ILE A 1 59  ? 7.322   -1.937  -15.986 1.00 22.96 ? 55  ILE A CD1 1 
ATOM   426  N N   . ILE A 1 60  ? 5.277   -5.707  -19.452 1.00 17.27 ? 56  ILE A N   1 
ATOM   427  C CA  . ILE A 1 60  ? 5.128   -7.055  -19.959 1.00 17.80 ? 56  ILE A CA  1 
ATOM   428  C C   . ILE A 1 60  ? 4.739   -7.033  -21.433 1.00 18.91 ? 56  ILE A C   1 
ATOM   429  O O   . ILE A 1 60  ? 5.316   -7.751  -22.239 1.00 18.93 ? 56  ILE A O   1 
ATOM   430  C CB  . ILE A 1 60  ? 4.093   -7.855  -19.095 1.00 17.45 ? 56  ILE A CB  1 
ATOM   431  C CG1 . ILE A 1 60  ? 4.681   -8.134  -17.707 1.00 17.05 ? 56  ILE A CG1 1 
ATOM   432  C CG2 . ILE A 1 60  ? 3.819   -9.189  -19.717 1.00 18.32 ? 56  ILE A CG2 1 
ATOM   433  C CD1 . ILE A 1 60  ? 3.650   -8.478  -16.622 1.00 17.09 ? 56  ILE A CD1 1 
ATOM   434  N N   . ASP A 1 61  ? 3.777   -6.187  -21.775 1.00 20.35 ? 57  ASP A N   1 
ATOM   435  C CA  . ASP A 1 61  ? 3.245   -6.149  -23.146 1.00 20.59 ? 57  ASP A CA  1 
ATOM   436  C C   . ASP A 1 61  ? 4.315   -5.685  -24.140 1.00 20.70 ? 57  ASP A C   1 
ATOM   437  O O   . ASP A 1 61  ? 4.304   -6.149  -25.290 1.00 22.39 ? 57  ASP A O   1 
ATOM   438  C CB  . ASP A 1 61  ? 2.008   -5.236  -23.243 1.00 20.68 ? 57  ASP A CB  1 
ATOM   439  C CG  . ASP A 1 61  ? 0.761   -5.848  -22.633 1.00 22.95 ? 57  ASP A CG  1 
ATOM   440  O OD1 . ASP A 1 61  ? 0.677   -7.093  -22.379 1.00 26.53 ? 57  ASP A OD1 1 
ATOM   441  O OD2 . ASP A 1 61  ? -0.230  -5.131  -22.403 1.00 29.14 ? 57  ASP A OD2 1 
ATOM   442  N N   . GLY A 1 62  ? 5.219   -4.805  -23.721 1.00 19.85 ? 58  GLY A N   1 
ATOM   443  C CA  . GLY A 1 62  ? 6.316   -4.285  -24.551 1.00 19.96 ? 58  GLY A CA  1 
ATOM   444  C C   . GLY A 1 62  ? 7.383   -5.337  -24.872 1.00 20.27 ? 58  GLY A C   1 
ATOM   445  O O   . GLY A 1 62  ? 8.092   -5.232  -25.875 1.00 21.83 ? 58  GLY A O   1 
ATOM   446  N N   . GLY A 1 63  ? 7.507   -6.361  -24.047 1.00 19.65 ? 59  GLY A N   1 
ATOM   447  C CA  . GLY A 1 63  ? 8.348   -7.505  -24.368 1.00 19.16 ? 59  GLY A CA  1 
ATOM   448  C C   . GLY A 1 63  ? 9.654   -7.414  -23.599 1.00 18.37 ? 59  GLY A C   1 
ATOM   449  O O   . GLY A 1 63  ? 10.580  -6.688  -23.972 1.00 18.00 ? 59  GLY A O   1 
ATOM   450  N N   . VAL A 1 64  ? 9.721   -8.147  -22.494 1.00 17.04 ? 60  VAL A N   1 
ATOM   451  C CA  . VAL A 1 64  ? 10.946  -8.210  -21.721 1.00 16.83 ? 60  VAL A CA  1 
ATOM   452  C C   . VAL A 1 64  ? 11.498  -9.630  -21.801 1.00 15.84 ? 60  VAL A C   1 
ATOM   453  O O   . VAL A 1 64  ? 10.884  -10.521 -22.373 1.00 17.30 ? 60  VAL A O   1 
ATOM   454  C CB  . VAL A 1 64  ? 10.756  -7.733  -20.237 1.00 15.64 ? 60  VAL A CB  1 
ATOM   455  C CG1 . VAL A 1 64  ? 10.373  -6.291  -20.222 1.00 14.65 ? 60  VAL A CG1 1 
ATOM   456  C CG2 . VAL A 1 64  ? 9.648   -8.536  -19.513 1.00 18.53 ? 60  VAL A CG2 1 
ATOM   457  N N   . ASP A 1 65  ? 12.674  -9.819  -21.209 1.00 16.41 ? 61  ASP A N   1 
ATOM   458  C CA  . ASP A 1 65  ? 13.348  -11.124 -21.159 1.00 16.81 ? 61  ASP A CA  1 
ATOM   459  C C   . ASP A 1 65  ? 12.597  -12.040 -20.191 1.00 19.11 ? 61  ASP A C   1 
ATOM   460  O O   . ASP A 1 65  ? 11.795  -11.549 -19.359 1.00 17.99 ? 61  ASP A O   1 
ATOM   461  C CB  . ASP A 1 65  ? 14.759  -10.924 -20.630 1.00 18.06 ? 61  ASP A CB  1 
ATOM   462  C CG  . ASP A 1 65  ? 14.747  -10.345 -19.248 1.00 15.25 ? 61  ASP A CG  1 
ATOM   463  O OD1 . ASP A 1 65  ? 14.526  -9.137  -19.116 1.00 17.27 ? 61  ASP A OD1 1 
ATOM   464  O OD2 . ASP A 1 65  ? 14.872  -11.078 -18.250 1.00 16.78 ? 61  ASP A OD2 1 
ATOM   465  N N   . PRO A 1 66  ? 12.833  -13.344 -20.281 1.00 19.43 ? 62  PRO A N   1 
ATOM   466  C CA  . PRO A 1 66  ? 12.116  -14.301 -19.435 1.00 20.24 ? 62  PRO A CA  1 
ATOM   467  C C   . PRO A 1 66  ? 12.250  -14.106 -17.944 1.00 20.61 ? 62  PRO A C   1 
ATOM   468  O O   . PRO A 1 66  ? 11.255  -14.377 -17.229 1.00 21.30 ? 62  PRO A O   1 
ATOM   469  C CB  . PRO A 1 66  ? 12.750  -15.636 -19.818 1.00 20.06 ? 62  PRO A CB  1 
ATOM   470  C CG  . PRO A 1 66  ? 13.124  -15.437 -21.250 1.00 21.08 ? 62  PRO A CG  1 
ATOM   471  C CD  . PRO A 1 66  ? 13.637  -14.038 -21.307 1.00 19.44 ? 62  PRO A CD  1 
ATOM   472  N N   . ARG A 1 67  ? 13.395  -13.664 -17.466 1.00 20.53 ? 63  ARG A N   1 
ATOM   473  C CA  . ARG A 1 67  ? 13.555  -13.480 -16.009 1.00 21.63 ? 63  ARG A CA  1 
ATOM   474  C C   . ARG A 1 67  ? 12.678  -12.296 -15.532 1.00 21.84 ? 63  ARG A C   1 
ATOM   475  O O   . ARG A 1 67  ? 11.868  -12.438 -14.584 1.00 20.68 ? 63  ARG A O   1 
ATOM   476  C CB  . ARG A 1 67  ? 15.016  -13.271 -15.604 1.00 23.21 ? 63  ARG A CB  1 
ATOM   477  C CG  . ARG A 1 67  ? 15.414  -13.760 -14.200 1.00 29.55 ? 63  ARG A CG  1 
ATOM   478  C CD  . ARG A 1 67  ? 15.207  -15.266 -13.947 1.00 34.16 ? 63  ARG A CD  1 
ATOM   479  N NE  . ARG A 1 67  ? 13.902  -15.504 -13.323 1.00 40.93 ? 63  ARG A NE  1 
ATOM   480  C CZ  . ARG A 1 67  ? 13.293  -16.680 -13.173 1.00 42.81 ? 63  ARG A CZ  1 
ATOM   481  N NH1 . ARG A 1 67  ? 13.826  -17.787 -13.643 1.00 45.52 ? 63  ARG A NH1 1 
ATOM   482  N NH2 . ARG A 1 67  ? 12.099  -16.738 -12.583 1.00 45.96 ? 63  ARG A NH2 1 
ATOM   483  N N   . SER A 1 68  ? 12.821  -11.153 -16.185 1.00 19.07 ? 64  SER A N   1 
ATOM   484  C CA  . SER A 1 68  ? 11.924  -10.008 -15.962 1.00 18.29 ? 64  SER A CA  1 
ATOM   485  C C   . SER A 1 68  ? 10.457  -10.370 -16.108 1.00 18.50 ? 64  SER A C   1 
ATOM   486  O O   . SER A 1 68  ? 9.620   -9.941  -15.317 1.00 17.64 ? 64  SER A O   1 
ATOM   487  C CB  . SER A 1 68  ? 12.250  -8.918  -16.964 1.00 18.29 ? 64  SER A CB  1 
ATOM   488  O OG  . SER A 1 68  ? 13.519  -8.393  -16.696 1.00 17.44 ? 64  SER A OG  1 
ATOM   489  N N   . LYS A 1 69  ? 10.124  -11.157 -17.121 1.00 16.88 ? 65  LYS A N   1 
ATOM   490  C CA  . LYS A 1 69  ? 8.724   -11.486 -17.382 1.00 18.84 ? 65  LYS A CA  1 
ATOM   491  C C   . LYS A 1 69  ? 8.120   -12.273 -16.215 1.00 19.67 ? 65  LYS A C   1 
ATOM   492  O O   . LYS A 1 69  ? 6.989   -11.999 -15.815 1.00 19.98 ? 65  LYS A O   1 
ATOM   493  C CB  . LYS A 1 69  ? 8.558   -12.230 -18.725 1.00 20.53 ? 65  LYS A CB  1 
ATOM   494  C CG  . LYS A 1 69  ? 7.105   -12.380 -19.138 1.00 21.60 ? 65  LYS A CG  1 
ATOM   495  C CD  . LYS A 1 69  ? 6.910   -13.013 -20.529 1.00 23.90 ? 65  LYS A CD  1 
ATOM   496  C CE  . LYS A 1 69  ? 7.210   -12.515 -21.611 0.00 24.54 ? 65  LYS A CE  1 
ATOM   497  N NZ  . LYS A 1 69  ? 6.030   -11.677 -21.953 0.00 24.59 ? 65  LYS A NZ  1 
ATOM   498  N N   . LEU A 1 70  ? 8.869   -13.205 -15.656 1.00 19.77 ? 66  LEU A N   1 
ATOM   499  C CA  . LEU A 1 70  ? 8.344   -14.033 -14.578 1.00 20.86 ? 66  LEU A CA  1 
ATOM   500  C C   . LEU A 1 70  ? 8.198   -13.143 -13.361 1.00 20.62 ? 66  LEU A C   1 
ATOM   501  O O   . LEU A 1 70  ? 7.177   -13.210 -12.646 1.00 22.03 ? 66  LEU A O   1 
ATOM   502  C CB  . LEU A 1 70  ? 9.252   -15.214 -14.257 1.00 20.76 ? 66  LEU A CB  1 
ATOM   503  C CG  . LEU A 1 70  ? 8.641   -16.176 -13.228 1.00 24.36 ? 66  LEU A CG  1 
ATOM   504  C CD1 . LEU A 1 70  ? 7.499   -16.899 -13.853 0.00 24.08 ? 66  LEU A CD1 1 
ATOM   505  C CD2 . LEU A 1 70  ? 9.631   -17.082 -12.610 0.00 24.08 ? 66  LEU A CD2 1 
ATOM   506  N N   . ALA A 1 71  ? 9.174   -12.287 -13.126 1.00 19.00 ? 67  ALA A N   1 
ATOM   507  C CA  . ALA A 1 71  ? 9.126   -11.390 -11.965 1.00 19.09 ? 67  ALA A CA  1 
ATOM   508  C C   . ALA A 1 71  ? 7.956   -10.429 -12.030 1.00 18.50 ? 67  ALA A C   1 
ATOM   509  O O   . ALA A 1 71  ? 7.236   -10.247 -11.040 1.00 18.08 ? 67  ALA A O   1 
ATOM   510  C CB  . ALA A 1 71  ? 10.422  -10.606 -11.802 1.00 19.83 ? 67  ALA A CB  1 
ATOM   511  N N   . TYR A 1 72  ? 7.777   -9.770  -13.154 1.00 17.06 ? 68  TYR A N   1 
ATOM   512  C CA  . TYR A 1 72  ? 6.700   -8.801  -13.308 1.00 16.33 ? 68  TYR A CA  1 
ATOM   513  C C   . TYR A 1 72  ? 5.331   -9.485  -13.305 1.00 17.36 ? 68  TYR A C   1 
ATOM   514  O O   . TYR A 1 72  ? 4.362   -8.894  -12.827 1.00 15.12 ? 68  TYR A O   1 
ATOM   515  C CB  . TYR A 1 72  ? 6.907   -7.907  -14.544 1.00 16.38 ? 68  TYR A CB  1 
ATOM   516  C CG  . TYR A 1 72  ? 8.136   -7.017  -14.450 1.00 15.21 ? 68  TYR A CG  1 
ATOM   517  C CD1 . TYR A 1 72  ? 8.490   -6.349  -13.286 1.00 15.52 ? 68  TYR A CD1 1 
ATOM   518  C CD2 . TYR A 1 72  ? 8.988   -6.858  -15.550 1.00 16.00 ? 68  TYR A CD2 1 
ATOM   519  C CE1 . TYR A 1 72  ? 9.597   -5.564  -13.221 1.00 14.58 ? 68  TYR A CE1 1 
ATOM   520  C CE2 . TYR A 1 72  ? 10.092  -6.080  -15.475 1.00 15.88 ? 68  TYR A CE2 1 
ATOM   521  C CZ  . TYR A 1 72  ? 10.433  -5.437  -14.338 1.00 15.19 ? 68  TYR A CZ  1 
ATOM   522  O OH  . TYR A 1 72  ? 11.557  -4.650  -14.294 1.00 15.55 ? 68  TYR A OH  1 
ATOM   523  N N   . ARG A 1 73  ? 5.244   -10.698 -13.827 1.00 17.07 ? 69  ARG A N   1 
ATOM   524  C CA  . ARG A 1 73  ? 4.010   -11.477 -13.780 1.00 18.22 ? 69  ARG A CA  1 
ATOM   525  C C   . ARG A 1 73  ? 3.651   -11.873 -12.350 1.00 17.77 ? 69  ARG A C   1 
ATOM   526  O O   . ARG A 1 73  ? 2.469   -11.832 -11.984 1.00 18.81 ? 69  ARG A O   1 
ATOM   527  C CB  . ARG A 1 73  ? 4.086   -12.731 -14.648 1.00 18.86 ? 69  ARG A CB  1 
ATOM   528  C CG  . ARG A 1 73  ? 3.760   -12.505 -16.098 1.00 21.99 ? 69  ARG A CG  1 
ATOM   529  C CD  . ARG A 1 73  ? 3.891   -13.782 -16.922 1.00 25.54 ? 69  ARG A CD  1 
ATOM   530  N NE  . ARG A 1 73  ? 3.577   -13.554 -18.332 1.00 29.88 ? 69  ARG A NE  1 
ATOM   531  C CZ  . ARG A 1 73  ? 3.512   -14.531 -19.252 0.00 29.05 ? 69  ARG A CZ  1 
ATOM   532  N NH1 . ARG A 1 73  ? 3.841   -15.772 -18.919 0.00 29.32 ? 69  ARG A NH1 1 
ATOM   533  N NH2 . ARG A 1 73  ? 3.165   -14.255 -20.502 0.00 29.32 ? 69  ARG A NH2 1 
ATOM   534  N N   . SER A 1 74  ? 4.664   -12.213 -11.546 1.00 17.70 ? 70  SER A N   1 
ATOM   535  C CA  . SER A 1 74  ? 4.472   -12.455 -10.122 1.00 18.59 ? 70  SER A CA  1 
ATOM   536  C C   . SER A 1 74  ? 3.968   -11.158 -9.457  1.00 17.32 ? 70  SER A C   1 
ATOM   537  O O   . SER A 1 74  ? 3.050   -11.185 -8.571  1.00 16.61 ? 70  SER A O   1 
ATOM   538  C CB  . SER A 1 74  ? 5.775   -12.911 -9.487  1.00 19.28 ? 70  SER A CB  1 
ATOM   539  O OG  . SER A 1 74  ? 5.687   -12.931 -8.066  1.00 27.23 ? 70  SER A OG  1 
ATOM   540  N N   . CYS A 1 75  ? 4.542   -10.034 -9.849  1.00 15.96 ? 71  CYS A N   1 
ATOM   541  C CA  . CYS A 1 75  ? 4.111   -8.736  -9.338  1.00 16.01 ? 71  CYS A CA  1 
ATOM   542  C C   . CYS A 1 75  ? 2.640   -8.491  -9.708  1.00 16.61 ? 71  CYS A C   1 
ATOM   543  O O   . CYS A 1 75  ? 1.864   -8.006  -8.887  1.00 14.87 ? 71  CYS A O   1 
ATOM   544  C CB  . CYS A 1 75  ? 5.010   -7.590  -9.832  1.00 15.56 ? 71  CYS A CB  1 
ATOM   545  S SG  . CYS A 1 75  ? 6.625   -7.500  -9.044  1.00 16.08 ? 71  CYS A SG  1 
ATOM   546  N N   . VAL A 1 76  ? 2.225   -8.874  -10.912 1.00 15.98 ? 72  VAL A N   1 
ATOM   547  C CA  . VAL A 1 76  ? 0.836   -8.655  -11.319 1.00 16.35 ? 72  VAL A CA  1 
ATOM   548  C C   . VAL A 1 76  ? -0.110  -9.463  -10.423 1.00 15.98 ? 72  VAL A C   1 
ATOM   549  O O   . VAL A 1 76  ? -1.120  -8.939  -9.980  1.00 15.75 ? 72  VAL A O   1 
ATOM   550  C CB  . VAL A 1 76  ? 0.601   -9.021  -12.807 1.00 16.69 ? 72  VAL A CB  1 
ATOM   551  C CG1 . VAL A 1 76  ? -0.887  -9.165  -13.130 1.00 18.89 ? 72  VAL A CG1 1 
ATOM   552  C CG2 . VAL A 1 76  ? 1.238   -7.996  -13.719 1.00 16.73 ? 72  VAL A CG2 1 
ATOM   553  N N   . ASP A 1 77  ? 0.252   -10.705 -10.153 1.00 16.11 ? 73  ASP A N   1 
ATOM   554  C CA  . ASP A 1 77  ? -0.559  -11.562 -9.299  1.00 16.76 ? 73  ASP A CA  1 
ATOM   555  C C   . ASP A 1 77  ? -0.633  -10.945 -7.910  1.00 15.93 ? 73  ASP A C   1 
ATOM   556  O O   . ASP A 1 77  ? -1.716  -10.921 -7.315  1.00 15.58 ? 73  ASP A O   1 
ATOM   557  C CB  . ASP A 1 77  ? 0.006   -12.963 -9.251  1.00 17.42 ? 73  ASP A CB  1 
ATOM   558  C CG  . ASP A 1 77  ? -0.056  -13.676 -10.590 1.00 21.80 ? 73  ASP A CG  1 
ATOM   559  O OD1 . ASP A 1 77  ? -0.793  -13.253 -11.493 1.00 29.53 ? 73  ASP A OD1 1 
ATOM   560  O OD2 . ASP A 1 77  ? 0.618   -14.678 -10.806 1.00 27.78 ? 73  ASP A OD2 1 
ATOM   561  N N   . GLU A 1 78  ? 0.485   -10.466 -7.384  1.00 14.79 ? 74  GLU A N   1 
ATOM   562  C CA  . GLU A 1 78  ? 0.508   -9.878  -6.038  1.00 13.65 ? 74  GLU A CA  1 
ATOM   563  C C   . GLU A 1 78  ? -0.339  -8.619  -5.987  1.00 14.06 ? 74  GLU A C   1 
ATOM   564  O O   . GLU A 1 78  ? -1.039  -8.377  -4.990  1.00 13.14 ? 74  GLU A O   1 
ATOM   565  C CB  . GLU A 1 78  ? 1.934   -9.578  -5.583  1.00 13.64 ? 74  GLU A CB  1 
ATOM   566  C CG  . GLU A 1 78  ? 2.779   -10.841 -5.395  1.00 15.04 ? 74  GLU A CG  1 
ATOM   567  C CD  . GLU A 1 78  ? 2.267   -11.746 -4.288  1.00 19.57 ? 74  GLU A CD  1 
ATOM   568  O OE1 . GLU A 1 78  ? 1.719   -11.245 -3.309  1.00 19.51 ? 74  GLU A OE1 1 
ATOM   569  O OE2 . GLU A 1 78  ? 2.345   -12.984 -4.432  1.00 24.13 ? 74  GLU A OE2 1 
ATOM   570  N N   . TYR A 1 79  ? -0.291  -7.798  -7.034  1.00 12.02 ? 75  TYR A N   1 
ATOM   571  C CA  . TYR A 1 79  ? -1.055  -6.580  -7.071  1.00 12.64 ? 75  TYR A CA  1 
ATOM   572  C C   . TYR A 1 79  ? -2.555  -6.803  -7.274  1.00 12.94 ? 75  TYR A C   1 
ATOM   573  O O   . TYR A 1 79  ? -3.357  -6.049  -6.721  1.00 12.09 ? 75  TYR A O   1 
ATOM   574  C CB  . TYR A 1 79  ? -0.468  -5.542  -8.050  1.00 12.56 ? 75  TYR A CB  1 
ATOM   575  C CG  . TYR A 1 79  ? 0.628   -4.732  -7.357  1.00 13.55 ? 75  TYR A CG  1 
ATOM   576  C CD1 . TYR A 1 79  ? 1.972   -4.926  -7.666  1.00 13.33 ? 75  TYR A CD1 1 
ATOM   577  C CD2 . TYR A 1 79  ? 0.343   -3.954  -6.230  1.00 20.19 ? 75  TYR A CD2 1 
ATOM   578  C CE1 . TYR A 1 79  ? 2.975   -4.231  -7.000  1.00 13.68 ? 75  TYR A CE1 1 
ATOM   579  C CE2 . TYR A 1 79  ? 1.352   -3.278  -5.544  1.00 21.29 ? 75  TYR A CE2 1 
ATOM   580  C CZ  . TYR A 1 79  ? 2.677   -3.414  -5.978  1.00 18.13 ? 75  TYR A CZ  1 
ATOM   581  O OH  . TYR A 1 79  ? 3.707   -2.757  -5.328  1.00 19.28 ? 75  TYR A OH  1 
ATOM   582  N N   . GLU A 1 80  ? -2.929  -7.800  -8.088  1.00 12.59 ? 76  GLU A N   1 
ATOM   583  C CA  . GLU A 1 80  ? -4.331  -8.143  -8.221  1.00 14.14 ? 76  GLU A CA  1 
ATOM   584  C C   . GLU A 1 80  ? -4.905  -8.527  -6.822  1.00 12.43 ? 76  GLU A C   1 
ATOM   585  O O   . GLU A 1 80  ? -5.959  -8.066  -6.432  1.00 14.87 ? 76  GLU A O   1 
ATOM   586  C CB  . GLU A 1 80  ? -4.555  -9.228  -9.261  1.00 14.87 ? 76  GLU A CB  1 
ATOM   587  C CG  . GLU A 1 80  ? -4.244  -8.755  -10.683 1.00 17.86 ? 76  GLU A CG  1 
ATOM   588  C CD  . GLU A 1 80  ? -4.437  -9.818  -11.731 1.00 25.28 ? 76  GLU A CD  1 
ATOM   589  O OE1 . GLU A 1 80  ? -4.310  -11.017 -11.401 1.00 27.40 ? 76  GLU A OE1 1 
ATOM   590  O OE2 . GLU A 1 80  ? -4.668  -9.411  -12.885 1.00 30.23 ? 76  GLU A OE2 1 
ATOM   591  N N   A SER A 1 81  ? -4.126  -9.288  -6.078  0.50 12.17 ? 77  SER A N   1 
ATOM   592  N N   B SER A 1 81  ? -3.941  -9.422  -5.965  0.50 13.35 ? 77  SER A N   1 
ATOM   593  C CA  A SER A 1 81  ? -4.520  -9.720  -4.740  0.50 11.90 ? 77  SER A CA  1 
ATOM   594  C CA  B SER A 1 81  ? -4.511  -9.854  -4.689  0.50 13.64 ? 77  SER A CA  1 
ATOM   595  C C   A SER A 1 81  ? -4.497  -8.537  -3.796  0.50 12.23 ? 77  SER A C   1 
ATOM   596  C C   B SER A 1 81  ? -4.595  -8.655  -3.752  0.50 14.46 ? 77  SER A C   1 
ATOM   597  O O   A SER A 1 81  ? -5.400  -8.375  -2.971  0.50 11.51 ? 77  SER A O   1 
ATOM   598  O O   B SER A 1 81  ? -5.536  -8.466  -2.984  0.50 13.18 ? 77  SER A O   1 
ATOM   599  C CB  A SER A 1 81  ? -3.594  -10.824 -4.241  0.50 12.11 ? 77  SER A CB  1 
ATOM   600  C CB  B SER A 1 81  ? -3.637  -10.924 -4.075  0.50 14.02 ? 77  SER A CB  1 
ATOM   601  O OG  A SER A 1 81  ? -3.867  -12.039 -4.929  0.50 14.89 ? 77  SER A OG  1 
ATOM   602  O OG  B SER A 1 81  ? -4.177  -11.298 -2.823  0.50 17.59 ? 77  SER A OG  1 
ATOM   603  N N   . ALA A 1 82  ? -3.481  -7.700  -3.906  1.00 11.65 ? 78  ALA A N   1 
ATOM   604  C CA  . ALA A 1 82  ? -3.393  -6.563  -3.004  1.00 10.56 ? 78  ALA A CA  1 
ATOM   605  C C   . ALA A 1 82  ? -4.560  -5.611  -3.206  1.00 11.42 ? 78  ALA A C   1 
ATOM   606  O O   . ALA A 1 82  ? -5.104  -5.069  -2.251  1.00 11.62 ? 78  ALA A O   1 
ATOM   607  C CB  . ALA A 1 82  ? -2.100  -5.832  -3.181  1.00 11.84 ? 78  ALA A CB  1 
ATOM   608  N N   . ILE A 1 83  ? -4.937  -5.395  -4.458  1.00 11.93 ? 79  ILE A N   1 
ATOM   609  C CA  . ILE A 1 83  ? -6.064  -4.551  -4.776  1.00 12.08 ? 79  ILE A CA  1 
ATOM   610  C C   . ILE A 1 83  ? -7.336  -5.096  -4.148  1.00 11.83 ? 79  ILE A C   1 
ATOM   611  O O   . ILE A 1 83  ? -8.102  -4.327  -3.599  1.00 10.59 ? 79  ILE A O   1 
ATOM   612  C CB  . ILE A 1 83  ? -6.175  -4.341  -6.343  1.00 13.08 ? 79  ILE A CB  1 
ATOM   613  C CG1 . ILE A 1 83  ? -5.070  -3.377  -6.747  1.00 14.25 ? 79  ILE A CG1 1 
ATOM   614  C CG2 . ILE A 1 83  ? -7.512  -3.812  -6.740  1.00 15.77 ? 79  ILE A CG2 1 
ATOM   615  C CD1 . ILE A 1 83  ? -4.727  -3.453  -8.207  1.00 16.04 ? 79  ILE A CD1 1 
ATOM   616  N N   . GLY A 1 84  ? -7.576  -6.405  -4.238  1.00 11.42 ? 80  GLY A N   1 
ATOM   617  C CA  . GLY A 1 84  ? -8.698  -7.012  -3.549  1.00 10.99 ? 80  GLY A CA  1 
ATOM   618  C C   . GLY A 1 84  ? -8.662  -6.840  -2.058  1.00 12.37 ? 80  GLY A C   1 
ATOM   619  O O   . GLY A 1 84  ? -9.693  -6.599  -1.436  1.00 12.04 ? 80  GLY A O   1 
ATOM   620  N N   . ASN A 1 85  ? -7.461  -6.982  -1.498  1.00 10.94 ? 81  ASN A N   1 
ATOM   621  C CA  . ASN A 1 85  ? -7.283  -6.810  -0.056  1.00 11.18 ? 81  ASN A CA  1 
ATOM   622  C C   . ASN A 1 85  ? -7.578  -5.397  0.340   1.00 11.04 ? 81  ASN A C   1 
ATOM   623  O O   . ASN A 1 85  ? -8.237  -5.192  1.371   1.00 9.90  ? 81  ASN A O   1 
ATOM   624  C CB  . ASN A 1 85  ? -5.900  -7.262  0.435   1.00 12.06 ? 81  ASN A CB  1 
ATOM   625  C CG  . ASN A 1 85  ? -5.770  -8.778  0.407   1.00 15.66 ? 81  ASN A CG  1 
ATOM   626  O OD1 . ASN A 1 85  ? -6.711  -9.465  0.757   1.00 19.17 ? 81  ASN A OD1 1 
ATOM   627  N ND2 . ASN A 1 85  ? -4.619  -9.286  0.012   1.00 19.52 ? 81  ASN A ND2 1 
ATOM   628  N N   . LEU A 1 86  ? -7.195  -4.415  -0.470  1.00 9.91  ? 82  LEU A N   1 
ATOM   629  C CA  . LEU A 1 86  ? -7.500  -3.019  -0.110  1.00 8.30  ? 82  LEU A CA  1 
ATOM   630  C C   . LEU A 1 86  ? -8.973  -2.693  -0.272  1.00 10.00 ? 82  LEU A C   1 
ATOM   631  O O   . LEU A 1 86  ? -9.530  -1.925  0.509   1.00 11.50 ? 82  LEU A O   1 
ATOM   632  C CB  . LEU A 1 86  ? -6.628  -2.039  -0.902  1.00 10.01 ? 82  LEU A CB  1 
ATOM   633  C CG  . LEU A 1 86  ? -5.147  -2.106  -0.621  1.00 9.37  ? 82  LEU A CG  1 
ATOM   634  C CD1 . LEU A 1 86  ? -4.375  -1.395  -1.770  1.00 10.99 ? 82  LEU A CD1 1 
ATOM   635  C CD2 . LEU A 1 86  ? -4.786  -1.445  0.693   1.00 11.86 ? 82  LEU A CD2 1 
ATOM   636  N N   . GLU A 1 87  ? -9.653  -3.354  -1.205  1.00 10.10 ? 83  GLU A N   1 
ATOM   637  C CA  . GLU A 1 87  ? -11.111 -3.224  -1.368  1.00 10.62 ? 83  GLU A CA  1 
ATOM   638  C C   . GLU A 1 87  ? -11.789 -3.700  -0.077  1.00 9.41  ? 83  GLU A C   1 
ATOM   639  O O   . GLU A 1 87  ? -12.693 -3.050  0.405   1.00 11.30 ? 83  GLU A O   1 
ATOM   640  C CB  . GLU A 1 87  ? -11.612 -3.969  -2.581  1.00 12.56 ? 83  GLU A CB  1 
ATOM   641  C CG  . GLU A 1 87  ? -11.120 -3.286  -3.863  1.00 17.96 ? 83  GLU A CG  1 
ATOM   642  C CD  . GLU A 1 87  ? -11.483 -3.997  -5.165  1.00 25.15 ? 83  GLU A CD  1 
ATOM   643  O OE1 . GLU A 1 87  ? -11.662 -5.225  -5.150  1.00 28.26 ? 83  GLU A OE1 1 
ATOM   644  O OE2 . GLU A 1 87  ? -11.537 -3.301  -6.223  1.00 30.17 ? 83  GLU A OE2 1 
ATOM   645  N N   . GLU A 1 88  ? -11.333 -4.850  0.453   1.00 10.22 ? 84  GLU A N   1 
ATOM   646  C CA  . GLU A 1 88  ? -11.906 -5.378  1.714   1.00 10.33 ? 84  GLU A CA  1 
ATOM   647  C C   . GLU A 1 88  ? -11.569 -4.467  2.875   1.00 9.94  ? 84  GLU A C   1 
ATOM   648  O O   . GLU A 1 88  ? -12.414 -4.248  3.750   1.00 10.90 ? 84  GLU A O   1 
ATOM   649  C CB  . GLU A 1 88  ? -11.394 -6.771  1.944   1.00 10.73 ? 84  GLU A CB  1 
ATOM   650  C CG  . GLU A 1 88  ? -11.944 -7.809  0.961   1.00 12.61 ? 84  GLU A CG  1 
ATOM   651  C CD  . GLU A 1 88  ? -13.433 -7.849  0.924   1.00 16.72 ? 84  GLU A CD  1 
ATOM   652  O OE1 . GLU A 1 88  ? -14.056 -7.793  1.985   1.00 15.65 ? 84  GLU A OE1 1 
ATOM   653  O OE2 . GLU A 1 88  ? -14.005 -7.880  -0.192  1.00 22.41 ? 84  GLU A OE2 1 
ATOM   654  N N   . ALA A 1 89  ? -10.378 -3.900  2.856   1.00 9.86  ? 85  ALA A N   1 
ATOM   655  C CA  . ALA A 1 89  ? -9.975  -2.989  3.909   1.00 10.05 ? 85  ALA A CA  1 
ATOM   656  C C   . ALA A 1 89  ? -10.973 -1.820  3.969   1.00 10.60 ? 85  ALA A C   1 
ATOM   657  O O   . ALA A 1 89  ? -11.419 -1.405  5.045   1.00 10.16 ? 85  ALA A O   1 
ATOM   658  C CB  . ALA A 1 89  ? -8.578  -2.469  3.657   1.00 10.13 ? 85  ALA A CB  1 
ATOM   659  N N   A PHE A 1 90  ? -11.352 -1.297  2.810   0.50 9.51  ? 86  PHE A N   1 
ATOM   660  N N   B PHE A 1 90  ? -11.364 -1.163  2.785   0.50 9.62  ? 86  PHE A N   1 
ATOM   661  C CA  A PHE A 1 90  ? -12.365 -0.238  2.739   0.50 9.55  ? 86  PHE A CA  1 
ATOM   662  C CA  B PHE A 1 90  ? -12.346 -0.094  2.711   0.50 10.23 ? 86  PHE A CA  1 
ATOM   663  C C   A PHE A 1 90  ? -13.703 -0.700  3.342   0.50 10.16 ? 86  PHE A C   1 
ATOM   664  C C   B PHE A 1 90  ? -13.618 -0.576  3.401   0.50 10.69 ? 86  PHE A C   1 
ATOM   665  O O   A PHE A 1 90  ? -14.350 0.050   4.049   0.50 10.09 ? 86  PHE A O   1 
ATOM   666  O O   B PHE A 1 90  ? -14.348 0.174   4.016   0.50 10.53 ? 86  PHE A O   1 
ATOM   667  C CB  A PHE A 1 90  ? -12.644 0.192   1.301   0.50 10.08 ? 86  PHE A CB  1 
ATOM   668  C CB  B PHE A 1 90  ? -12.568 0.233   1.250   0.50 11.14 ? 86  PHE A CB  1 
ATOM   669  C CG  A PHE A 1 90  ? -11.633 1.183   0.701   0.50 10.67 ? 86  PHE A CG  1 
ATOM   670  C CG  B PHE A 1 90  ? -13.830 0.951   0.958   0.50 13.37 ? 86  PHE A CG  1 
ATOM   671  C CD1 A PHE A 1 90  ? -11.677 2.528   0.993   0.50 11.41 ? 86  PHE A CD1 1 
ATOM   672  C CD1 B PHE A 1 90  ? -14.009 2.270   1.351   0.50 13.82 ? 86  PHE A CD1 1 
ATOM   673  C CD2 A PHE A 1 90  ? -10.718 0.768   -0.261  0.50 10.99 ? 86  PHE A CD2 1 
ATOM   674  C CD2 B PHE A 1 90  ? -14.836 0.323   0.237   0.50 16.91 ? 86  PHE A CD2 1 
ATOM   675  C CE1 A PHE A 1 90  ? -10.808 3.449   0.325   0.50 7.35  ? 86  PHE A CE1 1 
ATOM   676  C CE1 B PHE A 1 90  ? -15.179 2.945   1.040   0.50 15.76 ? 86  PHE A CE1 1 
ATOM   677  C CE2 A PHE A 1 90  ? -9.850  1.663   -0.859  0.50 12.65 ? 86  PHE A CE2 1 
ATOM   678  C CE2 B PHE A 1 90  ? -16.025 0.985   -0.058  0.50 17.10 ? 86  PHE A CE2 1 
ATOM   679  C CZ  A PHE A 1 90  ? -9.903  3.002   -0.540  0.50 13.15 ? 86  PHE A CZ  1 
ATOM   680  C CZ  B PHE A 1 90  ? -16.183 2.305   0.337   0.50 16.98 ? 86  PHE A CZ  1 
ATOM   681  N N   . GLU A 1 91  ? -14.141 -1.899  2.991   1.00 10.28 ? 87  GLU A N   1 
ATOM   682  C CA  . GLU A 1 91  ? -15.400 -2.434  3.494   1.00 10.66 ? 87  GLU A CA  1 
ATOM   683  C C   . GLU A 1 91  ? -15.433 -2.467  4.972   1.00 11.37 ? 87  GLU A C   1 
ATOM   684  O O   . GLU A 1 91  ? -16.447 -2.080  5.569   1.00 11.22 ? 87  GLU A O   1 
ATOM   685  C CB  . GLU A 1 91  ? -15.700 -3.823  2.940   1.00 11.20 ? 87  GLU A CB  1 
ATOM   686  C CG  . GLU A 1 91  ? -15.790 -3.940  1.420   1.00 14.53 ? 87  GLU A CG  1 
ATOM   687  C CD  . GLU A 1 91  ? -17.045 -3.378  0.821   1.00 21.39 ? 87  GLU A CD  1 
ATOM   688  O OE1 . GLU A 1 91  ? -18.105 -3.617  1.414   1.00 27.34 ? 87  GLU A OE1 1 
ATOM   689  O OE2 . GLU A 1 91  ? -16.986 -2.772  -0.291  1.00 22.72 ? 87  GLU A OE2 1 
ATOM   690  N N   . HIS A 1 92  ? -14.321 -2.901  5.576   1.00 9.65  ? 88  HIS A N   1 
ATOM   691  C CA  . HIS A 1 92  ? -14.276 -2.958  7.052   1.00 10.27 ? 88  HIS A CA  1 
ATOM   692  C C   . HIS A 1 92  ? -14.146 -1.592  7.676   1.00 10.28 ? 88  HIS A C   1 
ATOM   693  O O   . HIS A 1 92  ? -14.793 -1.304  8.701   1.00 11.79 ? 88  HIS A O   1 
ATOM   694  C CB  . HIS A 1 92  ? -13.219 -3.959  7.505   1.00 10.59 ? 88  HIS A CB  1 
ATOM   695  C CG  . HIS A 1 92  ? -13.637 -5.351  7.170   1.00 12.31 ? 88  HIS A CG  1 
ATOM   696  N ND1 . HIS A 1 92  ? -14.473 -6.066  7.989   1.00 14.35 ? 88  HIS A ND1 1 
ATOM   697  C CD2 . HIS A 1 92  ? -13.458 -6.114  6.061   1.00 16.97 ? 88  HIS A CD2 1 
ATOM   698  C CE1 . HIS A 1 92  ? -14.768 -7.226  7.420   1.00 14.41 ? 88  HIS A CE1 1 
ATOM   699  N NE2 . HIS A 1 92  ? -14.172 -7.271  6.243   1.00 18.10 ? 88  HIS A NE2 1 
ATOM   700  N N   . LEU A 1 93  ? -13.358 -0.716  7.079   1.00 10.83 ? 89  LEU A N   1 
ATOM   701  C CA  . LEU A 1 93  ? -13.288 0.690   7.535   1.00 10.09 ? 89  LEU A CA  1 
ATOM   702  C C   . LEU A 1 93  ? -14.656 1.356   7.579   1.00 11.32 ? 89  LEU A C   1 
ATOM   703  O O   . LEU A 1 93  ? -14.963 2.030   8.549   1.00 13.03 ? 89  LEU A O   1 
ATOM   704  C CB  . LEU A 1 93  ? -12.337 1.525   6.692   1.00 11.55 ? 89  LEU A CB  1 
ATOM   705  C CG  . LEU A 1 93  ? -12.185 3.002   7.096   1.00 12.73 ? 89  LEU A CG  1 
ATOM   706  C CD1 . LEU A 1 93  ? -11.661 3.151   8.482   1.00 12.85 ? 89  LEU A CD1 1 
ATOM   707  C CD2 . LEU A 1 93  ? -11.340 3.749   6.077   1.00 13.53 ? 89  LEU A CD2 1 
ATOM   708  N N   . ALA A 1 94  ? -15.498 1.084   6.602   1.00 12.58 ? 90  ALA A N   1 
ATOM   709  C CA  . ALA A 1 94  ? -16.845 1.664   6.474   1.00 12.27 ? 90  ALA A CA  1 
ATOM   710  C C   . ALA A 1 94  ? -17.700 1.219   7.653   1.00 14.01 ? 90  ALA A C   1 
ATOM   711  O O   . ALA A 1 94  ? -18.629 1.917   8.040   1.00 14.38 ? 90  ALA A O   1 
ATOM   712  C CB  . ALA A 1 94  ? -17.498 1.295   5.181   1.00 13.44 ? 90  ALA A CB  1 
ATOM   713  N N   A SER A 1 95  ? -17.415 0.056   8.222   0.50 13.36 ? 91  SER A N   1 
ATOM   714  N N   B SER A 1 95  ? -17.393 -0.224  8.206   0.50 14.86 ? 91  SER A N   1 
ATOM   715  C CA  A SER A 1 95  ? -18.118 -0.382  9.439   0.50 14.71 ? 91  SER A CA  1 
ATOM   716  C CA  B SER A 1 95  ? -18.259 -0.650  9.298   0.50 16.17 ? 91  SER A CA  1 
ATOM   717  C C   A SER A 1 95  ? -17.466 0.088   10.738  0.50 15.19 ? 91  SER A C   1 
ATOM   718  C C   B SER A 1 95  ? -17.762 -0.081  10.603  0.50 16.89 ? 91  SER A C   1 
ATOM   719  O O   A SER A 1 95  ? -17.923 -0.273  11.835  0.50 17.11 ? 91  SER A O   1 
ATOM   720  O O   B SER A 1 95  ? -18.204 -0.457  11.701  0.50 19.39 ? 91  SER A O   1 
ATOM   721  C CB  A SER A 1 95  ? -18.285 -1.911  9.426   0.50 15.70 ? 91  SER A CB  1 
ATOM   722  C CB  B SER A 1 95  ? -18.305 -2.173  9.326   0.50 16.41 ? 91  SER A CB  1 
ATOM   723  O OG  A SER A 1 95  ? -17.063 -2.537  9.724   0.50 18.98 ? 91  SER A OG  1 
ATOM   724  O OG  B SER A 1 95  ? -18.910 -2.588  10.516  0.50 16.93 ? 91  SER A OG  1 
ATOM   725  N N   . GLY A 1 96  ? -16.415 0.890   10.655  1.00 15.41 ? 92  GLY A N   1 
ATOM   726  C CA  . GLY A 1 96  ? -15.650 1.274   11.833  1.00 15.45 ? 92  GLY A CA  1 
ATOM   727  C C   . GLY A 1 96  ? -14.749 0.183   12.403  1.00 15.71 ? 92  GLY A C   1 
ATOM   728  O O   . GLY A 1 96  ? -14.249 0.291   13.531  1.00 18.91 ? 92  GLY A O   1 
ATOM   729  N N   . ASP A 1 97  ? -14.555 -0.887  11.639  1.00 12.78 ? 93  ASP A N   1 
ATOM   730  C CA  . ASP A 1 97  ? -13.811 -2.056  12.090  1.00 11.87 ? 93  ASP A CA  1 
ATOM   731  C C   . ASP A 1 97  ? -12.340 -1.902  11.762  1.00 13.13 ? 93  ASP A C   1 
ATOM   732  O O   . ASP A 1 97  ? -11.865 -2.364  10.724  1.00 12.76 ? 93  ASP A O   1 
ATOM   733  C CB  . ASP A 1 97  ? -14.404 -3.285  11.424  1.00 11.96 ? 93  ASP A CB  1 
ATOM   734  C CG  . ASP A 1 97  ? -13.674 -4.567  11.747  1.00 13.66 ? 93  ASP A CG  1 
ATOM   735  O OD1 . ASP A 1 97  ? -12.858 -4.605  12.705  1.00 13.62 ? 93  ASP A OD1 1 
ATOM   736  O OD2 . ASP A 1 97  ? -13.891 -5.577  11.014  1.00 14.47 ? 93  ASP A OD2 1 
ATOM   737  N N   . GLY A 1 98  ? -11.620 -1.248  12.655  1.00 13.01 ? 94  GLY A N   1 
ATOM   738  C CA  . GLY A 1 98  ? -10.213 -1.030  12.476  1.00 12.99 ? 94  GLY A CA  1 
ATOM   739  C C   . GLY A 1 98  ? -9.392  -2.309  12.372  1.00 13.55 ? 94  GLY A C   1 
ATOM   740  O O   . GLY A 1 98  ? -8.402  -2.381  11.658  1.00 13.28 ? 94  GLY A O   1 
ATOM   741  N N   A MET A 1 99  ? -9.772  -3.328  13.133  0.50 12.41 ? 95  MET A N   1 
ATOM   742  N N   B MET A 1 99  ? -9.700  -3.425  13.298  0.50 13.80 ? 95  MET A N   1 
ATOM   743  C CA  A MET A 1 99  ? -9.033  -4.594  13.138  0.50 12.58 ? 95  MET A CA  1 
ATOM   744  C CA  B MET A 1 99  ? -8.928  -4.655  13.284  0.50 14.64 ? 95  MET A CA  1 
ATOM   745  C C   A MET A 1 99  ? -9.174  -5.271  11.782  0.50 12.10 ? 95  MET A C   1 
ATOM   746  C C   B MET A 1 99  ? -9.087  -5.353  11.950  0.50 14.22 ? 95  MET A C   1 
ATOM   747  O O   A MET A 1 99  ? -8.206  -5.802  11.270  0.50 11.70 ? 95  MET A O   1 
ATOM   748  O O   B MET A 1 99  ? -8.122  -5.787  11.342  0.50 12.93 ? 95  MET A O   1 
ATOM   749  C CB  A MET A 1 99  ? -9.503  -5.540  14.266  0.50 13.21 ? 95  MET A CB  1 
ATOM   750  C CB  B MET A 1 99  ? -9.429  -5.575  14.381  0.50 15.63 ? 95  MET A CB  1 
ATOM   751  C CG  A MET A 1 99  ? -8.832  -6.939  14.267  0.50 15.55 ? 95  MET A CG  1 
ATOM   752  C CG  B MET A 1 99  ? -8.781  -6.927  14.391  0.50 19.46 ? 95  MET A CG  1 
ATOM   753  S SD  A MET A 1 99  ? -9.290  -8.117  15.628  0.50 17.25 ? 95  MET A SD  1 
ATOM   754  S SD  B MET A 1 99  ? -7.055  -6.736  14.653  0.50 28.39 ? 95  MET A SD  1 
ATOM   755  C CE  A MET A 1 99  ? -8.228  -7.623  16.983  0.00 25.13 ? 95  MET A CE  1 
ATOM   756  C CE  B MET A 1 99  ? -6.975  -6.541  16.644  0.00 25.13 ? 95  MET A CE  1 
ATOM   757  N N   . GLY A 1 100 ? -10.358 -5.223  11.199  1.00 11.84 ? 96  GLY A N   1 
ATOM   758  C CA  . GLY A 1 100 ? -10.608 -5.812  9.905   1.00 11.83 ? 96  GLY A CA  1 
ATOM   759  C C   . GLY A 1 100 ? -9.796  -5.114  8.841   1.00 11.69 ? 96  GLY A C   1 
ATOM   760  O O   . GLY A 1 100 ? -9.179  -5.751  7.947   1.00 11.42 ? 96  GLY A O   1 
ATOM   761  N N   . MET A 1 101 ? -9.806  -3.781  8.913   1.00 11.38 ? 97  MET A N   1 
ATOM   762  C CA  . MET A 1 101 ? -8.980  -2.979  8.023   1.00 10.94 ? 97  MET A CA  1 
ATOM   763  C C   . MET A 1 101 ? -7.514  -3.380  8.149   1.00 10.68 ? 97  MET A C   1 
ATOM   764  O O   . MET A 1 101 ? -6.801  -3.555  7.161   1.00 10.16 ? 97  MET A O   1 
ATOM   765  C CB  . MET A 1 101 ? -9.160  -1.496  8.320   1.00 11.22 ? 97  MET A CB  1 
ATOM   766  C CG  . MET A 1 101 ? -8.188  -0.672  7.506   1.00 12.36 ? 97  MET A CG  1 
ATOM   767  S SD  . MET A 1 101 ? -8.443  1.079   7.781   1.00 13.15 ? 97  MET A SD  1 
ATOM   768  C CE  . MET A 1 101 ? -6.904  1.734   7.025   1.00 13.92 ? 97  MET A CE  1 
ATOM   769  N N   . ASN A 1 102 ? -7.059  -3.538  9.370   1.00 10.85 ? 98  ASN A N   1 
ATOM   770  C CA  . ASN A 1 102 ? -5.671  -3.794  9.647   1.00 10.98 ? 98  ASN A CA  1 
ATOM   771  C C   . ASN A 1 102 ? -5.175  -5.107  9.071   1.00 9.50  ? 98  ASN A C   1 
ATOM   772  O O   . ASN A 1 102 ? -4.141  -5.174  8.434   1.00 10.66 ? 98  ASN A O   1 
ATOM   773  C CB  . ASN A 1 102 ? -5.508  -3.714  11.153  1.00 11.74 ? 98  ASN A CB  1 
ATOM   774  C CG  . ASN A 1 102 ? -4.130  -3.750  11.599  1.00 12.58 ? 98  ASN A CG  1 
ATOM   775  O OD1 . ASN A 1 102 ? -3.533  -4.832  11.706  1.00 16.73 ? 98  ASN A OD1 1 
ATOM   776  N ND2 . ASN A 1 102 ? -3.578  -2.553  11.952  1.00 16.63 ? 98  ASN A ND2 1 
ATOM   777  N N   . MET A 1 103 ? -5.980  -6.142  9.212   1.00 10.18 ? 99  MET A N   1 
ATOM   778  C CA  . MET A 1 103 ? -5.645  -7.474  8.724   1.00 9.16  ? 99  MET A CA  1 
ATOM   779  C C   . MET A 1 103 ? -5.494  -7.439  7.193   1.00 9.74  ? 99  MET A C   1 
ATOM   780  O O   . MET A 1 103 ? -4.555  -7.997  6.623   1.00 10.31 ? 99  MET A O   1 
ATOM   781  C CB  . MET A 1 103 ? -6.781  -8.475  9.039   1.00 9.96  ? 99  MET A CB  1 
ATOM   782  C CG  . MET A 1 103 ? -6.434  -9.848  8.672   1.00 13.34 ? 99  MET A CG  1 
ATOM   783  S SD  . MET A 1 103 ? -7.797  -11.045 9.040   1.00 18.66 ? 99  MET A SD  1 
ATOM   784  C CE  . MET A 1 103 ? -9.046  -10.683 7.800   1.00 18.34 ? 99  MET A CE  1 
ATOM   785  N N   . LYS A 1 104 ? -6.447  -6.755  6.558   1.00 8.04  ? 100 LYS A N   1 
ATOM   786  C CA  . LYS A 1 104 ? -6.423  -6.698  5.094   1.00 8.31  ? 100 LYS A CA  1 
ATOM   787  C C   . LYS A 1 104 ? -5.330  -5.793  4.550   1.00 8.07  ? 100 LYS A C   1 
ATOM   788  O O   . LYS A 1 104 ? -4.664  -6.130  3.550   1.00 8.85  ? 100 LYS A O   1 
ATOM   789  C CB  . LYS A 1 104 ? -7.791  -6.280  4.572   1.00 8.14  ? 100 LYS A CB  1 
ATOM   790  C CG  . LYS A 1 104 ? -8.867  -7.346  4.747   1.00 9.73  ? 100 LYS A CG  1 
ATOM   791  C CD  . LYS A 1 104 ? -8.584  -8.605  3.928   1.00 12.61 ? 100 LYS A CD  1 
ATOM   792  C CE  . LYS A 1 104 ? -9.728  -9.579  3.969   1.00 16.75 ? 100 LYS A CE  1 
ATOM   793  N NZ  . LYS A 1 104 ? -9.439  -10.801 3.233   1.00 19.69 ? 100 LYS A NZ  1 
ATOM   794  N N   . VAL A 1 105 ? -5.029  -4.679  5.211   1.00 7.78  ? 101 VAL A N   1 
ATOM   795  C CA  . VAL A 1 105 ? -3.892  -3.840  4.828   1.00 8.47  ? 101 VAL A CA  1 
ATOM   796  C C   . VAL A 1 105 ? -2.591  -4.581  5.014   1.00 9.81  ? 101 VAL A C   1 
ATOM   797  O O   . VAL A 1 105 ? -1.679  -4.485  4.187   1.00 9.69  ? 101 VAL A O   1 
ATOM   798  C CB  . VAL A 1 105 ? -3.893  -2.526  5.595   1.00 8.19  ? 101 VAL A CB  1 
ATOM   799  C CG1 . VAL A 1 105 ? -2.590  -1.749  5.319   1.00 8.39  ? 101 VAL A CG1 1 
ATOM   800  C CG2 . VAL A 1 105 ? -5.038  -1.675  5.217   1.00 7.42  ? 101 VAL A CG2 1 
ATOM   801  N N   A SER A 1 106 ? -2.503  -5.379  6.061   0.50 8.78  ? 102 SER A N   1 
ATOM   802  N N   B SER A 1 106 ? -2.418  -5.412  6.132   0.50 9.05  ? 102 SER A N   1 
ATOM   803  C CA  A SER A 1 106 ? -1.312  -6.195  6.289   0.50 9.91  ? 102 SER A CA  1 
ATOM   804  C CA  B SER A 1 106 ? -1.200  -6.194  6.331   0.50 10.78 ? 102 SER A CA  1 
ATOM   805  C C   A SER A 1 106 ? -1.059  -7.170  5.128   0.50 10.52 ? 102 SER A C   1 
ATOM   806  C C   B SER A 1 106 ? -0.944  -7.107  5.151   0.50 11.31 ? 102 SER A C   1 
ATOM   807  O O   A SER A 1 106 ? 0.074   -7.359  4.695   0.50 11.00 ? 102 SER A O   1 
ATOM   808  O O   B SER A 1 106 ? 0.180   -7.325  4.727   0.50 11.79 ? 102 SER A O   1 
ATOM   809  C CB  A SER A 1 106 ? -1.394  -6.898  7.655   0.50 10.58 ? 102 SER A CB  1 
ATOM   810  C CB  B SER A 1 106 ? -1.297  -6.972  7.627   0.50 11.51 ? 102 SER A CB  1 
ATOM   811  O OG  A SER A 1 106 ? -0.103  -7.263  8.120   0.50 12.77 ? 102 SER A OG  1 
ATOM   812  O OG  B SER A 1 106 ? -1.068  -6.092  8.691   0.50 13.72 ? 102 SER A OG  1 
ATOM   813  N N   . ALA A 1 107 ? -2.115  -7.776  4.624   1.00 10.40 ? 103 ALA A N   1 
ATOM   814  C CA  . ALA A 1 107 ? -2.023  -8.659  3.508   1.00 10.49 ? 103 ALA A CA  1 
ATOM   815  C C   . ALA A 1 107 ? -1.618  -7.908  2.258   1.00 10.37 ? 103 ALA A C   1 
ATOM   816  O O   . ALA A 1 107 ? -0.786  -8.389  1.501   1.00 11.74 ? 103 ALA A O   1 
ATOM   817  C CB  . ALA A 1 107 ? -3.282  -9.369  3.323   1.00 11.39 ? 103 ALA A CB  1 
ATOM   818  N N   . ALA A 1 108 ? -2.164  -6.715  2.057   1.00 9.34  ? 104 ALA A N   1 
ATOM   819  C CA  . ALA A 1 108 ? -1.730  -5.888  0.904   1.00 8.95  ? 104 ALA A CA  1 
ATOM   820  C C   . ALA A 1 108 ? -0.274  -5.556  0.960   1.00 10.07 ? 104 ALA A C   1 
ATOM   821  O O   . ALA A 1 108 ? 0.430   -5.592  -0.083  1.00 11.17 ? 104 ALA A O   1 
ATOM   822  C CB  . ALA A 1 108 ? -2.553  -4.630  0.790   1.00 10.68 ? 104 ALA A CB  1 
ATOM   823  N N   . LEU A 1 109 ? 0.226   -5.168  2.129   1.00 9.72  ? 105 LEU A N   1 
ATOM   824  C CA  . LEU A 1 109 ? 1.634   -4.819  2.313   1.00 10.37 ? 105 LEU A CA  1 
ATOM   825  C C   . LEU A 1 109 ? 2.530   -5.957  1.876   1.00 11.31 ? 105 LEU A C   1 
ATOM   826  O O   . LEU A 1 109 ? 3.526   -5.756  1.189   1.00 11.37 ? 105 LEU A O   1 
ATOM   827  C CB  . LEU A 1 109 ? 1.889   -4.465  3.794   1.00 9.19  ? 105 LEU A CB  1 
ATOM   828  C CG  . LEU A 1 109 ? 3.235   -3.850  4.196   1.00 10.42 ? 105 LEU A CG  1 
ATOM   829  C CD1 . LEU A 1 109 ? 3.080   -3.054  5.549   1.00 12.45 ? 105 LEU A CD1 1 
ATOM   830  C CD2 . LEU A 1 109 ? 4.298   -4.879  4.319   1.00 12.95 ? 105 LEU A CD2 1 
ATOM   831  N N   . ASP A 1 110 ? 2.160   -7.174  2.247   1.00 11.82 ? 106 ASP A N   1 
ATOM   832  C CA  . ASP A 1 110 ? 2.927   -8.357  1.871   1.00 13.29 ? 106 ASP A CA  1 
ATOM   833  C C   . ASP A 1 110 ? 2.982   -8.495  0.363   1.00 12.56 ? 106 ASP A C   1 
ATOM   834  O O   . ASP A 1 110 ? 4.014   -8.951  -0.177  1.00 13.55 ? 106 ASP A O   1 
ATOM   835  C CB  . ASP A 1 110 ? 2.285   -9.622  2.430   1.00 13.87 ? 106 ASP A CB  1 
ATOM   836  C CG  . ASP A 1 110 ? 2.717   -9.926  3.805   1.00 19.12 ? 106 ASP A CG  1 
ATOM   837  O OD1 . ASP A 1 110 ? 3.356   -9.056  4.484   1.00 19.40 ? 106 ASP A OD1 1 
ATOM   838  O OD2 . ASP A 1 110 ? 2.459   -11.050 4.295   1.00 19.65 ? 106 ASP A OD2 1 
ATOM   839  N N   . GLY A 1 111 ? 1.918   -8.101  -0.334  1.00 12.88 ? 107 GLY A N   1 
ATOM   840  C CA  . GLY A 1 111 ? 1.923   -8.127  -1.789  1.00 12.70 ? 107 GLY A CA  1 
ATOM   841  C C   . GLY A 1 111 ? 2.956   -7.186  -2.341  1.00 12.49 ? 107 GLY A C   1 
ATOM   842  O O   . GLY A 1 111 ? 3.741   -7.578  -3.244  1.00 12.31 ? 107 GLY A O   1 
ATOM   843  N N   . ALA A 1 112 ? 3.009   -5.940  -1.863  1.00 10.72 ? 108 ALA A N   1 
ATOM   844  C CA  . ALA A 1 112 ? 4.022   -5.005  -2.292  1.00 11.36 ? 108 ALA A CA  1 
ATOM   845  C C   . ALA A 1 112 ? 5.428   -5.502  -1.951  1.00 12.80 ? 108 ALA A C   1 
ATOM   846  O O   . ALA A 1 112 ? 6.325   -5.400  -2.784  1.00 12.92 ? 108 ALA A O   1 
ATOM   847  C CB  . ALA A 1 112 ? 3.773   -3.620  -1.738  1.00 11.13 ? 108 ALA A CB  1 
ATOM   848  N N   . ASP A 1 113 ? 5.615   -6.062  -0.765  1.00 12.86 ? 109 ASP A N   1 
ATOM   849  C CA  . ASP A 1 113 ? 6.928   -6.515  -0.284  1.00 14.58 ? 109 ASP A CA  1 
ATOM   850  C C   . ASP A 1 113 ? 7.384   -7.686  -1.147  1.00 13.63 ? 109 ASP A C   1 
ATOM   851  O O   . ASP A 1 113 ? 8.593   -7.793  -1.483  1.00 14.70 ? 109 ASP A O   1 
ATOM   852  C CB  . ASP A 1 113 ? 6.826   -6.954  1.183   1.00 15.52 ? 109 ASP A CB  1 
ATOM   853  C CG  . ASP A 1 113 ? 7.988   -6.466  2.070   1.00 21.68 ? 109 ASP A CG  1 
ATOM   854  O OD1 . ASP A 1 113 ? 8.971   -5.866  1.577   1.00 20.64 ? 109 ASP A OD1 1 
ATOM   855  O OD2 . ASP A 1 113 ? 7.942   -6.644  3.324   1.00 25.96 ? 109 ASP A OD2 1 
ATOM   856  N N   . THR A 1 114 ? 6.448   -8.532  -1.516  1.00 14.37 ? 110 THR A N   1 
ATOM   857  C CA  . THR A 1 114 ? 6.741   -9.728  -2.318  1.00 14.24 ? 110 THR A CA  1 
ATOM   858  C C   . THR A 1 114 ? 7.141   -9.308  -3.723  1.00 15.88 ? 110 THR A C   1 
ATOM   859  O O   . THR A 1 114 ? 8.118   -9.822  -4.247  1.00 16.14 ? 110 THR A O   1 
ATOM   860  C CB  . THR A 1 114 ? 5.557   -10.651 -2.395  1.00 16.10 ? 110 THR A CB  1 
ATOM   861  O OG1 . THR A 1 114 ? 5.267   -11.221 -1.111  1.00 17.43 ? 110 THR A OG1 1 
ATOM   862  C CG2 . THR A 1 114 ? 5.845   -11.856 -3.347  1.00 17.60 ? 110 THR A CG2 1 
ATOM   863  N N   . CYS A 1 115 ? 6.424   -8.345  -4.303  1.00 14.28 ? 111 CYS A N   1 
ATOM   864  C CA  . CYS A 1 115 ? 6.853   -7.759  -5.571  1.00 14.48 ? 111 CYS A CA  1 
ATOM   865  C C   . CYS A 1 115 ? 8.288   -7.255  -5.492  1.00 15.91 ? 111 CYS A C   1 
ATOM   866  O O   . CYS A 1 115 ? 9.122   -7.585  -6.352  1.00 15.98 ? 111 CYS A O   1 
ATOM   867  C CB  . CYS A 1 115 ? 5.893   -6.660  -6.034  1.00 12.87 ? 111 CYS A CB  1 
ATOM   868  S SG  . CYS A 1 115 ? 6.450   -5.917  -7.635  1.00 16.55 ? 111 CYS A SG  1 
ATOM   869  N N   . LEU A 1 116 ? 8.628   -6.518  -4.437  1.00 16.32 ? 112 LEU A N   1 
ATOM   870  C CA  . LEU A 1 116 ? 9.987   -6.013  -4.275  1.00 18.82 ? 112 LEU A CA  1 
ATOM   871  C C   . LEU A 1 116 ? 10.994  -7.165  -4.230  1.00 20.74 ? 112 LEU A C   1 
ATOM   872  O O   . LEU A 1 116 ? 12.055  -7.118  -4.863  1.00 22.45 ? 112 LEU A O   1 
ATOM   873  C CB  . LEU A 1 116 ? 10.094  -5.217  -3.001  1.00 18.41 ? 112 LEU A CB  1 
ATOM   874  C CG  . LEU A 1 116 ? 9.551   -3.827  -3.122  1.00 18.22 ? 112 LEU A CG  1 
ATOM   875  C CD1 . LEU A 1 116 ? 9.414   -3.212  -1.743  1.00 19.93 ? 112 LEU A CD1 1 
ATOM   876  C CD2 . LEU A 1 116 ? 10.465  -3.004  -4.065  1.00 18.63 ? 112 LEU A CD2 1 
ATOM   877  N N   A ASP A 1 117 ? 10.663  -8.224  -3.501  0.50 21.81 ? 113 ASP A N   1 
ATOM   878  N N   B ASP A 1 117 ? 10.750  -8.355  -2.930  0.50 29.08 ? 113 ASP A N   1 
ATOM   879  C CA  A ASP A 1 117 ? 11.521  -9.418  -3.450  0.50 23.13 ? 113 ASP A CA  1 
ATOM   880  C CA  B ASP A 1 117 ? 11.651  -9.491  -2.936  0.50 29.42 ? 113 ASP A CA  1 
ATOM   881  C C   A ASP A 1 117 ? 11.574  -10.204 -4.799  0.50 23.76 ? 113 ASP A C   1 
ATOM   882  C C   B ASP A 1 117 ? 11.966  -9.902  -4.376  0.50 29.66 ? 113 ASP A C   1 
ATOM   883  O O   A ASP A 1 117 ? 12.589  -10.828 -5.125  0.50 23.91 ? 113 ASP A O   1 
ATOM   884  O O   B ASP A 1 117 ? 13.013  -10.457 -4.686  0.50 30.08 ? 113 ASP A O   1 
ATOM   885  C CB  A ASP A 1 117 ? 11.067  -10.343 -2.309  0.50 23.29 ? 113 ASP A CB  1 
ATOM   886  C CB  B ASP A 1 117 ? 11.001  -10.657 -2.211  0.50 29.54 ? 113 ASP A CB  1 
ATOM   887  C CG  A ASP A 1 117 ? 11.360  -9.764  -0.914  0.50 24.15 ? 113 ASP A CG  1 
ATOM   888  C CG  B ASP A 1 117 ? 11.921  -11.821 -2.099  0.50 30.09 ? 113 ASP A CG  1 
ATOM   889  O OD1 A ASP A 1 117 ? 12.161  -8.813  -0.788  0.50 24.93 ? 113 ASP A OD1 1 
ATOM   890  O OD1 B ASP A 1 117 ? 12.989  -11.650 -1.472  0.50 32.02 ? 113 ASP A OD1 1 
ATOM   891  O OD2 A ASP A 1 117 ? 10.823  -10.217 0.123   0.50 27.19 ? 113 ASP A OD2 1 
ATOM   892  O OD2 B ASP A 1 117 ? 11.689  -12.916 -2.646  0.50 30.40 ? 113 ASP A OD2 1 
ATOM   893  N N   . ASP A 1 118 ? 10.504  -10.162 -5.587  1.00 24.86 ? 114 ASP A N   1 
ATOM   894  C CA  . ASP A 1 118 ? 10.452  -10.870 -6.860  1.00 25.21 ? 114 ASP A CA  1 
ATOM   895  C C   . ASP A 1 118 ? 11.346  -10.182 -7.896  1.00 25.68 ? 114 ASP A C   1 
ATOM   896  O O   . ASP A 1 118 ? 11.781  -10.867 -8.850  1.00 25.61 ? 114 ASP A O   1 
ATOM   897  C CB  . ASP A 1 118 ? 9.041   -10.876 -7.455  1.00 26.64 ? 114 ASP A CB  1 
ATOM   898  C CG  . ASP A 1 118 ? 8.065   -11.839 -6.771  1.00 27.14 ? 114 ASP A CG  1 
ATOM   899  O OD1 . ASP A 1 118 ? 8.463   -12.903 -6.274  1.00 27.71 ? 114 ASP A OD1 1 
ATOM   900  O OD2 . ASP A 1 118 ? 6.831   -11.628 -6.802  1.00 31.40 ? 114 ASP A OD2 1 
ATOM   901  N N   . VAL A 1 119 ? 11.576  -8.866  -7.743  1.00 24.06 ? 115 VAL A N   1 
ATOM   902  C CA  . VAL A 1 119 ? 12.349  -8.068  -8.723  1.00 24.64 ? 115 VAL A CA  1 
ATOM   903  C C   . VAL A 1 119 ? 13.773  -7.778  -8.280  1.00 25.47 ? 115 VAL A C   1 
ATOM   904  O O   . VAL A 1 119 ? 14.536  -7.169  -9.044  1.00 25.09 ? 115 VAL A O   1 
ATOM   905  C CB  . VAL A 1 119 ? 11.661  -6.723  -9.163  1.00 23.96 ? 115 VAL A CB  1 
ATOM   906  C CG1 . VAL A 1 119 ? 10.269  -6.956  -9.734  1.00 23.43 ? 115 VAL A CG1 1 
ATOM   907  C CG2 . VAL A 1 119 ? 11.603  -5.721  -8.042  1.00 23.07 ? 115 VAL A CG2 1 
ATOM   908  N N   . LYS A 1 120 ? 14.129  -8.242  -7.084  1.00 27.12 ? 116 LYS A N   1 
ATOM   909  C CA  . LYS A 1 120 ? 15.411  -7.919  -6.456  1.00 27.66 ? 116 LYS A CA  1 
ATOM   910  C C   . LYS A 1 120 ? 16.608  -8.498  -7.148  1.00 27.25 ? 116 LYS A C   1 
ATOM   911  O O   . LYS A 1 120 ? 17.678  -7.916  -7.080  1.00 28.44 ? 116 LYS A O   1 
ATOM   912  C CB  . LYS A 1 120 ? 15.444  -8.417  -5.004  1.00 28.42 ? 116 LYS A CB  1 
ATOM   913  C CG  . LYS A 1 120 ? 15.662  -9.937  -4.868  1.00 29.62 ? 116 LYS A CG  1 
ATOM   914  C CD  . LYS A 1 120 ? 15.502  -10.351 -3.434  0.00 29.61 ? 116 LYS A CD  1 
ATOM   915  C CE  . LYS A 1 120 ? 15.378  -11.853 -3.252  0.00 29.40 ? 116 LYS A CE  1 
ATOM   916  N NZ  . LYS A 1 120 ? 15.224  -12.212 -1.812  0.00 29.26 ? 116 LYS A NZ  1 
ATOM   917  N N   . ARG A 1 121 ? 16.438  -9.672  -7.747  1.00 26.58 ? 117 ARG A N   1 
ATOM   918  C CA  . ARG A 1 121 ? 17.523  -10.401 -8.368  1.00 27.05 ? 117 ARG A CA  1 
ATOM   919  C C   . ARG A 1 121 ? 17.685  -9.983  -9.801  1.00 25.31 ? 117 ARG A C   1 
ATOM   920  O O   . ARG A 1 121 ? 18.556  -10.537 -10.501 1.00 28.17 ? 117 ARG A O   1 
ATOM   921  C CB  . ARG A 1 121 ? 17.188  -11.909 -8.161  0.00 30.59 ? 117 ARG A CB  1 
ATOM   922  C CG  . ARG A 1 121 ? 17.485  -12.543 -6.834  1.00 38.37 ? 117 ARG A CG  1 
ATOM   923  C CD  . ARG A 1 121 ? 18.956  -12.735 -6.630  0.00 30.76 ? 117 ARG A CD  1 
ATOM   924  N NE  . ARG A 1 121 ? 19.351  -12.087 -5.418  0.00 29.90 ? 117 ARG A NE  1 
ATOM   925  C CZ  . ARG A 1 121 ? 20.540  -12.266 -4.879  0.00 29.11 ? 117 ARG A CZ  1 
ATOM   926  N NH1 . ARG A 1 121 ? 21.443  -13.049 -5.452  0.00 28.74 ? 117 ARG A NH1 1 
ATOM   927  N NH2 . ARG A 1 121 ? 20.829  -11.648 -3.741  0.00 28.74 ? 117 ARG A NH2 1 
ATOM   928  N N   . LEU A 1 122 ? 16.851  -9.034  -10.259 1.00 22.36 ? 118 LEU A N   1 
ATOM   929  C CA  . LEU A 1 122 ? 17.002  -8.520  -11.608 1.00 19.96 ? 118 LEU A CA  1 
ATOM   930  C C   . LEU A 1 122 ? 18.215  -7.575  -11.730 1.00 18.06 ? 118 LEU A C   1 
ATOM   931  O O   . LEU A 1 122 ? 18.453  -6.687  -10.936 1.00 18.40 ? 118 LEU A O   1 
ATOM   932  C CB  . LEU A 1 122 ? 15.713  -7.845  -12.096 1.00 18.66 ? 118 LEU A CB  1 
ATOM   933  C CG  . LEU A 1 122 ? 14.439  -8.708  -12.123 1.00 19.04 ? 118 LEU A CG  1 
ATOM   934  C CD1 . LEU A 1 122 ? 13.254  -7.870  -12.539 1.00 18.45 ? 118 LEU A CD1 1 
ATOM   935  C CD2 . LEU A 1 122 ? 14.538  -9.897  -13.019 1.00 21.79 ? 118 LEU A CD2 1 
ATOM   936  N N   . ARG A 1 123 ? 18.982  -7.773  -12.789 1.00 17.63 ? 119 ARG A N   1 
ATOM   937  C CA  . ARG A 1 123 ? 20.105  -6.906  -13.059 1.00 15.95 ? 119 ARG A CA  1 
ATOM   938  C C   . ARG A 1 123 ? 19.724  -5.436  -13.303 1.00 15.44 ? 119 ARG A C   1 
ATOM   939  O O   . ARG A 1 123 ? 20.419  -4.516  -12.871 1.00 15.97 ? 119 ARG A O   1 
ATOM   940  C CB  . ARG A 1 123 ? 20.861  -7.438  -14.256 1.00 16.49 ? 119 ARG A CB  1 
ATOM   941  C CG  . ARG A 1 123 ? 22.201  -6.774  -14.491 1.00 16.72 ? 119 ARG A CG  1 
ATOM   942  C CD  . ARG A 1 123 ? 23.138  -6.815  -13.291 1.00 17.66 ? 119 ARG A CD  1 
ATOM   943  N NE  . ARG A 1 123 ? 24.492  -6.360  -13.656 1.00 18.95 ? 119 ARG A NE  1 
ATOM   944  C CZ  . ARG A 1 123 ? 25.505  -6.223  -12.815 1.00 19.50 ? 119 ARG A CZ  1 
ATOM   945  N NH1 . ARG A 1 123 ? 25.414  -6.536  -11.529 1.00 19.16 ? 119 ARG A NH1 1 
ATOM   946  N NH2 . ARG A 1 123 ? 26.651  -5.775  -13.276 1.00 19.56 ? 119 ARG A NH2 1 
ATOM   947  N N   . SER A 1 124 ? 18.639  -5.250  -14.040 1.00 15.09 ? 120 SER A N   1 
ATOM   948  C CA  . SER A 1 124 ? 18.091  -3.940  -14.368 1.00 15.96 ? 120 SER A CA  1 
ATOM   949  C C   . SER A 1 124 ? 16.595  -4.057  -14.204 1.00 16.68 ? 120 SER A C   1 
ATOM   950  O O   . SER A 1 124 ? 15.979  -5.014  -14.625 1.00 15.42 ? 120 SER A O   1 
ATOM   951  C CB  . SER A 1 124 ? 18.466  -3.472  -15.788 1.00 18.19 ? 120 SER A CB  1 
ATOM   952  O OG  . SER A 1 124 ? 18.494  -2.038  -15.862 1.00 20.01 ? 120 SER A OG  1 
ATOM   953  N N   . VAL A 1 125 ? 16.022  -3.072  -13.533 1.00 17.74 ? 121 VAL A N   1 
ATOM   954  C CA  . VAL A 1 125 ? 14.638  -3.137  -13.135 1.00 17.00 ? 121 VAL A CA  1 
ATOM   955  C C   . VAL A 1 125 ? 13.925  -1.836  -13.467 1.00 16.46 ? 121 VAL A C   1 
ATOM   956  O O   . VAL A 1 125 ? 14.561  -0.782  -13.621 1.00 16.66 ? 121 VAL A O   1 
ATOM   957  C CB  . VAL A 1 125 ? 14.530  -3.410  -11.630 1.00 17.77 ? 121 VAL A CB  1 
ATOM   958  C CG1 . VAL A 1 125 ? 15.111  -2.251  -10.839 1.00 19.24 ? 121 VAL A CG1 1 
ATOM   959  C CG2 . VAL A 1 125 ? 13.088  -3.718  -11.267 1.00 19.02 ? 121 VAL A CG2 1 
ATOM   960  N N   . ASP A 1 126 ? 12.613  -1.941  -13.674 1.00 16.45 ? 122 ASP A N   1 
ATOM   961  C CA  . ASP A 1 126 ? 11.801  -0.744  -13.860 1.00 16.70 ? 122 ASP A CA  1 
ATOM   962  C C   . ASP A 1 126 ? 11.669  0.050   -12.554 1.00 16.83 ? 122 ASP A C   1 
ATOM   963  O O   . ASP A 1 126 ? 11.129  -0.442  -11.567 1.00 15.91 ? 122 ASP A O   1 
ATOM   964  C CB  . ASP A 1 126 ? 10.421  -1.095  -14.362 1.00 17.16 ? 122 ASP A CB  1 
ATOM   965  C CG  . ASP A 1 126 ? 9.623   0.123   -14.639 1.00 18.36 ? 122 ASP A CG  1 
ATOM   966  O OD1 . ASP A 1 126 ? 9.756   0.720   -15.739 1.00 20.70 ? 122 ASP A OD1 1 
ATOM   967  O OD2 . ASP A 1 126 ? 8.853   0.605   -13.794 1.00 19.02 ? 122 ASP A OD2 1 
ATOM   968  N N   . SER A 1 127 ? 12.151  1.271   -12.535 1.00 17.30 ? 123 SER A N   1 
ATOM   969  C CA  . SER A 1 127 ? 12.198  2.062   -11.320 1.00 18.64 ? 123 SER A CA  1 
ATOM   970  C C   . SER A 1 127 ? 10.810  2.415   -10.781 1.00 18.53 ? 123 SER A C   1 
ATOM   971  O O   . SER A 1 127 ? 10.661  2.531   -9.549  1.00 18.85 ? 123 SER A O   1 
ATOM   972  C CB  . SER A 1 127 ? 13.051  3.335   -11.507 1.00 19.35 ? 123 SER A CB  1 
ATOM   973  O OG  . SER A 1 127 ? 12.434  4.183   -12.439 1.00 23.98 ? 123 SER A OG  1 
ATOM   974  N N   . SER A 1 128 ? 9.820   2.607   -11.658 1.00 17.93 ? 124 SER A N   1 
ATOM   975  C CA  . SER A 1 128 ? 8.459   2.945   -11.202 1.00 19.03 ? 124 SER A CA  1 
ATOM   976  C C   . SER A 1 128 ? 7.849   1.742   -10.472 1.00 18.50 ? 124 SER A C   1 
ATOM   977  O O   . SER A 1 128 ? 7.145   1.915   -9.482  1.00 17.50 ? 124 SER A O   1 
ATOM   978  C CB  . SER A 1 128 ? 7.556   3.448   -12.350 1.00 20.02 ? 124 SER A CB  1 
ATOM   979  O OG  . SER A 1 128 ? 7.073   2.361   -13.080 1.00 23.96 ? 124 SER A OG  1 
ATOM   980  N N   . VAL A 1 129 ? 8.095   0.511   -10.934 1.00 16.93 ? 125 VAL A N   1 
ATOM   981  C CA  . VAL A 1 129 ? 7.623   -0.646  -10.194 1.00 16.15 ? 125 VAL A CA  1 
ATOM   982  C C   . VAL A 1 129 ? 8.263   -0.677  -8.806  1.00 15.77 ? 125 VAL A C   1 
ATOM   983  O O   . VAL A 1 129 ? 7.558   -0.887  -7.794  1.00 13.60 ? 125 VAL A O   1 
ATOM   984  C CB  . VAL A 1 129 ? 7.882   -1.985  -10.956 1.00 17.27 ? 125 VAL A CB  1 
ATOM   985  C CG1 . VAL A 1 129 ? 7.550   -3.203  -10.071 1.00 15.37 ? 125 VAL A CG1 1 
ATOM   986  C CG2 . VAL A 1 129 ? 7.105   -2.019  -12.263 1.00 17.09 ? 125 VAL A CG2 1 
ATOM   987  N N   . VAL A 1 130 ? 9.568   -0.481  -8.713  1.00 14.21 ? 126 VAL A N   1 
ATOM   988  C CA  . VAL A 1 130 ? 10.258  -0.558  -7.418  1.00 14.48 ? 126 VAL A CA  1 
ATOM   989  C C   . VAL A 1 130 ? 9.788   0.590   -6.522  1.00 15.31 ? 126 VAL A C   1 
ATOM   990  O O   . VAL A 1 130 ? 9.455   0.377   -5.363  1.00 14.52 ? 126 VAL A O   1 
ATOM   991  C CB  . VAL A 1 130 ? 11.806  -0.474  -7.616  1.00 15.28 ? 126 VAL A CB  1 
ATOM   992  C CG1 . VAL A 1 130 ? 12.535  -0.251  -6.278  1.00 15.99 ? 126 VAL A CG1 1 
ATOM   993  C CG2 . VAL A 1 130 ? 12.302  -1.696  -8.322  1.00 16.72 ? 126 VAL A CG2 1 
ATOM   994  N N   . ASN A 1 131 ? 9.693   1.777   -7.087  1.00 14.88 ? 127 ASN A N   1 
ATOM   995  C CA  . ASN A 1 131 ? 9.402   2.970   -6.296  1.00 16.16 ? 127 ASN A CA  1 
ATOM   996  C C   . ASN A 1 131 ? 7.948   2.922   -5.850  1.00 15.31 ? 127 ASN A C   1 
ATOM   997  O O   . ASN A 1 131 ? 7.677   3.233   -4.715  1.00 15.47 ? 127 ASN A O   1 
ATOM   998  C CB  . ASN A 1 131 ? 9.673   4.248   -7.081  1.00 16.66 ? 127 ASN A CB  1 
ATOM   999  C CG  . ASN A 1 131 ? 11.158  4.478   -7.314  1.00 20.06 ? 127 ASN A CG  1 
ATOM   1000 O OD1 . ASN A 1 131 ? 12.008  3.791   -6.733  1.00 24.10 ? 127 ASN A OD1 1 
ATOM   1001 N ND2 . ASN A 1 131 ? 11.481  5.421   -8.207  1.00 25.85 ? 127 ASN A ND2 1 
ATOM   1002 N N   . ASN A 1 132 ? 7.023   2.571   -6.737  1.00 13.75 ? 128 ASN A N   1 
ATOM   1003 C CA  . ASN A 1 132 ? 5.616   2.428   -6.336  1.00 13.76 ? 128 ASN A CA  1 
ATOM   1004 C C   . ASN A 1 132 ? 5.425   1.337   -5.306  1.00 13.47 ? 128 ASN A C   1 
ATOM   1005 O O   . ASN A 1 132 ? 4.573   1.460   -4.431  1.00 12.62 ? 128 ASN A O   1 
ATOM   1006 C CB  . ASN A 1 132 ? 4.686   2.180   -7.516  1.00 14.01 ? 128 ASN A CB  1 
ATOM   1007 C CG  . ASN A 1 132 ? 4.403   3.431   -8.334  1.00 17.78 ? 128 ASN A CG  1 
ATOM   1008 O OD1 . ASN A 1 132 ? 4.982   4.488   -8.101  1.00 22.40 ? 128 ASN A OD1 1 
ATOM   1009 N ND2 . ASN A 1 132 ? 3.497   3.304   -9.308  1.00 20.59 ? 128 ASN A ND2 1 
ATOM   1010 N N   . SER A 1 133 ? 6.178   0.239   -5.401  1.00 13.06 ? 129 SER A N   1 
ATOM   1011 C CA  . SER A 1 133 ? 6.087   -0.828  -4.413  1.00 13.35 ? 129 SER A CA  1 
ATOM   1012 C C   . SER A 1 133 ? 6.543   -0.367  -3.049  1.00 13.08 ? 129 SER A C   1 
ATOM   1013 O O   . SER A 1 133 ? 5.910   -0.670  -2.052  1.00 13.40 ? 129 SER A O   1 
ATOM   1014 C CB  . SER A 1 133 ? 6.873   -2.070  -4.819  1.00 15.01 ? 129 SER A CB  1 
ATOM   1015 O OG  . SER A 1 133 ? 6.251   -2.686  -5.941  1.00 13.87 ? 129 SER A OG  1 
ATOM   1016 N N   . LYS A 1 134 ? 7.633   0.376   -3.024  1.00 12.75 ? 130 LYS A N   1 
ATOM   1017 C CA  . LYS A 1 134 ? 8.079   0.986   -1.779  1.00 13.04 ? 130 LYS A CA  1 
ATOM   1018 C C   . LYS A 1 134 ? 7.034   1.976   -1.246  1.00 13.42 ? 130 LYS A C   1 
ATOM   1019 O O   . LYS A 1 134 ? 6.741   1.982   -0.052  1.00 13.68 ? 130 LYS A O   1 
ATOM   1020 C CB  . LYS A 1 134 ? 9.424   1.698   -1.972  1.00 13.66 ? 130 LYS A CB  1 
ATOM   1021 C CG  . LYS A 1 134 ? 10.547  0.767   -2.183  1.00 16.28 ? 130 LYS A CG  1 
ATOM   1022 C CD  . LYS A 1 134 ? 11.865  1.537   -2.391  1.00 20.62 ? 130 LYS A CD  1 
ATOM   1023 C CE  . LYS A 1 134 ? 13.022  0.600   -2.622  1.00 23.33 ? 130 LYS A CE  1 
ATOM   1024 N NZ  . LYS A 1 134 ? 14.271  1.402   -2.789  1.00 27.73 ? 130 LYS A NZ  1 
ATOM   1025 N N   . THR A 1 135 ? 6.459   2.795   -2.101  1.00 12.60 ? 131 THR A N   1 
ATOM   1026 C CA  . THR A 1 135 ? 5.431   3.774   -1.717  1.00 13.01 ? 131 THR A CA  1 
ATOM   1027 C C   . THR A 1 135 ? 4.222   3.057   -1.137  1.00 12.43 ? 131 THR A C   1 
ATOM   1028 O O   . THR A 1 135 ? 3.685   3.450   -0.116  1.00 13.13 ? 131 THR A O   1 
ATOM   1029 C CB  . THR A 1 135 ? 5.042   4.601   -2.922  1.00 14.17 ? 131 THR A CB  1 
ATOM   1030 O OG1 . THR A 1 135 ? 6.162   5.476   -3.207  1.00 16.47 ? 131 THR A OG1 1 
ATOM   1031 C CG2 . THR A 1 135 ? 3.802   5.475   -2.672  1.00 14.50 ? 131 THR A CG2 1 
ATOM   1032 N N   . ILE A 1 136 ? 3.801   1.968   -1.760  1.00 11.23 ? 132 ILE A N   1 
ATOM   1033 C CA  . ILE A 1 136 ? 2.635   1.259   -1.246  1.00 10.95 ? 132 ILE A CA  1 
ATOM   1034 C C   . ILE A 1 136 ? 2.948   0.601   0.084   1.00 12.48 ? 132 ILE A C   1 
ATOM   1035 O O   . ILE A 1 136 ? 2.103   0.608   0.970   1.00 10.57 ? 132 ILE A O   1 
ATOM   1036 C CB  . ILE A 1 136 ? 2.104   0.253   -2.309  1.00 10.97 ? 132 ILE A CB  1 
ATOM   1037 C CG1 . ILE A 1 136 ? 1.472   1.018   -3.441  1.00 13.01 ? 132 ILE A CG1 1 
ATOM   1038 C CG2 . ILE A 1 136 ? 1.127   -0.777  -1.711  1.00 11.58 ? 132 ILE A CG2 1 
ATOM   1039 C CD1 . ILE A 1 136 ? 1.361   0.245   -4.737  1.00 13.61 ? 132 ILE A CD1 1 
ATOM   1040 N N   . LYS A 1 137 ? 4.141   0.032   0.245   1.00 13.39 ? 133 LYS A N   1 
ATOM   1041 C CA  . LYS A 1 137 ? 4.518   -0.534  1.498   1.00 12.83 ? 133 LYS A CA  1 
ATOM   1042 C C   . LYS A 1 137 ? 4.446   0.549   2.604   1.00 11.63 ? 133 LYS A C   1 
ATOM   1043 O O   . LYS A 1 137 ? 3.925   0.291   3.699   1.00 10.91 ? 133 LYS A O   1 
ATOM   1044 C CB  . LYS A 1 137 ? 5.907   -1.142  1.363   1.00 14.79 ? 133 LYS A CB  1 
ATOM   1045 C CG  . LYS A 1 137 ? 6.439   -1.705  2.592   1.00 18.17 ? 133 LYS A CG  1 
ATOM   1046 C CD  . LYS A 1 137 ? 7.711   -2.543  2.227   1.00 19.79 ? 133 LYS A CD  1 
ATOM   1047 C CE  . LYS A 1 137 ? 8.350   -2.989  3.465   1.00 21.33 ? 133 LYS A CE  1 
ATOM   1048 N NZ  . LYS A 1 137 ? 9.632   -3.637  3.193   1.00 22.19 ? 133 LYS A NZ  1 
ATOM   1049 N N   . ASN A 1 138 ? 4.969   1.720   2.295   1.00 11.37 ? 134 ASN A N   1 
ATOM   1050 C CA  . ASN A 1 138 ? 4.970   2.833   3.267   1.00 10.94 ? 134 ASN A CA  1 
ATOM   1051 C C   . ASN A 1 138 ? 3.549   3.294   3.605   1.00 11.31 ? 134 ASN A C   1 
ATOM   1052 O O   . ASN A 1 138 ? 3.212   3.539   4.791   1.00 11.52 ? 134 ASN A O   1 
ATOM   1053 C CB  . ASN A 1 138 ? 5.781   3.986   2.688   1.00 11.65 ? 134 ASN A CB  1 
ATOM   1054 C CG  . ASN A 1 138 ? 7.275   3.688   2.672   1.00 14.50 ? 134 ASN A CG  1 
ATOM   1055 O OD1 . ASN A 1 138 ? 7.759   2.885   3.467   1.00 18.38 ? 134 ASN A OD1 1 
ATOM   1056 N ND2 . ASN A 1 138 ? 7.993   4.311   1.727   1.00 16.42 ? 134 ASN A ND2 1 
ATOM   1057 N N   . LEU A 1 139 ? 2.697   3.444   2.593   1.00 10.79 ? 135 LEU A N   1 
ATOM   1058 C CA  . LEU A 1 139 ? 1.307   3.850   2.782   1.00 10.93 ? 135 LEU A CA  1 
ATOM   1059 C C   . LEU A 1 139 ? 0.585   2.801   3.611   1.00 11.07 ? 135 LEU A C   1 
ATOM   1060 O O   . LEU A 1 139 ? -0.185  3.135   4.508   1.00 10.46 ? 135 LEU A O   1 
ATOM   1061 C CB  . LEU A 1 139 ? 0.582   4.075   1.447   1.00 11.45 ? 135 LEU A CB  1 
ATOM   1062 C CG  . LEU A 1 139 ? 1.011   5.318   0.701   1.00 10.27 ? 135 LEU A CG  1 
ATOM   1063 C CD1 . LEU A 1 139 ? 0.481   5.233   -0.691  1.00 13.66 ? 135 LEU A CD1 1 
ATOM   1064 C CD2 . LEU A 1 139 ? 0.430   6.559   1.395   1.00 11.28 ? 135 LEU A CD2 1 
ATOM   1065 N N   . CYS A 1 140 ? 0.800   1.510   3.305   1.00 10.91 ? 136 CYS A N   1 
ATOM   1066 C CA  . CYS A 1 140 ? 0.183   0.477   4.165   1.00 10.64 ? 136 CYS A CA  1 
ATOM   1067 C C   . CYS A 1 140 ? 0.653   0.592   5.600   1.00 10.57 ? 136 CYS A C   1 
ATOM   1068 O O   . CYS A 1 140 ? -0.155  0.422   6.528   1.00 10.34 ? 136 CYS A O   1 
ATOM   1069 C CB  . CYS A 1 140 ? 0.407   -0.950  3.638   1.00 9.63  ? 136 CYS A CB  1 
ATOM   1070 S SG  . CYS A 1 140 ? -0.384  -1.388  2.083   1.00 11.03 ? 136 CYS A SG  1 
ATOM   1071 N N   . GLY A 1 141 ? 1.932   0.878   5.794   1.00 10.60 ? 137 GLY A N   1 
ATOM   1072 C CA  . GLY A 1 141 ? 2.486   1.037   7.141   1.00 11.49 ? 137 GLY A CA  1 
ATOM   1073 C C   . GLY A 1 141 ? 1.785   2.157   7.898   1.00 11.76 ? 137 GLY A C   1 
ATOM   1074 O O   . GLY A 1 141 ? 1.427   1.973   9.062   1.00 11.07 ? 137 GLY A O   1 
ATOM   1075 N N   . ILE A 1 142 ? 1.503   3.271   7.226   1.00 11.34 ? 138 ILE A N   1 
ATOM   1076 C CA  . ILE A 1 142 ? 0.764   4.369   7.818   1.00 11.14 ? 138 ILE A CA  1 
ATOM   1077 C C   . ILE A 1 142 ? -0.662  3.922   8.165   1.00 10.57 ? 138 ILE A C   1 
ATOM   1078 O O   . ILE A 1 142 ? -1.177  4.178   9.249   1.00 11.48 ? 138 ILE A O   1 
ATOM   1079 C CB  . ILE A 1 142 ? 0.759   5.623   6.893   1.00 10.53 ? 138 ILE A CB  1 
ATOM   1080 C CG1 . ILE A 1 142 ? 2.175   6.167   6.714   1.00 11.18 ? 138 ILE A CG1 1 
ATOM   1081 C CG2 . ILE A 1 142 ? -0.153  6.688   7.479   1.00 12.90 ? 138 ILE A CG2 1 
ATOM   1082 C CD1 . ILE A 1 142 ? 2.339   7.195   5.612   1.00 14.17 ? 138 ILE A CD1 1 
ATOM   1083 N N   . ALA A 1 143 ? -1.330  3.231   7.233   1.00 9.51  ? 139 ALA A N   1 
ATOM   1084 C CA  . ALA A 1 143 ? -2.691  2.777   7.445   1.00 9.59  ? 139 ALA A CA  1 
ATOM   1085 C C   . ALA A 1 143 ? -2.771  1.768   8.610   1.00 10.46 ? 139 ALA A C   1 
ATOM   1086 O O   . ALA A 1 143 ? -3.791  1.667   9.259   1.00 12.35 ? 139 ALA A O   1 
ATOM   1087 C CB  . ALA A 1 143 ? -3.241  2.119   6.160   1.00 9.80  ? 139 ALA A CB  1 
ATOM   1088 N N   . LEU A 1 144 ? -1.744  0.964   8.821   1.00 10.71 ? 140 LEU A N   1 
ATOM   1089 C CA  . LEU A 1 144 ? -1.732  0.023   9.930   1.00 10.60 ? 140 LEU A CA  1 
ATOM   1090 C C   . LEU A 1 144 ? -1.676  0.742   11.258  1.00 12.03 ? 140 LEU A C   1 
ATOM   1091 O O   . LEU A 1 144 ? -2.374  0.365   12.210  1.00 12.24 ? 140 LEU A O   1 
ATOM   1092 C CB  . LEU A 1 144 ? -0.530  -0.925  9.822   1.00 10.62 ? 140 LEU A CB  1 
ATOM   1093 C CG  . LEU A 1 144 ? -0.558  -1.955  8.674   1.00 11.49 ? 140 LEU A CG  1 
ATOM   1094 C CD1 . LEU A 1 144 ? 0.759   -2.691  8.656   1.00 14.86 ? 140 LEU A CD1 1 
ATOM   1095 C CD2 . LEU A 1 144 ? -1.741  -2.860  8.919   1.00 12.00 ? 140 LEU A CD2 1 
ATOM   1096 N N   . VAL A 1 145 ? -0.912  1.799   11.322  1.00 12.24 ? 141 VAL A N   1 
ATOM   1097 C CA  . VAL A 1 145 ? -0.828  2.548   12.561  1.00 12.81 ? 141 VAL A CA  1 
ATOM   1098 C C   . VAL A 1 145 ? -2.167  3.237   12.848  1.00 14.16 ? 141 VAL A C   1 
ATOM   1099 O O   . VAL A 1 145 ? -2.699  3.162   13.955  1.00 13.17 ? 141 VAL A O   1 
ATOM   1100 C CB  . VAL A 1 145 ? 0.326   3.574   12.483  1.00 12.92 ? 141 VAL A CB  1 
ATOM   1101 C CG1 . VAL A 1 145 ? 0.390   4.415   13.773  1.00 14.62 ? 141 VAL A CG1 1 
ATOM   1102 C CG2 . VAL A 1 145 ? 1.629   2.887   12.292  1.00 12.62 ? 141 VAL A CG2 1 
ATOM   1103 N N   . ILE A 1 146 ? -2.771  3.831   11.832  1.00 12.55 ? 142 ILE A N   1 
ATOM   1104 C CA  . ILE A 1 146 ? -4.068  4.482   11.957  1.00 13.27 ? 142 ILE A CA  1 
ATOM   1105 C C   . ILE A 1 146 ? -5.163  3.507   12.347  1.00 12.98 ? 142 ILE A C   1 
ATOM   1106 O O   . ILE A 1 146 ? -5.918  3.739   13.320  1.00 15.95 ? 142 ILE A O   1 
ATOM   1107 C CB  . ILE A 1 146 ? -4.468  5.230   10.670  1.00 11.79 ? 142 ILE A CB  1 
ATOM   1108 C CG1 . ILE A 1 146 ? -3.477  6.324   10.295  1.00 12.25 ? 142 ILE A CG1 1 
ATOM   1109 C CG2 . ILE A 1 146 ? -5.874  5.813   10.836  1.00 13.17 ? 142 ILE A CG2 1 
ATOM   1110 C CD1 . ILE A 1 146 ? -3.610  6.749   8.791   1.00 14.61 ? 142 ILE A CD1 1 
ATOM   1111 N N   . SER A 1 147 ? -5.270  2.406   11.635  1.00 14.51 ? 143 SER A N   1 
ATOM   1112 C CA  . SER A 1 147 ? -6.326  1.435   11.919  1.00 14.37 ? 143 SER A CA  1 
ATOM   1113 C C   . SER A 1 147 ? -6.192  0.816   13.322  1.00 15.95 ? 143 SER A C   1 
ATOM   1114 O O   . SER A 1 147 ? -7.201  0.501   13.979  1.00 16.21 ? 143 SER A O   1 
ATOM   1115 C CB  . SER A 1 147 ? -6.389  0.345   10.840  1.00 16.27 ? 143 SER A CB  1 
ATOM   1116 O OG  . SER A 1 147 ? -5.192  -0.373  10.694  1.00 15.00 ? 143 SER A OG  1 
ATOM   1117 N N   . ASN A 1 148 ? -4.951  0.630   13.778  1.00 16.67 ? 144 ASN A N   1 
ATOM   1118 C CA  . ASN A 1 148 ? -4.702  0.206   15.151  1.00 18.29 ? 144 ASN A CA  1 
ATOM   1119 C C   . ASN A 1 148 ? -5.280  1.159   16.187  1.00 18.74 ? 144 ASN A C   1 
ATOM   1120 O O   . ASN A 1 148 ? -5.720  0.703   17.276  1.00 21.54 ? 144 ASN A O   1 
ATOM   1121 C CB  . ASN A 1 148 ? -3.200  0.020   15.392  1.00 19.60 ? 144 ASN A CB  1 
ATOM   1122 C CG  . ASN A 1 148 ? -2.899  -0.502  16.766  1.00 22.62 ? 144 ASN A CG  1 
ATOM   1123 O OD1 . ASN A 1 148 ? -2.520  0.251   17.657  1.00 25.95 ? 144 ASN A OD1 1 
ATOM   1124 N ND2 . ASN A 1 148 ? -3.080  -1.791  16.948  1.00 24.12 ? 144 ASN A ND2 1 
ATOM   1125 N N   . MET A 1 149 ? -5.285  2.456   15.885  1.00 19.08 ? 145 MET A N   1 
ATOM   1126 C CA  . MET A 1 149 ? -5.717  3.486   16.832  1.00 20.44 ? 145 MET A CA  1 
ATOM   1127 C C   . MET A 1 149 ? -7.206  3.800   16.842  1.00 19.97 ? 145 MET A C   1 
ATOM   1128 O O   . MET A 1 149 ? -7.692  4.520   17.709  1.00 20.52 ? 145 MET A O   1 
ATOM   1129 C CB  . MET A 1 149 ? -4.949  4.786   16.587  1.00 21.99 ? 145 MET A CB  1 
ATOM   1130 C CG  . MET A 1 149 ? -3.484  4.632   16.842  1.00 26.29 ? 145 MET A CG  1 
ATOM   1131 S SD  . MET A 1 149 ? -2.513  6.142   16.650  1.00 38.16 ? 145 MET A SD  1 
ATOM   1132 C CE  . MET A 1 149 ? -3.119  6.745   15.285  1.00 33.78 ? 145 MET A CE  1 
ATOM   1133 N N   . LEU A 1 150 ? -7.951  3.233   15.909  1.00 19.18 ? 146 LEU A N   1 
ATOM   1134 C CA  . LEU A 1 150 ? -9.364  3.453   15.851  1.00 20.02 ? 146 LEU A CA  1 
ATOM   1135 C C   . LEU A 1 150 ? -9.994  2.757   17.054  1.00 21.18 ? 146 LEU A C   1 
ATOM   1136 O O   . LEU A 1 150 ? -9.496  1.726   17.511  1.00 20.13 ? 146 LEU A O   1 
ATOM   1137 C CB  . LEU A 1 150 ? -9.956  2.873   14.555  1.00 19.32 ? 146 LEU A CB  1 
ATOM   1138 C CG  . LEU A 1 150 ? -9.528  3.583   13.273  1.00 18.44 ? 146 LEU A CG  1 
ATOM   1139 C CD1 . LEU A 1 150 ? -10.024 2.902   12.031  1.00 18.03 ? 146 LEU A CD1 1 
ATOM   1140 C CD2 . LEU A 1 150 ? -10.010 5.042   13.293  1.00 21.22 ? 146 LEU A CD2 1 
ATOM   1141 N N   . PRO A 1 151 ? -11.081 3.316   17.565  1.00 23.99 ? 147 PRO A N   1 
ATOM   1142 C CA  . PRO A 1 151 ? -11.777 2.705   18.704  1.00 25.54 ? 147 PRO A CA  1 
ATOM   1143 C C   . PRO A 1 151 ? -12.178 1.266   18.412  1.00 28.09 ? 147 PRO A C   1 
ATOM   1144 O O   . PRO A 1 151 ? -12.529 0.914   17.281  1.00 26.82 ? 147 PRO A O   1 
ATOM   1145 C CB  . PRO A 1 151 ? -13.046 3.560   18.828  1.00 26.02 ? 147 PRO A CB  1 
ATOM   1146 C CG  . PRO A 1 151 ? -12.663 4.866   18.282  1.00 26.80 ? 147 PRO A CG  1 
ATOM   1147 C CD  . PRO A 1 151 ? -11.757 4.552   17.128  1.00 24.08 ? 147 PRO A CD  1 
ATOM   1148 N N   . ARG A 1 152 ? -12.139 0.451   19.453  1.00 30.33 ? 148 ARG A N   1 
ATOM   1149 C CA  . ARG A 1 152 ? -12.460 -0.956  19.371  1.00 33.72 ? 148 ARG A CA  1 
ATOM   1150 C C   . ARG A 1 152 ? -13.968 -1.009  19.486  1.00 35.90 ? 148 ARG A C   1 
ATOM   1151 O O   . ARG A 1 152 ? -14.527 -0.503  20.455  1.00 36.51 ? 148 ARG A O   1 
ATOM   1152 C CB  . ARG A 1 152 ? -11.796 -1.710  20.527  1.00 34.69 ? 148 ARG A CB  1 
ATOM   1153 C CG  . ARG A 1 152 ? -10.270 -1.436  20.644  1.00 37.49 ? 148 ARG A CG  1 
ATOM   1154 C CD  . ARG A 1 152 ? -9.846  -0.429  21.766  1.00 40.72 ? 148 ARG A CD  1 
ATOM   1155 N NE  . ARG A 1 152 ? -10.747 0.731   21.904  1.00 42.20 ? 148 ARG A NE  1 
ATOM   1156 C CZ  . ARG A 1 152 ? -10.496 1.805   22.638  1.00 41.38 ? 148 ARG A CZ  1 
ATOM   1157 N NH1 . ARG A 1 152 ? -9.399  1.891   23.382  1.00 43.02 ? 148 ARG A NH1 1 
ATOM   1158 N NH2 . ARG A 1 152 ? -11.390 2.784   22.668  1.00 43.08 ? 148 ARG A NH2 1 
ATOM   1159 N N   . ASN A 1 153 ? -14.631 -1.587  18.491  1.00 38.15 ? 149 ASN A N   1 
ATOM   1160 C CA  . ASN A 1 153 ? -16.102 -1.569  18.447  1.00 39.81 ? 149 ASN A CA  1 
ATOM   1161 C C   . ASN A 1 153 ? -16.777 -0.558  19.392  1.00 40.72 ? 149 ASN A C   1 
ATOM   1162 O O   . ASN A 1 153 ? -17.029 0.609   19.025  1.00 41.72 ? 149 ASN A O   1 
ATOM   1163 C CB  . ASN A 1 153 ? -16.628 -2.964  18.751  1.00 40.63 ? 149 ASN A CB  1 
ATOM   1164 C CG  . ASN A 1 153 ? -16.131 -3.967  17.775  1.00 40.49 ? 149 ASN A CG  1 
ATOM   1165 O OD1 . ASN A 1 153 ? -15.215 -4.749  18.059  1.00 39.10 ? 149 ASN A OD1 1 
ATOM   1166 N ND2 . ASN A 1 153 ? -16.677 -3.901  16.565  1.00 44.92 ? 149 ASN A ND2 1 
HETATM 1167 O O   . HOH B 2 .   ? -9.104  10.896  -0.405  1.00 12.16 ? 150 HOH A O   1 
HETATM 1168 O O   . HOH B 2 .   ? -8.321  5.620   -4.778  1.00 17.54 ? 151 HOH A O   1 
HETATM 1169 O O   . HOH B 2 .   ? -11.369 11.401  4.361   1.00 20.16 ? 152 HOH A O   1 
HETATM 1170 O O   . HOH B 2 .   ? -7.481  -10.408 -2.748  1.00 20.76 ? 153 HOH A O   1 
HETATM 1171 O O   . HOH B 2 .   ? -6.532  10.560  -0.871  1.00 17.69 ? 154 HOH A O   1 
HETATM 1172 O O   . HOH B 2 .   ? 13.529  -5.847  -15.743 1.00 16.54 ? 155 HOH A O   1 
HETATM 1173 O O   . HOH B 2 .   ? -0.225  -11.958 4.055   1.00 18.30 ? 156 HOH A O   1 
HETATM 1174 O O   . HOH B 2 .   ? -7.191  13.322  5.493   1.00 18.70 ? 157 HOH A O   1 
HETATM 1175 O O   . HOH B 2 .   ? 13.936  1.788   -14.924 1.00 19.21 ? 158 HOH A O   1 
HETATM 1176 O O   . HOH B 2 .   ? 5.955   6.012   5.837   1.00 19.94 ? 159 HOH A O   1 
HETATM 1177 O O   . HOH B 2 .   ? -2.024  -8.696  -1.121  1.00 20.74 ? 160 HOH A O   1 
HETATM 1178 O O   . HOH B 2 .   ? 4.026   1.329   10.262  1.00 20.23 ? 161 HOH A O   1 
HETATM 1179 O O   . HOH B 2 .   ? -7.988  -12.279 5.072   1.00 21.54 ? 162 HOH A O   1 
HETATM 1180 O O   . HOH B 2 .   ? -0.597  -9.964  -2.784  1.00 22.92 ? 163 HOH A O   1 
HETATM 1181 O O   . HOH B 2 .   ? 12.507  -13.709 -12.225 1.00 23.64 ? 164 HOH A O   1 
HETATM 1182 O O   . HOH B 2 .   ? -11.890 9.804   -2.238  1.00 22.70 ? 165 HOH A O   1 
HETATM 1183 O O   . HOH B 2 .   ? 16.550  -0.128  -15.832 1.00 21.76 ? 166 HOH A O   1 
HETATM 1184 O O   . HOH B 2 .   ? -11.443 -0.447  15.446  1.00 26.71 ? 167 HOH A O   1 
HETATM 1185 O O   . HOH B 2 .   ? 9.326   -16.021 -18.272 1.00 24.80 ? 168 HOH A O   1 
HETATM 1186 O O   . HOH B 2 .   ? 1.513   -11.880 -0.620  1.00 24.32 ? 169 HOH A O   1 
HETATM 1187 O O   . HOH B 2 .   ? -8.898  17.744  11.570  1.00 26.23 ? 170 HOH A O   1 
HETATM 1188 O O   . HOH B 2 .   ? -8.774  -0.331  15.972  1.00 24.25 ? 171 HOH A O   1 
HETATM 1189 O O   . HOH B 2 .   ? -9.158  -9.876  0.463   1.00 24.19 ? 172 HOH A O   1 
HETATM 1190 O O   . HOH B 2 .   ? -7.742  17.512  6.156   1.00 25.86 ? 173 HOH A O   1 
HETATM 1191 O O   . HOH B 2 .   ? 11.321  -5.728  -26.429 1.00 26.07 ? 174 HOH A O   1 
HETATM 1192 O O   . HOH B 2 .   ? 5.787   5.941   -6.022  1.00 28.46 ? 175 HOH A O   1 
HETATM 1193 O O   . HOH B 2 .   ? -5.359  12.244  15.334  1.00 25.28 ? 176 HOH A O   1 
HETATM 1194 O O   . HOH B 2 .   ? -19.203 -1.308  -0.433  1.00 28.56 ? 177 HOH A O   1 
HETATM 1195 O O   . HOH B 2 .   ? -3.714  -12.738 -7.888  1.00 27.75 ? 178 HOH A O   1 
HETATM 1196 O O   . HOH B 2 .   ? 0.774   9.397   17.286  1.00 32.24 ? 179 HOH A O   1 
HETATM 1197 O O   . HOH B 2 .   ? 9.992   -7.182  4.877   1.00 24.66 ? 180 HOH A O   1 
HETATM 1198 O O   . HOH B 2 .   ? -10.265 -6.903  -7.028  1.00 33.81 ? 181 HOH A O   1 
HETATM 1199 O O   . HOH B 2 .   ? 5.965   1.500   8.041   1.00 24.68 ? 182 HOH A O   1 
HETATM 1200 O O   . HOH B 2 .   ? -1.308  -1.256  -19.037 1.00 25.45 ? 183 HOH A O   1 
HETATM 1201 O O   . HOH B 2 .   ? 6.844   -11.790 -24.366 1.00 43.95 ? 184 HOH A O   1 
HETATM 1202 O O   . HOH B 2 .   ? 12.309  1.307   -17.000 1.00 29.83 ? 185 HOH A O   1 
HETATM 1203 O O   . HOH B 2 .   ? 13.256  9.081   7.630   1.00 31.35 ? 186 HOH A O   1 
HETATM 1204 O O   . HOH B 2 .   ? -6.180  14.747  3.191   1.00 26.89 ? 187 HOH A O   1 
HETATM 1205 O O   . HOH B 2 .   ? -7.960  -7.240  -8.168  1.00 23.95 ? 188 HOH A O   1 
HETATM 1206 O O   . HOH B 2 .   ? 11.193  -13.423 -9.868  1.00 23.74 ? 189 HOH A O   1 
HETATM 1207 O O   . HOH B 2 .   ? 10.996  3.480   1.564   1.00 27.58 ? 190 HOH A O   1 
HETATM 1208 O O   . HOH B 2 .   ? 3.459   -1.753  -23.590 1.00 30.51 ? 191 HOH A O   1 
HETATM 1209 O O   . HOH B 2 .   ? 0.171   3.594   -14.542 1.00 29.57 ? 192 HOH A O   1 
HETATM 1210 O O   . HOH B 2 .   ? 6.082   -8.341  4.497   1.00 30.52 ? 193 HOH A O   1 
HETATM 1211 O O   . HOH B 2 .   ? -16.571 -4.980  9.544   1.00 24.95 ? 194 HOH A O   1 
HETATM 1212 O O   . HOH B 2 .   ? -0.855  -11.308 0.890   1.00 26.42 ? 195 HOH A O   1 
HETATM 1213 O O   . HOH B 2 .   ? 2.521   21.536  6.849   1.00 26.39 ? 196 HOH A O   1 
HETATM 1214 O O   . HOH B 2 .   ? 1.338   9.062   -2.104  1.00 37.51 ? 197 HOH A O   1 
HETATM 1215 O O   . HOH B 2 .   ? 9.455   5.173   -3.514  1.00 37.11 ? 198 HOH A O   1 
HETATM 1216 O O   . HOH B 2 .   ? -3.557  18.118  14.677  1.00 28.22 ? 199 HOH A O   1 
HETATM 1217 O O   . HOH B 2 .   ? 10.008  3.353   -14.444 1.00 28.35 ? 200 HOH A O   1 
HETATM 1218 O O   . HOH B 2 .   ? -5.300  -1.409  -12.769 1.00 28.66 ? 201 HOH A O   1 
HETATM 1219 O O   . HOH B 2 .   ? -4.354  -12.165 0.398   1.00 29.30 ? 202 HOH A O   1 
HETATM 1220 O O   . HOH B 2 .   ? -1.177  2.746   16.463  1.00 34.56 ? 203 HOH A O   1 
HETATM 1221 O O   . HOH B 2 .   ? -13.759 2.458   15.133  1.00 28.11 ? 204 HOH A O   1 
HETATM 1222 O O   . HOH B 2 .   ? 9.360   0.928   1.480   1.00 31.04 ? 205 HOH A O   1 
HETATM 1223 O O   . HOH B 2 .   ? 11.089  -1.395  1.170   1.00 35.13 ? 206 HOH A O   1 
HETATM 1224 O O   . HOH B 2 .   ? 22.041  -4.444  -10.768 1.00 27.13 ? 207 HOH A O   1 
HETATM 1225 O O   . HOH B 2 .   ? 6.447   5.984   -9.904  1.00 31.53 ? 208 HOH A O   1 
HETATM 1226 O O   . HOH B 2 .   ? 23.145  -8.183  -9.885  1.00 34.46 ? 209 HOH A O   1 
HETATM 1227 O O   . HOH B 2 .   ? -0.626  -2.478  -21.785 1.00 35.61 ? 210 HOH A O   1 
HETATM 1228 O O   . HOH B 2 .   ? 13.692  -4.938  -5.115  1.00 35.78 ? 211 HOH A O   1 
HETATM 1229 O O   . HOH B 2 .   ? 5.910   0.827   -20.101 1.00 38.45 ? 212 HOH A O   1 
HETATM 1230 O O   . HOH B 2 .   ? 5.820   -0.457  6.244   1.00 28.33 ? 213 HOH A O   1 
HETATM 1231 O O   . HOH B 2 .   ? -9.760  10.549  15.675  1.00 24.65 ? 214 HOH A O   1 
HETATM 1232 O O   . HOH B 2 .   ? -7.220  -5.380  -10.387 1.00 35.47 ? 215 HOH A O   1 
HETATM 1233 O O   . HOH B 2 .   ? 0.365   -12.749 -13.804 1.00 31.95 ? 216 HOH A O   1 
HETATM 1234 O O   . HOH B 2 .   ? -14.640 -2.077  -1.404  1.00 24.39 ? 217 HOH A O   1 
HETATM 1235 O O   . HOH B 2 .   ? -2.836  -6.676  -15.859 1.00 31.39 ? 218 HOH A O   1 
HETATM 1236 O O   . HOH B 2 .   ? -4.546  -12.768 2.887   1.00 38.06 ? 219 HOH A O   1 
HETATM 1237 O O   . HOH B 2 .   ? 5.192   10.873  0.713   1.00 29.43 ? 220 HOH A O   1 
HETATM 1238 O O   . HOH B 2 .   ? 8.604   -14.780 -9.406  1.00 35.20 ? 221 HOH A O   1 
HETATM 1239 O O   . HOH B 2 .   ? 0.035   21.152  4.978   1.00 37.87 ? 222 HOH A O   1 
HETATM 1240 O O   . HOH B 2 .   ? -7.991  1.529   19.756  1.00 41.35 ? 223 HOH A O   1 
HETATM 1241 O O   . HOH B 2 .   ? 21.011  -9.652  -11.254 1.00 29.00 ? 224 HOH A O   1 
HETATM 1242 O O   . HOH B 2 .   ? 9.202   -8.531  6.927   1.00 35.96 ? 225 HOH A O   1 
HETATM 1243 O O   . HOH B 2 .   ? 6.918   3.356   6.272   1.00 28.97 ? 226 HOH A O   1 
HETATM 1244 O O   . HOH B 2 .   ? 7.997   -3.095  -27.429 1.00 36.23 ? 227 HOH A O   1 
HETATM 1245 O O   . HOH B 2 .   ? 5.468   -15.483 -12.583 1.00 35.01 ? 228 HOH A O   1 
HETATM 1246 O O   . HOH B 2 .   ? -3.842  -7.273  12.756  1.00 32.11 ? 229 HOH A O   1 
HETATM 1247 O O   . HOH B 2 .   ? 9.336   6.223   -9.956  1.00 33.16 ? 230 HOH A O   1 
HETATM 1248 O O   . HOH B 2 .   ? 4.513   16.630  -1.778  1.00 24.84 ? 231 HOH A O   1 
HETATM 1249 O O   . HOH B 2 .   ? -1.995  -12.739 2.519   1.00 30.42 ? 232 HOH A O   1 
HETATM 1250 O O   . HOH B 2 .   ? 11.289  14.896  -0.715  1.00 26.98 ? 233 HOH A O   1 
HETATM 1251 O O   . HOH B 2 .   ? -13.152 -9.146  4.266   0.50 15.30 ? 234 HOH A O   1 
HETATM 1252 O O   . HOH B 2 .   ? -15.374 -6.836  16.694  1.00 25.53 ? 235 HOH A O   1 
HETATM 1253 O O   . HOH B 2 .   ? 7.293   -9.735  -21.994 1.00 19.98 ? 236 HOH A O   1 
HETATM 1254 O O   . HOH B 2 .   ? -13.403 -5.236  15.322  0.50 26.63 ? 237 HOH A O   1 
HETATM 1255 O O   . HOH B 2 .   ? -2.110  8.665   -7.042  1.00 33.63 ? 238 HOH A O   1 
HETATM 1256 O O   . HOH B 2 .   ? -7.658  20.117  13.533  1.00 32.84 ? 239 HOH A O   1 
HETATM 1257 O O   . HOH B 2 .   ? 1.939   5.632   -10.359 1.00 28.67 ? 240 HOH A O   1 
HETATM 1258 O O   . HOH B 2 .   ? -9.657  0.140   -2.738  1.00 36.22 ? 241 HOH A O   1 
HETATM 1259 O O   . HOH B 2 .   ? -10.531 4.887   -3.480  1.00 37.45 ? 242 HOH A O   1 
HETATM 1260 O O   . HOH B 2 .   ? -9.644  17.471  7.784   1.00 34.89 ? 243 HOH A O   1 
HETATM 1261 O O   . HOH B 2 .   ? 4.223   10.068  18.783  1.00 38.18 ? 244 HOH A O   1 
HETATM 1262 O O   . HOH B 2 .   ? -7.528  -2.841  -10.933 1.00 35.08 ? 245 HOH A O   1 
HETATM 1263 O O   . HOH B 2 .   ? 13.540  4.519   9.663   1.00 35.92 ? 246 HOH A O   1 
HETATM 1264 O O   . HOH B 2 .   ? -12.541 17.513  7.289   1.00 31.35 ? 247 HOH A O   1 
HETATM 1265 O O   . HOH B 2 .   ? 3.110   24.015  7.111   1.00 33.76 ? 248 HOH A O   1 
HETATM 1266 O O   . HOH B 2 .   ? -10.069 -10.062 -1.793  1.00 32.20 ? 249 HOH A O   1 
HETATM 1267 O O   . HOH B 2 .   ? -16.725 -7.307  -0.361  1.00 38.88 ? 250 HOH A O   1 
HETATM 1268 O O   . HOH B 2 .   ? 7.978   0.607   4.545   1.00 38.21 ? 251 HOH A O   1 
HETATM 1269 O O   . HOH B 2 .   ? 4.147   -13.888 -6.292  1.00 34.20 ? 252 HOH A O   1 
HETATM 1270 O O   . HOH B 2 .   ? -19.281 0.118   -2.840  1.00 33.40 ? 253 HOH A O   1 
# 
